data_9OQQ
#
_entry.id   9OQQ
#
loop_
_entity.id
_entity.type
_entity.pdbx_description
1 polymer 'Pannexin-1,RNA-directed RNA polymerase L chimera'
2 non-polymer 2-acetamido-2-deoxy-beta-D-glucopyranose
#
_entity_poly.entity_id   1
_entity_poly.type   'polypeptide(L)'
_entity_poly.pdbx_seq_one_letter_code
;MAIAQLATEYVFSDFLLKEPTEPKFKGLRLELAVDKMVTCIAVGLPLLLISLAFAQEISIGTQISCFSPSSFSARQAAFV
DSYCWAAVQQKNSLQSESGNLPLWLHKFFPYILLLFAILLYLPPLFWRFAAAPHICSDLKFIMEELDKVYNRAIKAAKSA
RDLDMRDGACSVPGVTENLGQSLWEVSESHFKYPIVEQYLKTKKNSNNLIIKYISCRLLTLIIILLACIYLGYYFSLSSL
SDEFVCSIKSGILRNDSTVPDQFQCKLIAVGIFQLLSVINLVVYVLLAPVVVYTLFVPFRQKTDVLKVYEILPTFDVLHF
KSEGYNDLSLYNLFLEENISEVKSYKCLKVLENIKSSGQGIDPMLLLTNLGMIKMDVVDGKTPMSAEMREEQGNQTAELQ
GMNIDSETKANNGEKNARQRLLDSSCFESRLVPRGSAAAAVSKGEELFTGVVPILVELDGDVNGHKFSVSGEGEGDATYG
KLTLKFICTTGKLPVPWPTLVTTLTYGVQCFSRYPDHMKQHDFFKSAMPEGYVQERTIFFKDDGNYKTRAEVKFEGDTLV
NRIELKGIDFKEDGNILGHKLEYNYNSHNVYIMADKQKNGIKVNFKIRHNIEDGSVQLADHYQQNTPIGDGPVLLPDNHY
LSTQSKLSKDPNEKRDHMVLLEFVTAAGITLGMDELYKSGLRSHHHHHHHH
;
_entity_poly.pdbx_strand_id   A,B,C,D,E,F,G
#
# COMPACT_ATOMS: atom_id res chain seq x y z
N ALA A 2 13.18 1.08 13.57
CA ALA A 2 14.60 1.13 13.25
C ALA A 2 15.07 2.56 13.06
N ILE A 3 16.33 2.82 13.41
CA ILE A 3 16.91 4.15 13.24
C ILE A 3 16.85 4.60 11.80
N ALA A 4 17.22 3.72 10.87
CA ALA A 4 17.30 4.12 9.47
C ALA A 4 15.92 4.42 8.90
N GLN A 5 14.89 3.72 9.39
CA GLN A 5 13.54 4.02 8.94
C GLN A 5 13.12 5.42 9.35
N LEU A 6 13.39 5.80 10.60
CA LEU A 6 13.09 7.15 11.05
C LEU A 6 13.90 8.18 10.27
N ALA A 7 15.17 7.87 10.00
CA ALA A 7 15.99 8.75 9.19
C ALA A 7 15.35 9.01 7.84
N THR A 8 15.02 7.94 7.11
CA THR A 8 14.33 8.12 5.84
C THR A 8 13.08 8.98 6.01
N GLU A 9 12.19 8.57 6.92
CA GLU A 9 10.89 9.22 7.05
C GLU A 9 11.02 10.71 7.34
N TYR A 10 12.02 11.11 8.12
CA TYR A 10 12.04 12.48 8.62
C TYR A 10 13.10 13.38 8.02
N VAL A 11 14.08 12.86 7.29
CA VAL A 11 14.96 13.74 6.54
C VAL A 11 14.96 13.37 5.06
N PHE A 12 15.01 12.07 4.76
CA PHE A 12 15.20 11.68 3.36
C PHE A 12 13.88 11.63 2.61
N SER A 13 12.78 11.36 3.31
CA SER A 13 11.48 11.48 2.70
C SER A 13 11.11 12.96 2.57
N ASP A 14 10.07 13.21 1.76
CA ASP A 14 9.60 14.58 1.59
C ASP A 14 8.67 14.96 2.72
N PHE A 15 9.13 14.78 3.96
CA PHE A 15 8.30 15.11 5.11
C PHE A 15 8.14 16.62 5.22
N LEU A 16 6.88 17.06 5.25
CA LEU A 16 6.51 18.48 5.24
C LEU A 16 7.07 19.23 4.04
N LEU A 17 7.45 18.52 2.98
CA LEU A 17 7.82 19.12 1.72
C LEU A 17 6.79 18.83 0.63
N LYS A 18 5.66 18.24 1.00
CA LYS A 18 4.64 17.91 0.02
C LYS A 18 4.01 19.17 -0.55
N GLU A 19 4.00 19.27 -1.88
CA GLU A 19 3.27 20.33 -2.55
C GLU A 19 1.78 20.18 -2.29
N PRO A 20 1.04 21.29 -2.27
CA PRO A 20 -0.40 21.21 -2.02
C PRO A 20 -1.09 20.34 -3.07
N THR A 21 -1.64 19.22 -2.61
CA THR A 21 -2.29 18.28 -3.51
C THR A 21 -3.64 18.82 -3.96
N GLU A 22 -3.60 19.74 -4.91
CA GLU A 22 -4.80 20.40 -5.43
C GLU A 22 -4.45 21.14 -6.71
N PRO A 23 -5.36 21.19 -7.68
CA PRO A 23 -5.08 21.93 -8.94
C PRO A 23 -5.25 23.45 -8.83
N LYS A 24 -5.60 23.98 -7.65
CA LYS A 24 -5.70 25.43 -7.49
C LYS A 24 -4.33 26.08 -7.55
N PHE A 25 -3.37 25.52 -6.84
CA PHE A 25 -1.99 25.99 -6.86
C PHE A 25 -1.14 24.92 -7.56
N LYS A 26 -0.82 25.17 -8.83
CA LYS A 26 -0.07 24.22 -9.66
C LYS A 26 1.34 24.75 -9.84
N GLY A 27 2.29 24.15 -9.12
CA GLY A 27 3.67 24.60 -9.16
C GLY A 27 3.95 25.86 -8.39
N LEU A 28 2.93 26.51 -7.83
CA LEU A 28 3.13 27.70 -7.02
C LEU A 28 3.58 27.26 -5.64
N ARG A 29 4.64 27.90 -5.12
CA ARG A 29 5.22 27.45 -3.86
C ARG A 29 4.37 27.88 -2.67
N LEU A 30 4.03 29.16 -2.59
CA LEU A 30 3.21 29.75 -1.54
C LEU A 30 3.88 29.72 -0.18
N GLU A 31 5.09 29.17 -0.08
CA GLU A 31 5.89 29.20 1.14
C GLU A 31 7.34 29.37 0.74
N LEU A 32 7.95 30.47 1.19
CA LEU A 32 9.32 30.76 0.81
C LEU A 32 10.24 29.62 1.24
N ALA A 33 11.25 29.36 0.40
CA ALA A 33 12.13 28.22 0.62
C ALA A 33 12.74 28.26 2.02
N VAL A 34 13.15 29.44 2.48
CA VAL A 34 13.71 29.54 3.82
C VAL A 34 12.64 29.26 4.86
N ASP A 35 11.40 29.70 4.61
CA ASP A 35 10.32 29.39 5.54
C ASP A 35 9.96 27.92 5.51
N LYS A 36 9.95 27.31 4.33
CA LYS A 36 9.68 25.88 4.25
C LYS A 36 10.73 25.08 4.99
N MET A 37 12.01 25.46 4.86
CA MET A 37 13.05 24.71 5.55
C MET A 37 13.03 24.98 7.05
N VAL A 38 12.71 26.20 7.47
CA VAL A 38 12.58 26.47 8.90
C VAL A 38 11.46 25.65 9.50
N THR A 39 10.32 25.58 8.81
CA THR A 39 9.23 24.74 9.29
C THR A 39 9.63 23.27 9.34
N CYS A 40 10.24 22.78 8.26
CA CYS A 40 10.65 21.39 8.21
C CYS A 40 11.58 21.05 9.37
N ILE A 41 12.58 21.89 9.61
CA ILE A 41 13.50 21.64 10.71
C ILE A 41 12.77 21.71 12.05
N ALA A 42 12.15 22.86 12.34
CA ALA A 42 11.57 23.09 13.66
C ALA A 42 10.47 22.09 13.99
N VAL A 43 9.91 21.42 12.98
CA VAL A 43 8.84 20.47 13.25
C VAL A 43 9.38 19.04 13.25
N GLY A 44 10.18 18.69 12.24
CA GLY A 44 10.63 17.31 12.13
C GLY A 44 11.72 16.96 13.11
N LEU A 45 12.52 17.96 13.53
CA LEU A 45 13.59 17.67 14.48
C LEU A 45 13.06 17.19 15.82
N PRO A 46 12.08 17.84 16.45
CA PRO A 46 11.54 17.26 17.69
C PRO A 46 10.88 15.91 17.45
N LEU A 47 10.25 15.71 16.30
CA LEU A 47 9.64 14.41 16.02
C LEU A 47 10.71 13.35 15.81
N LEU A 48 11.75 13.70 15.05
CA LEU A 48 12.87 12.77 14.76
C LEU A 48 13.58 12.42 16.07
N LEU A 49 13.67 13.40 16.98
CA LEU A 49 14.33 13.22 18.30
C LEU A 49 13.46 12.31 19.16
N ILE A 50 12.15 12.55 19.20
CA ILE A 50 11.25 11.66 19.94
C ILE A 50 11.40 10.24 19.45
N SER A 51 11.37 10.04 18.13
CA SER A 51 11.47 8.69 17.59
C SER A 51 12.81 8.05 17.89
N LEU A 52 13.85 8.88 17.96
CA LEU A 52 15.20 8.36 18.29
C LEU A 52 15.20 7.95 19.75
N ALA A 53 14.67 8.78 20.66
CA ALA A 53 14.79 8.56 22.09
C ALA A 53 14.25 7.21 22.51
N PHE A 54 13.46 6.56 21.65
CA PHE A 54 12.91 5.25 21.93
C PHE A 54 13.18 4.26 20.81
N ALA A 55 14.21 4.50 20.01
CA ALA A 55 14.67 3.51 19.06
C ALA A 55 14.93 2.19 19.79
N GLN A 56 14.53 1.09 19.16
CA GLN A 56 14.53 -0.18 19.87
C GLN A 56 15.93 -0.59 20.33
N GLU A 57 16.96 0.00 19.73
CA GLU A 57 18.33 -0.39 20.11
C GLU A 57 18.92 0.57 21.14
N ILE A 58 18.32 1.73 21.32
CA ILE A 58 18.78 2.63 22.37
C ILE A 58 18.00 2.39 23.65
N SER A 59 16.75 1.96 23.53
CA SER A 59 15.94 1.61 24.69
C SER A 59 16.37 0.24 25.21
N ILE A 60 16.69 0.17 26.50
CA ILE A 60 17.03 -1.12 27.09
C ILE A 60 15.77 -1.90 27.43
N GLY A 61 14.67 -1.20 27.67
CA GLY A 61 13.45 -1.84 28.11
C GLY A 61 12.45 -0.83 28.64
N THR A 62 11.97 -1.05 29.86
CA THR A 62 11.04 -0.13 30.47
C THR A 62 11.68 1.24 30.66
N GLN A 63 10.84 2.25 30.91
CA GLN A 63 11.35 3.59 31.09
C GLN A 63 11.74 3.85 32.54
N ILE A 64 11.34 2.96 33.45
CA ILE A 64 11.63 3.10 34.87
C ILE A 64 11.98 1.73 35.43
N SER A 65 12.89 1.71 36.40
CA SER A 65 13.26 0.50 37.13
C SER A 65 13.47 0.89 38.58
N CYS A 66 13.00 0.04 39.50
CA CYS A 66 12.86 0.47 40.88
C CYS A 66 13.62 -0.37 41.90
N PHE A 67 14.16 -1.52 41.53
CA PHE A 67 14.94 -2.34 42.45
C PHE A 67 14.18 -2.69 43.72
N SER A 68 13.14 -3.51 43.60
CA SER A 68 12.46 -4.08 44.74
C SER A 68 13.41 -5.02 45.47
N PRO A 69 13.13 -5.37 46.72
CA PRO A 69 13.97 -6.34 47.43
C PRO A 69 13.95 -7.70 46.76
N SER A 70 14.89 -8.55 47.17
CA SER A 70 14.99 -9.88 46.58
C SER A 70 13.80 -10.75 46.98
N SER A 71 13.22 -10.49 48.15
CA SER A 71 12.09 -11.29 48.61
C SER A 71 10.85 -11.03 47.76
N PHE A 72 10.76 -9.85 47.16
CA PHE A 72 9.61 -9.53 46.33
C PHE A 72 9.52 -10.47 45.13
N SER A 73 8.29 -10.86 44.78
CA SER A 73 8.08 -11.71 43.58
C SER A 73 8.23 -10.84 42.33
N ALA A 74 8.28 -11.46 41.15
CA ALA A 74 8.44 -10.70 39.89
C ALA A 74 7.22 -9.78 39.70
N ARG A 75 6.02 -10.27 39.99
CA ARG A 75 4.79 -9.44 39.90
C ARG A 75 4.82 -8.33 40.95
N GLN A 76 5.31 -8.61 42.16
CA GLN A 76 5.42 -7.56 43.21
C GLN A 76 6.40 -6.49 42.73
N ALA A 77 7.51 -6.91 42.09
CA ALA A 77 8.48 -5.94 41.53
C ALA A 77 7.79 -5.11 40.43
N ALA A 78 6.99 -5.76 39.59
CA ALA A 78 6.27 -5.05 38.51
C ALA A 78 5.32 -4.02 39.12
N PHE A 79 4.68 -4.36 40.24
CA PHE A 79 3.81 -3.39 40.89
C PHE A 79 4.59 -2.19 41.38
N VAL A 80 5.76 -2.43 41.97
CA VAL A 80 6.56 -1.31 42.46
C VAL A 80 6.95 -0.40 41.30
N ASP A 81 7.43 -1.00 40.21
CA ASP A 81 7.81 -0.21 39.05
C ASP A 81 6.65 0.63 38.53
N SER A 82 5.50 -0.01 38.29
CA SER A 82 4.37 0.71 37.72
C SER A 82 3.82 1.75 38.69
N TYR A 83 3.81 1.42 39.98
CA TYR A 83 3.34 2.38 40.98
C TYR A 83 4.21 3.61 40.99
N CYS A 84 5.53 3.45 40.98
CA CYS A 84 6.40 4.62 41.04
C CYS A 84 6.32 5.40 39.75
N TRP A 85 6.20 4.71 38.62
CA TRP A 85 5.96 5.39 37.35
C TRP A 85 4.73 6.28 37.42
N ALA A 86 3.64 5.76 37.97
CA ALA A 86 2.43 6.56 38.10
C ALA A 86 2.55 7.55 39.24
N ALA A 87 3.52 7.35 40.12
CA ALA A 87 3.67 8.14 41.33
C ALA A 87 4.64 9.30 41.17
N VAL A 88 5.30 9.43 40.02
CA VAL A 88 6.07 10.65 39.78
C VAL A 88 5.14 11.86 39.81
N GLN A 89 3.84 11.65 39.62
CA GLN A 89 2.89 12.76 39.72
C GLN A 89 2.51 13.05 41.17
N GLN A 90 2.07 12.03 41.90
CA GLN A 90 1.66 12.20 43.29
C GLN A 90 2.87 12.60 44.11
N LYS A 91 2.91 13.87 44.53
CA LYS A 91 4.12 14.41 45.15
C LYS A 91 4.36 13.83 46.53
N ASN A 92 3.30 13.30 47.17
CA ASN A 92 3.45 12.80 48.52
C ASN A 92 4.25 11.51 48.55
N SER A 93 4.14 10.69 47.51
CA SER A 93 4.75 9.36 47.53
C SER A 93 6.26 9.42 47.34
N LEU A 94 6.73 10.22 46.38
CA LEU A 94 8.13 10.21 45.98
C LEU A 94 8.88 11.36 46.63
N GLN A 95 10.12 11.10 47.01
CA GLN A 95 11.01 12.10 47.57
C GLN A 95 12.26 12.17 46.69
N SER A 96 12.45 13.30 46.02
CA SER A 96 13.58 13.50 45.13
C SER A 96 14.36 14.73 45.55
N GLU A 97 15.69 14.64 45.44
CA GLU A 97 16.54 15.76 45.83
C GLU A 97 16.32 16.98 44.94
N SER A 98 16.15 16.77 43.63
CA SER A 98 15.98 17.90 42.72
C SER A 98 14.58 18.48 42.79
N GLY A 99 13.58 17.64 43.05
CA GLY A 99 12.20 18.07 43.12
C GLY A 99 11.30 17.23 42.23
N ASN A 100 10.00 17.54 42.33
CA ASN A 100 9.03 16.78 41.55
C ASN A 100 8.94 17.29 40.11
N LEU A 101 9.28 18.56 39.90
CA LEU A 101 9.27 19.11 38.55
C LEU A 101 10.21 18.39 37.61
N PRO A 102 11.46 18.08 37.99
CA PRO A 102 12.29 17.26 37.09
C PRO A 102 11.68 15.92 36.78
N LEU A 103 10.99 15.32 37.75
CA LEU A 103 10.35 14.03 37.51
C LEU A 103 9.25 14.15 36.48
N TRP A 104 8.39 15.16 36.64
CA TRP A 104 7.37 15.43 35.63
C TRP A 104 8.00 15.62 34.26
N LEU A 105 9.07 16.40 34.18
CA LEU A 105 9.68 16.69 32.89
C LEU A 105 10.32 15.43 32.30
N HIS A 106 10.82 14.53 33.14
CA HIS A 106 11.44 13.31 32.64
C HIS A 106 10.40 12.34 32.13
N LYS A 107 9.26 12.24 32.81
CA LYS A 107 8.23 11.33 32.36
C LYS A 107 7.60 11.82 31.06
N PHE A 108 7.32 13.12 30.97
CA PHE A 108 6.55 13.69 29.87
C PHE A 108 7.43 14.43 28.86
N PHE A 109 8.71 14.11 28.79
CA PHE A 109 9.57 14.71 27.78
C PHE A 109 9.08 14.46 26.35
N PRO A 110 8.68 13.25 25.95
CA PRO A 110 8.15 13.08 24.60
C PRO A 110 6.91 13.93 24.34
N TYR A 111 6.03 14.04 25.33
CA TYR A 111 4.84 14.86 25.16
C TYR A 111 5.20 16.32 24.97
N ILE A 112 6.20 16.81 25.70
CA ILE A 112 6.58 18.20 25.58
C ILE A 112 7.22 18.47 24.23
N LEU A 113 8.04 17.54 23.75
CA LEU A 113 8.61 17.72 22.41
C LEU A 113 7.55 17.68 21.34
N LEU A 114 6.58 16.77 21.46
CA LEU A 114 5.48 16.76 20.49
C LEU A 114 4.66 18.03 20.56
N LEU A 115 4.48 18.57 21.76
CA LEU A 115 3.77 19.83 21.91
C LEU A 115 4.51 20.95 21.19
N PHE A 116 5.83 20.98 21.33
CA PHE A 116 6.61 22.00 20.63
C PHE A 116 6.53 21.81 19.12
N ALA A 117 6.56 20.56 18.66
CA ALA A 117 6.42 20.30 17.23
C ALA A 117 5.07 20.80 16.73
N ILE A 118 4.01 20.54 17.46
CA ILE A 118 2.68 20.96 17.04
C ILE A 118 2.57 22.49 17.03
N LEU A 119 3.01 23.14 18.11
CA LEU A 119 2.96 24.60 18.16
C LEU A 119 3.81 25.22 17.07
N LEU A 120 4.91 24.58 16.69
CA LEU A 120 5.74 25.13 15.63
C LEU A 120 5.12 24.86 14.26
N TYR A 121 4.30 23.82 14.15
CA TYR A 121 3.58 23.58 12.91
C TYR A 121 2.37 24.47 12.76
N LEU A 122 1.85 25.01 13.85
CA LEU A 122 0.64 25.82 13.78
C LEU A 122 0.78 27.09 12.93
N PRO A 123 1.81 27.91 13.07
CA PRO A 123 1.89 29.13 12.25
C PRO A 123 2.01 28.83 10.76
N PRO A 124 2.82 27.85 10.34
CA PRO A 124 2.80 27.50 8.91
C PRO A 124 1.44 27.03 8.44
N LEU A 125 0.68 26.34 9.30
CA LEU A 125 -0.66 25.91 8.92
C LEU A 125 -1.59 27.11 8.76
N PHE A 126 -1.51 28.06 9.69
CA PHE A 126 -2.32 29.27 9.58
C PHE A 126 -1.97 30.03 8.32
N TRP A 127 -0.68 30.06 7.95
CA TRP A 127 -0.31 30.72 6.71
C TRP A 127 -0.83 29.95 5.51
N ARG A 128 -0.78 28.63 5.54
CA ARG A 128 -1.20 27.83 4.41
C ARG A 128 -2.70 27.90 4.19
N PHE A 129 -3.47 28.19 5.25
CA PHE A 129 -4.91 28.20 5.11
C PHE A 129 -5.51 29.59 5.03
N ALA A 130 -4.99 30.55 5.79
CA ALA A 130 -5.60 31.88 5.85
C ALA A 130 -5.06 32.79 4.77
N ALA A 131 -3.74 32.77 4.55
CA ALA A 131 -3.11 33.73 3.67
C ALA A 131 -2.50 33.12 2.41
N ALA A 132 -2.40 31.80 2.31
CA ALA A 132 -1.81 31.21 1.11
C ALA A 132 -2.71 31.32 -0.11
N PRO A 133 -4.02 31.06 -0.03
CA PRO A 133 -4.84 31.21 -1.25
C PRO A 133 -4.93 32.64 -1.74
N HIS A 134 -5.00 33.60 -0.82
CA HIS A 134 -5.05 35.01 -1.22
C HIS A 134 -3.84 35.39 -2.05
N ILE A 135 -2.66 34.94 -1.63
CA ILE A 135 -1.45 35.26 -2.38
C ILE A 135 -1.35 34.37 -3.62
N CYS A 136 -1.93 33.18 -3.58
CA CYS A 136 -1.83 32.26 -4.70
C CYS A 136 -2.62 32.77 -5.89
N SER A 137 -3.87 33.20 -5.66
CA SER A 137 -4.67 33.75 -6.75
C SER A 137 -3.99 34.97 -7.36
N ASP A 138 -3.53 35.89 -6.51
CA ASP A 138 -2.88 37.10 -7.01
C ASP A 138 -1.61 36.77 -7.79
N LEU A 139 -0.82 35.83 -7.31
CA LEU A 139 0.43 35.50 -7.98
C LEU A 139 0.17 34.81 -9.31
N LYS A 140 -0.81 33.92 -9.35
CA LYS A 140 -1.16 33.27 -10.60
C LYS A 140 -1.67 34.30 -11.61
N PHE A 141 -2.45 35.26 -11.15
CA PHE A 141 -2.92 36.31 -12.04
C PHE A 141 -1.78 37.16 -12.55
N ILE A 142 -0.82 37.49 -11.68
CA ILE A 142 0.32 38.30 -12.10
C ILE A 142 1.16 37.56 -13.12
N MET A 143 1.39 36.26 -12.90
CA MET A 143 2.15 35.48 -13.87
C MET A 143 1.43 35.39 -15.20
N GLU A 144 0.11 35.16 -15.19
CA GLU A 144 -0.64 35.13 -16.43
C GLU A 144 -0.57 36.48 -17.16
N GLU A 145 -0.71 37.57 -16.42
CA GLU A 145 -0.65 38.89 -17.04
C GLU A 145 0.73 39.17 -17.61
N LEU A 146 1.78 38.70 -16.94
CA LEU A 146 3.13 38.90 -17.46
C LEU A 146 3.35 38.11 -18.74
N ASP A 147 2.89 36.85 -18.76
CA ASP A 147 2.97 36.08 -19.99
C ASP A 147 2.20 36.75 -21.11
N LYS A 148 1.03 37.30 -20.79
CA LYS A 148 0.21 37.95 -21.82
C LYS A 148 0.88 39.20 -22.35
N VAL A 149 1.45 40.02 -21.48
CA VAL A 149 2.12 41.24 -21.94
C VAL A 149 3.34 40.89 -22.77
N TYR A 150 4.05 39.82 -22.40
CA TYR A 150 5.18 39.37 -23.20
C TYR A 150 4.73 38.94 -24.59
N ASN A 151 3.67 38.13 -24.65
CA ASN A 151 3.15 37.70 -25.95
C ASN A 151 2.73 38.89 -26.79
N ARG A 152 2.04 39.86 -26.19
CA ARG A 152 1.60 41.02 -26.95
C ARG A 152 2.78 41.86 -27.43
N ALA A 153 3.82 41.98 -26.59
CA ALA A 153 4.99 42.75 -27.00
C ALA A 153 5.70 42.09 -28.17
N ILE A 154 5.84 40.77 -28.15
CA ILE A 154 6.53 40.11 -29.25
C ILE A 154 5.65 40.07 -30.49
N LYS A 155 4.33 40.05 -30.31
CA LYS A 155 3.43 40.13 -31.46
C LYS A 155 3.51 41.50 -32.13
N ALA A 156 3.57 42.56 -31.33
CA ALA A 156 3.76 43.89 -31.87
C ALA A 156 5.12 44.00 -32.56
N ALA A 157 6.15 43.42 -31.95
CA ALA A 157 7.48 43.43 -32.58
C ALA A 157 7.49 42.59 -33.84
N LYS A 158 6.80 41.45 -33.83
CA LYS A 158 6.74 40.61 -35.03
C LYS A 158 6.01 41.31 -36.16
N SER A 159 4.91 42.02 -35.84
CA SER A 159 4.20 42.77 -36.87
C SER A 159 5.06 43.90 -37.42
N ALA A 160 5.90 44.50 -36.57
CA ALA A 160 6.81 45.53 -37.05
C ALA A 160 7.87 44.94 -37.97
N ARG A 161 8.34 43.74 -37.66
CA ARG A 161 9.32 43.08 -38.53
C ARG A 161 8.70 42.72 -39.87
N ASP A 162 7.39 42.49 -39.89
CA ASP A 162 6.69 42.16 -41.13
C ASP A 162 6.40 43.42 -41.94
N PHE A 191 -6.05 50.07 -26.19
CA PHE A 191 -5.68 49.36 -24.96
C PHE A 191 -4.35 49.86 -24.42
N LYS A 192 -3.38 48.94 -24.34
CA LYS A 192 -2.03 49.26 -23.85
C LYS A 192 -2.08 49.85 -22.45
N TYR A 193 -2.68 49.12 -21.51
CA TYR A 193 -2.80 49.57 -20.14
C TYR A 193 -1.91 48.72 -19.24
N PRO A 194 -1.04 49.32 -18.44
CA PRO A 194 -0.22 48.52 -17.52
C PRO A 194 -1.04 48.00 -16.36
N ILE A 195 -1.80 46.93 -16.60
CA ILE A 195 -2.73 46.44 -15.60
C ILE A 195 -1.98 45.80 -14.43
N VAL A 196 -0.93 45.02 -14.72
CA VAL A 196 -0.21 44.36 -13.64
C VAL A 196 0.59 45.38 -12.84
N GLU A 197 1.10 46.41 -13.50
CA GLU A 197 1.80 47.47 -12.78
C GLU A 197 0.85 48.21 -11.84
N GLN A 198 -0.37 48.49 -12.31
CA GLN A 198 -1.35 49.14 -11.44
C GLN A 198 -1.76 48.22 -10.30
N TYR A 199 -1.87 46.92 -10.56
CA TYR A 199 -2.22 45.99 -9.50
C TYR A 199 -1.16 45.97 -8.41
N LEU A 200 0.12 45.95 -8.82
CA LEU A 200 1.20 45.97 -7.84
C LEU A 200 1.25 47.31 -7.10
N LYS A 201 1.00 48.41 -7.81
CA LYS A 201 0.89 49.70 -7.16
C LYS A 201 -0.20 49.67 -6.08
N THR A 202 -1.30 48.96 -6.35
CA THR A 202 -2.34 48.83 -5.35
C THR A 202 -1.87 47.98 -4.17
N LYS A 203 -1.20 46.87 -4.46
CA LYS A 203 -0.64 46.03 -3.40
C LYS A 203 0.29 46.82 -2.51
N LYS A 204 0.97 47.83 -3.06
CA LYS A 204 1.87 48.67 -2.29
C LYS A 204 1.16 49.37 -1.14
N ASN A 205 -0.17 49.44 -1.19
CA ASN A 205 -0.94 50.20 -0.20
C ASN A 205 -1.31 49.32 0.99
N SER A 206 -2.00 48.21 0.74
CA SER A 206 -2.49 47.37 1.83
C SER A 206 -1.35 46.56 2.42
N ASN A 207 -1.47 46.26 3.72
CA ASN A 207 -0.45 45.51 4.44
C ASN A 207 -1.03 44.33 5.21
N ASN A 208 -2.17 43.80 4.79
CA ASN A 208 -2.78 42.69 5.52
C ASN A 208 -1.94 41.42 5.40
N LEU A 209 -1.53 41.08 4.18
CA LEU A 209 -0.76 39.86 3.99
C LEU A 209 0.58 39.93 4.70
N ILE A 210 1.20 41.11 4.72
CA ILE A 210 2.53 41.21 5.31
C ILE A 210 2.44 41.14 6.83
N ILE A 211 1.37 41.67 7.43
CA ILE A 211 1.26 41.54 8.88
C ILE A 211 0.90 40.10 9.24
N LYS A 212 0.11 39.43 8.39
CA LYS A 212 -0.12 38.00 8.62
C LYS A 212 1.19 37.23 8.55
N TYR A 213 2.04 37.55 7.58
CA TYR A 213 3.31 36.84 7.41
C TYR A 213 4.24 37.09 8.58
N ILE A 214 4.45 38.35 8.96
CA ILE A 214 5.36 38.64 10.05
C ILE A 214 4.78 38.17 11.37
N SER A 215 3.44 38.04 11.45
CA SER A 215 2.85 37.51 12.67
C SER A 215 3.09 36.01 12.80
N CYS A 216 2.92 35.26 11.71
CA CYS A 216 3.22 33.84 11.79
C CYS A 216 4.70 33.62 12.04
N ARG A 217 5.57 34.43 11.42
CA ARG A 217 7.00 34.31 11.68
C ARG A 217 7.33 34.69 13.12
N LEU A 218 6.63 35.68 13.68
CA LEU A 218 6.92 36.10 15.04
C LEU A 218 6.46 35.06 16.05
N LEU A 219 5.31 34.42 15.80
CA LEU A 219 4.90 33.31 16.66
C LEU A 219 5.86 32.14 16.52
N THR A 220 6.35 31.87 15.32
CA THR A 220 7.35 30.82 15.16
C THR A 220 8.60 31.15 15.97
N LEU A 221 9.05 32.39 15.92
CA LEU A 221 10.24 32.77 16.69
C LEU A 221 9.97 32.69 18.19
N ILE A 222 8.80 33.11 18.64
CA ILE A 222 8.48 33.06 20.06
C ILE A 222 8.44 31.62 20.55
N ILE A 223 7.83 30.73 19.78
CA ILE A 223 7.75 29.33 20.18
C ILE A 223 9.13 28.69 20.12
N ILE A 224 9.95 29.08 19.14
CA ILE A 224 11.31 28.54 19.08
C ILE A 224 12.11 28.99 20.28
N LEU A 225 11.94 30.25 20.71
CA LEU A 225 12.68 30.73 21.86
C LEU A 225 12.19 30.08 23.15
N LEU A 226 10.88 29.86 23.27
CA LEU A 226 10.36 29.15 24.43
C LEU A 226 10.87 27.72 24.46
N ALA A 227 10.97 27.08 23.29
CA ALA A 227 11.52 25.73 23.22
C ALA A 227 13.00 25.73 23.59
N CYS A 228 13.75 26.73 23.13
CA CYS A 228 15.15 26.84 23.53
C CYS A 228 15.27 27.00 25.03
N ILE A 229 14.42 27.82 25.64
CA ILE A 229 14.47 28.02 27.08
C ILE A 229 14.17 26.71 27.80
N TYR A 230 13.11 26.02 27.39
CA TYR A 230 12.76 24.77 28.04
C TYR A 230 13.85 23.72 27.88
N LEU A 231 14.42 23.61 26.68
CA LEU A 231 15.43 22.58 26.43
C LEU A 231 16.72 22.91 27.16
N GLY A 232 17.07 24.19 27.25
CA GLY A 232 18.24 24.56 28.01
C GLY A 232 18.05 24.32 29.50
N TYR A 233 16.84 24.54 30.00
CA TYR A 233 16.57 24.20 31.39
C TYR A 233 16.64 22.69 31.60
N TYR A 234 15.97 21.93 30.75
CA TYR A 234 15.91 20.48 30.91
C TYR A 234 17.29 19.86 30.82
N PHE A 235 18.09 20.29 29.85
CA PHE A 235 19.47 19.81 29.75
C PHE A 235 20.29 20.22 30.95
N SER A 236 19.88 21.29 31.64
CA SER A 236 20.63 21.76 32.81
C SER A 236 20.31 20.95 34.06
N LEU A 237 19.38 20.00 33.98
CA LEU A 237 19.06 19.20 35.15
C LEU A 237 20.28 18.42 35.64
N SER A 238 20.24 18.03 36.92
CA SER A 238 21.43 17.53 37.59
C SER A 238 21.95 16.23 37.01
N SER A 239 21.17 15.57 36.16
CA SER A 239 21.45 14.27 35.54
C SER A 239 21.34 13.15 36.56
N LEU A 240 21.18 13.48 37.84
CA LEU A 240 20.79 12.53 38.86
C LEU A 240 19.36 12.74 39.31
N SER A 241 18.65 13.68 38.67
CA SER A 241 17.25 13.89 38.97
C SER A 241 16.39 12.75 38.42
N ASP A 242 16.97 11.88 37.61
CA ASP A 242 16.25 10.70 37.14
C ASP A 242 16.21 9.61 38.19
N GLU A 243 16.96 9.74 39.28
CA GLU A 243 16.90 8.82 40.40
C GLU A 243 16.06 9.44 41.49
N PHE A 244 14.92 8.82 41.78
CA PHE A 244 14.04 9.33 42.82
C PHE A 244 13.66 8.18 43.74
N VAL A 245 13.46 8.52 45.00
CA VAL A 245 13.06 7.55 46.00
C VAL A 245 11.53 7.50 46.02
N CYS A 246 10.99 6.29 45.95
CA CYS A 246 9.55 6.09 45.82
C CYS A 246 9.09 5.14 46.91
N SER A 247 7.91 5.40 47.45
CA SER A 247 7.39 4.66 48.58
C SER A 247 5.96 4.20 48.28
N ILE A 248 5.78 2.89 48.14
CA ILE A 248 4.44 2.36 47.92
C ILE A 248 3.80 2.07 49.27
N LYS A 249 3.32 3.12 49.94
CA LYS A 249 2.78 2.98 51.28
C LYS A 249 1.52 3.80 51.48
N SER A 250 0.73 4.01 50.43
CA SER A 250 -0.59 4.59 50.59
C SER A 250 -1.63 3.48 50.61
N GLY A 251 -2.78 3.78 51.21
CA GLY A 251 -3.82 2.78 51.31
C GLY A 251 -3.50 1.73 52.35
N ILE A 252 -3.95 0.50 52.08
CA ILE A 252 -3.75 -0.58 53.04
C ILE A 252 -2.29 -0.98 53.17
N LEU A 253 -1.44 -0.54 52.24
CA LEU A 253 -0.02 -0.87 52.34
C LEU A 253 0.68 0.03 53.34
N ARG A 254 -0.02 1.02 53.87
CA ARG A 254 0.63 2.05 54.70
C ARG A 254 1.31 1.43 55.91
N ASN A 255 0.57 0.65 56.69
CA ASN A 255 1.16 0.07 57.90
C ASN A 255 1.65 -1.34 57.66
N ASP A 256 1.65 -1.80 56.42
CA ASP A 256 2.20 -3.11 56.09
C ASP A 256 3.68 -3.15 56.43
N SER A 257 4.16 -4.34 56.78
CA SER A 257 5.54 -4.48 57.26
C SER A 257 6.45 -5.21 56.27
N THR A 258 5.92 -6.12 55.46
CA THR A 258 6.77 -6.86 54.53
C THR A 258 7.33 -5.96 53.44
N VAL A 259 6.60 -4.89 53.11
CA VAL A 259 7.01 -3.96 52.08
C VAL A 259 7.98 -2.94 52.69
N PRO A 260 9.13 -2.70 52.07
CA PRO A 260 10.09 -1.75 52.64
C PRO A 260 9.56 -0.32 52.56
N ASP A 261 10.21 0.55 53.33
CA ASP A 261 9.72 1.92 53.47
C ASP A 261 9.81 2.67 52.15
N GLN A 262 10.88 2.47 51.39
CA GLN A 262 11.09 3.24 50.17
C GLN A 262 11.94 2.44 49.19
N PHE A 263 11.73 2.73 47.92
CA PHE A 263 12.43 2.05 46.83
C PHE A 263 13.27 3.05 46.06
N GLN A 264 14.42 2.59 45.57
CA GLN A 264 15.29 3.43 44.76
C GLN A 264 14.95 3.20 43.30
N CYS A 265 14.18 4.11 42.73
CA CYS A 265 13.81 4.03 41.32
C CYS A 265 14.71 4.94 40.50
N LYS A 266 14.90 4.57 39.24
CA LYS A 266 15.66 5.38 38.29
C LYS A 266 14.90 5.43 36.98
N LEU A 267 14.78 6.63 36.42
CA LEU A 267 14.12 6.81 35.14
C LEU A 267 15.15 6.58 34.04
N ILE A 268 15.13 5.38 33.46
CA ILE A 268 15.99 5.10 32.32
C ILE A 268 15.63 6.03 31.18
N ALA A 269 16.55 6.19 30.24
CA ALA A 269 16.39 7.01 29.05
C ALA A 269 16.25 8.49 29.37
N VAL A 270 16.70 8.93 30.55
CA VAL A 270 16.74 10.36 30.81
C VAL A 270 18.04 10.95 30.30
N GLY A 271 19.14 10.19 30.38
CA GLY A 271 20.36 10.63 29.74
C GLY A 271 20.19 10.81 28.24
N ILE A 272 19.44 9.89 27.61
CA ILE A 272 19.13 10.05 26.20
C ILE A 272 18.27 11.29 25.98
N PHE A 273 17.34 11.55 26.88
CA PHE A 273 16.51 12.75 26.76
C PHE A 273 17.36 14.00 26.82
N GLN A 274 18.34 14.04 27.71
CA GLN A 274 19.16 15.25 27.84
C GLN A 274 20.09 15.39 26.64
N LEU A 275 20.68 14.29 26.19
CA LEU A 275 21.54 14.35 25.01
C LEU A 275 20.76 14.76 23.78
N LEU A 276 19.47 14.41 23.70
CA LEU A 276 18.69 14.84 22.55
C LEU A 276 18.18 16.26 22.74
N SER A 277 17.95 16.67 23.98
CA SER A 277 17.49 18.03 24.23
C SER A 277 18.58 19.04 23.91
N VAL A 278 19.84 18.68 24.15
CA VAL A 278 20.91 19.61 23.81
C VAL A 278 21.05 19.71 22.29
N ILE A 279 20.82 18.61 21.58
CA ILE A 279 20.84 18.67 20.12
C ILE A 279 19.72 19.56 19.60
N ASN A 280 18.51 19.36 20.13
CA ASN A 280 17.39 20.20 19.75
C ASN A 280 17.65 21.66 20.07
N LEU A 281 18.26 21.94 21.22
CA LEU A 281 18.56 23.32 21.60
C LEU A 281 19.59 23.93 20.67
N VAL A 282 20.61 23.18 20.29
CA VAL A 282 21.62 23.69 19.37
C VAL A 282 20.99 24.02 18.03
N VAL A 283 20.21 23.08 17.49
CA VAL A 283 19.57 23.32 16.20
C VAL A 283 18.61 24.49 16.28
N TYR A 284 17.94 24.66 17.42
CA TYR A 284 16.97 25.73 17.54
C TYR A 284 17.63 27.08 17.69
N VAL A 285 18.78 27.15 18.37
CA VAL A 285 19.47 28.43 18.47
C VAL A 285 20.23 28.73 17.19
N LEU A 286 20.42 27.72 16.34
CA LEU A 286 20.90 28.00 14.99
C LEU A 286 19.75 28.44 14.09
N LEU A 287 18.53 27.99 14.39
CA LEU A 287 17.38 28.31 13.56
C LEU A 287 16.82 29.68 13.88
N ALA A 288 16.92 30.10 15.14
CA ALA A 288 16.34 31.38 15.55
C ALA A 288 16.90 32.57 14.78
N PRO A 289 18.22 32.69 14.52
CA PRO A 289 18.68 33.79 13.67
C PRO A 289 18.09 33.75 12.28
N VAL A 290 17.84 32.56 11.74
CA VAL A 290 17.23 32.46 10.43
C VAL A 290 15.82 33.03 10.45
N VAL A 291 15.06 32.73 11.50
CA VAL A 291 13.71 33.27 11.60
C VAL A 291 13.76 34.78 11.80
N VAL A 292 14.69 35.25 12.61
CA VAL A 292 14.81 36.70 12.82
C VAL A 292 15.14 37.41 11.52
N TYR A 293 16.03 36.83 10.73
CA TYR A 293 16.34 37.42 9.42
C TYR A 293 15.14 37.38 8.50
N THR A 294 14.40 36.27 8.51
CA THR A 294 13.18 36.17 7.72
C THR A 294 12.19 37.26 8.12
N LEU A 295 12.20 37.66 9.38
CA LEU A 295 11.25 38.64 9.87
C LEU A 295 11.39 39.97 9.12
N PHE A 296 12.60 40.29 8.66
CA PHE A 296 12.84 41.54 7.93
C PHE A 296 12.59 41.30 6.43
N VAL A 297 11.31 41.33 6.08
CA VAL A 297 10.86 41.04 4.73
C VAL A 297 11.33 42.07 3.69
N PRO A 298 11.42 43.39 3.99
CA PRO A 298 11.86 44.32 2.94
C PRO A 298 13.31 44.11 2.58
N PHE A 299 14.14 43.87 3.60
CA PHE A 299 15.56 43.65 3.38
C PHE A 299 15.81 42.48 2.44
N ARG A 300 14.96 41.45 2.52
CA ARG A 300 15.14 40.29 1.66
C ARG A 300 14.65 40.52 0.23
N GLN A 301 13.79 41.52 0.02
CA GLN A 301 13.37 41.84 -1.34
C GLN A 301 14.54 42.42 -2.11
N LYS A 302 15.14 41.62 -2.98
CA LYS A 302 16.33 42.02 -3.70
C LYS A 302 16.28 41.41 -5.09
N THR A 303 17.21 41.85 -5.93
CA THR A 303 17.28 41.41 -7.33
C THR A 303 15.94 41.62 -8.02
N ASP A 304 15.56 42.90 -8.17
CA ASP A 304 14.25 43.30 -8.65
C ASP A 304 13.84 42.49 -9.87
N VAL A 305 12.81 41.65 -9.70
CA VAL A 305 12.48 40.64 -10.68
C VAL A 305 11.80 41.27 -11.89
N LEU A 306 10.98 42.29 -11.66
CA LEU A 306 10.28 42.93 -12.75
C LEU A 306 11.19 43.84 -13.57
N LYS A 307 12.38 44.14 -13.07
CA LYS A 307 13.32 44.98 -13.81
C LYS A 307 13.66 44.36 -15.16
N VAL A 308 13.59 43.04 -15.25
CA VAL A 308 13.88 42.37 -16.51
C VAL A 308 12.78 42.61 -17.53
N TYR A 309 11.57 42.93 -17.09
CA TYR A 309 10.46 43.19 -17.99
C TYR A 309 10.45 44.61 -18.53
N GLU A 310 11.34 45.47 -18.05
CA GLU A 310 11.28 46.89 -18.43
C GLU A 310 11.73 47.09 -19.87
N ILE A 311 12.25 46.04 -20.50
CA ILE A 311 12.79 46.16 -21.86
C ILE A 311 11.71 45.82 -22.87
N LEU A 312 10.47 45.73 -22.43
CA LEU A 312 9.35 45.44 -23.32
C LEU A 312 8.62 46.74 -23.65
N PRO A 313 8.27 46.96 -24.92
CA PRO A 313 7.49 48.16 -25.24
C PRO A 313 6.10 48.15 -24.64
N THR A 314 5.44 46.99 -24.63
CA THR A 314 4.10 46.86 -24.07
C THR A 314 4.09 46.91 -22.55
N PHE A 315 5.23 47.16 -21.93
CA PHE A 315 5.36 47.24 -20.48
C PHE A 315 5.97 48.58 -20.10
N ASP A 316 5.31 49.29 -19.19
CA ASP A 316 5.79 50.59 -18.77
C ASP A 316 7.16 50.46 -18.10
N VAL A 317 7.97 51.51 -18.21
CA VAL A 317 9.30 51.48 -17.63
C VAL A 317 9.21 51.93 -16.18
N LEU A 318 8.88 51.00 -15.29
CA LEU A 318 8.72 51.29 -13.88
C LEU A 318 8.78 49.99 -13.09
N HIS A 319 9.77 49.89 -12.18
CA HIS A 319 9.77 48.79 -11.23
C HIS A 319 8.78 49.04 -10.11
N PHE A 320 8.99 50.11 -9.34
CA PHE A 320 8.06 50.55 -8.31
C PHE A 320 7.75 49.43 -7.31
N LYS A 321 8.79 48.78 -6.82
CA LYS A 321 8.61 47.70 -5.85
C LYS A 321 9.80 47.67 -4.90
N SER A 322 9.64 48.35 -3.76
CA SER A 322 10.67 48.42 -2.73
C SER A 322 10.22 49.23 -1.53
N GLU A 323 10.99 49.17 -0.44
CA GLU A 323 10.92 50.10 0.69
C GLU A 323 9.57 50.16 1.37
N GLY A 324 9.12 49.09 2.01
CA GLY A 324 7.89 49.19 2.78
C GLY A 324 7.58 47.92 3.54
N TYR A 325 6.93 48.10 4.69
CA TYR A 325 6.30 47.03 5.45
C TYR A 325 4.89 46.87 4.90
N ASN A 326 4.79 46.57 3.61
CA ASN A 326 3.51 46.47 2.93
C ASN A 326 3.50 45.21 2.08
N ASP A 327 2.30 44.81 1.67
CA ASP A 327 2.13 43.53 0.98
C ASP A 327 2.93 43.48 -0.31
N LEU A 328 3.36 44.64 -0.82
CA LEU A 328 4.13 44.64 -2.06
C LEU A 328 5.47 43.93 -1.89
N SER A 329 6.12 44.11 -0.75
CA SER A 329 7.39 43.44 -0.52
C SER A 329 7.21 41.93 -0.42
N LEU A 330 6.15 41.50 0.26
CA LEU A 330 5.84 40.08 0.33
C LEU A 330 5.58 39.51 -1.05
N TYR A 331 4.83 40.24 -1.88
CA TYR A 331 4.57 39.79 -3.24
C TYR A 331 5.86 39.77 -4.05
N ASN A 332 6.77 40.70 -3.76
CA ASN A 332 8.07 40.68 -4.43
C ASN A 332 8.84 39.42 -4.09
N LEU A 333 8.83 39.03 -2.82
CA LEU A 333 9.49 37.79 -2.43
C LEU A 333 8.87 36.59 -3.12
N PHE A 334 7.54 36.50 -3.11
CA PHE A 334 6.88 35.34 -3.70
C PHE A 334 7.06 35.33 -5.22
N LEU A 335 7.15 36.50 -5.84
CA LEU A 335 7.44 36.56 -7.26
C LEU A 335 8.87 36.13 -7.55
N GLU A 336 9.82 36.58 -6.73
CA GLU A 336 11.19 36.15 -6.89
C GLU A 336 11.30 34.64 -6.75
N GLU A 337 10.45 34.04 -5.94
CA GLU A 337 10.51 32.59 -5.78
C GLU A 337 9.86 31.88 -6.97
N ASN A 338 8.60 32.19 -7.27
CA ASN A 338 7.82 31.45 -8.26
C ASN A 338 8.00 31.96 -9.68
N ILE A 339 8.92 32.90 -9.91
CA ILE A 339 9.01 33.54 -11.22
C ILE A 339 9.76 32.64 -12.20
N SER A 340 10.52 31.68 -11.68
CA SER A 340 11.26 30.78 -12.57
C SER A 340 10.31 29.90 -13.37
N GLU A 341 9.09 29.70 -12.87
CA GLU A 341 8.10 28.94 -13.63
C GLU A 341 7.61 29.74 -14.84
N VAL A 342 7.76 31.07 -14.80
CA VAL A 342 7.27 31.91 -15.88
C VAL A 342 8.25 31.86 -17.04
N LYS A 343 7.79 31.33 -18.18
CA LYS A 343 8.65 31.17 -19.35
C LYS A 343 9.09 32.54 -19.89
N SER A 344 8.16 33.48 -19.97
CA SER A 344 8.49 34.81 -20.44
C SER A 344 9.59 35.44 -19.59
N TYR A 345 9.52 35.26 -18.27
CA TYR A 345 10.58 35.75 -17.42
C TYR A 345 11.91 35.09 -17.75
N LYS A 346 11.89 33.78 -18.02
CA LYS A 346 13.12 33.08 -18.34
C LYS A 346 13.76 33.65 -19.59
N CYS A 347 12.98 33.81 -20.66
CA CYS A 347 13.54 34.35 -21.90
C CYS A 347 14.01 35.78 -21.72
N LEU A 348 13.24 36.60 -20.99
CA LEU A 348 13.66 37.97 -20.76
C LEU A 348 14.95 38.03 -19.97
N LYS A 349 15.12 37.12 -19.01
CA LYS A 349 16.37 37.12 -18.25
C LYS A 349 17.53 36.65 -19.11
N VAL A 350 17.27 35.73 -20.03
CA VAL A 350 18.29 35.39 -21.02
C VAL A 350 18.73 36.62 -21.79
N LEU A 351 17.79 37.39 -22.32
CA LEU A 351 18.16 38.60 -23.04
C LEU A 351 18.87 39.60 -22.13
N GLU A 352 18.44 39.72 -20.88
CA GLU A 352 19.05 40.69 -19.98
C GLU A 352 20.50 40.31 -19.68
N ASN A 353 20.77 39.01 -19.49
CA ASN A 353 22.14 38.57 -19.24
C ASN A 353 23.02 38.79 -20.46
N ILE A 354 22.48 38.53 -21.65
CA ILE A 354 23.22 38.80 -22.87
C ILE A 354 23.53 40.28 -22.99
N LYS A 355 22.60 41.13 -22.54
CA LYS A 355 22.78 42.57 -22.60
C LYS A 355 23.97 43.05 -21.78
N SER A 356 24.46 42.20 -20.87
CA SER A 356 25.65 42.55 -20.11
C SER A 356 26.84 42.77 -21.04
N SER A 357 26.97 41.93 -22.07
CA SER A 357 28.00 42.15 -23.08
C SER A 357 27.65 43.34 -23.95
N GLY A 358 26.37 43.52 -24.25
CA GLY A 358 25.92 44.63 -25.06
C GLY A 358 26.20 44.50 -26.54
N GLN A 359 26.32 43.28 -27.06
CA GLN A 359 26.67 43.11 -28.47
C GLN A 359 25.55 43.58 -29.38
N GLY A 360 24.37 42.98 -29.28
CA GLY A 360 23.29 43.32 -30.20
C GLY A 360 22.32 44.34 -29.63
N ILE A 361 21.04 43.99 -29.58
CA ILE A 361 20.00 44.91 -29.13
C ILE A 361 18.84 44.09 -28.58
N ASP A 362 18.10 44.68 -27.64
CA ASP A 362 17.02 43.97 -26.95
C ASP A 362 15.87 43.60 -27.88
N PRO A 363 15.30 44.54 -28.65
CA PRO A 363 14.15 44.15 -29.50
C PRO A 363 14.53 43.17 -30.60
N MET A 364 15.72 43.31 -31.17
CA MET A 364 16.15 42.37 -32.20
C MET A 364 16.27 40.96 -31.65
N LEU A 365 16.95 40.81 -30.50
CA LEU A 365 17.09 39.49 -29.90
C LEU A 365 15.74 38.95 -29.45
N LEU A 366 14.84 39.83 -29.03
CA LEU A 366 13.49 39.38 -28.65
C LEU A 366 12.75 38.83 -29.86
N LEU A 367 12.78 39.55 -30.98
CA LEU A 367 12.16 39.06 -32.20
C LEU A 367 12.79 37.75 -32.64
N THR A 368 14.10 37.61 -32.45
CA THR A 368 14.78 36.35 -32.77
C THR A 368 14.27 35.22 -31.89
N ASN A 369 14.07 35.54 -30.61
CA ASN A 369 13.62 34.61 -29.53
C ASN A 369 12.55 33.65 -30.05
N LEU A 370 11.39 34.21 -30.43
CA LEU A 370 10.20 33.47 -30.96
C LEU A 370 9.71 32.44 -29.95
N GLY A 371 9.38 32.90 -28.73
CA GLY A 371 8.87 32.03 -27.66
C GLY A 371 7.62 32.62 -27.03
N MET A 372 6.50 32.60 -27.75
CA MET A 372 5.22 33.16 -27.24
C MET A 372 4.76 32.38 -26.01
N ILE A 373 4.91 31.04 -26.04
CA ILE A 373 4.50 30.17 -24.91
C ILE A 373 5.12 28.78 -25.11
N ALA B 2 4.25 4.75 17.82
CA ALA B 2 5.22 5.80 18.12
C ALA B 2 4.55 7.16 18.21
N ILE B 3 5.08 8.03 19.06
CA ILE B 3 4.54 9.37 19.22
C ILE B 3 4.55 10.13 17.90
N ALA B 4 5.66 10.07 17.17
CA ALA B 4 5.77 10.86 15.96
C ALA B 4 4.81 10.36 14.88
N GLN B 5 4.52 9.05 14.86
CA GLN B 5 3.55 8.53 13.91
C GLN B 5 2.16 9.11 14.18
N LEU B 6 1.75 9.13 15.44
CA LEU B 6 0.47 9.73 15.79
C LEU B 6 0.45 11.21 15.47
N ALA B 7 1.57 11.90 15.74
CA ALA B 7 1.66 13.30 15.39
C ALA B 7 1.41 13.52 13.90
N THR B 8 2.14 12.80 13.06
CA THR B 8 1.90 12.91 11.62
C THR B 8 0.43 12.64 11.30
N GLU B 9 -0.08 11.48 11.73
CA GLU B 9 -1.42 11.06 11.35
C GLU B 9 -2.48 12.08 11.74
N TYR B 10 -2.33 12.75 12.89
CA TYR B 10 -3.43 13.54 13.40
C TYR B 10 -3.23 15.05 13.35
N VAL B 11 -2.03 15.54 13.06
CA VAL B 11 -1.92 16.98 12.79
C VAL B 11 -1.27 17.21 11.43
N PHE B 12 -0.23 16.43 11.10
CA PHE B 12 0.53 16.74 9.90
C PHE B 12 -0.09 16.11 8.67
N SER B 13 -0.78 14.99 8.84
CA SER B 13 -1.57 14.44 7.75
C SER B 13 -2.82 15.27 7.54
N ASP B 14 -3.47 15.04 6.40
CA ASP B 14 -4.72 15.74 6.11
C ASP B 14 -5.89 15.04 6.78
N PHE B 15 -5.77 14.79 8.08
CA PHE B 15 -6.83 14.11 8.80
C PHE B 15 -8.06 15.01 8.92
N LEU B 16 -9.20 14.51 8.44
CA LEU B 16 -10.45 15.25 8.36
C LEU B 16 -10.33 16.52 7.53
N LEU B 17 -9.30 16.63 6.69
CA LEU B 17 -9.17 17.71 5.72
C LEU B 17 -9.34 17.19 4.29
N LYS B 18 -9.76 15.94 4.13
CA LYS B 18 -9.92 15.38 2.80
C LYS B 18 -11.09 16.04 2.08
N GLU B 19 -10.83 16.52 0.88
CA GLU B 19 -11.89 17.02 0.02
C GLU B 19 -12.81 15.88 -0.36
N PRO B 20 -14.10 16.16 -0.60
CA PRO B 20 -15.03 15.09 -0.98
C PRO B 20 -14.58 14.39 -2.26
N THR B 21 -14.24 13.11 -2.12
CA THR B 21 -13.76 12.35 -3.26
C THR B 21 -14.91 12.00 -4.19
N GLU B 22 -15.31 12.99 -5.00
CA GLU B 22 -16.41 12.84 -5.94
C GLU B 22 -16.40 14.00 -6.92
N PRO B 23 -16.78 13.77 -8.18
CA PRO B 23 -16.82 14.86 -9.17
C PRO B 23 -18.03 15.77 -9.06
N LYS B 24 -18.95 15.52 -8.12
CA LYS B 24 -20.10 16.41 -7.95
C LYS B 24 -19.67 17.77 -7.39
N PHE B 25 -18.82 17.76 -6.38
CA PHE B 25 -18.26 18.98 -5.81
C PHE B 25 -16.77 19.02 -6.14
N LYS B 26 -16.42 19.81 -7.15
CA LYS B 26 -15.04 19.90 -7.64
C LYS B 26 -14.46 21.24 -7.19
N GLY B 27 -13.60 21.20 -6.19
CA GLY B 27 -13.02 22.40 -5.63
C GLY B 27 -13.94 23.20 -4.74
N LEU B 28 -15.21 22.82 -4.63
CA LEU B 28 -16.15 23.50 -3.74
C LEU B 28 -15.90 23.03 -2.32
N ARG B 29 -15.81 23.99 -1.39
CA ARG B 29 -15.43 23.64 -0.03
C ARG B 29 -16.58 22.99 0.72
N LEU B 30 -17.75 23.63 0.72
CA LEU B 30 -18.98 23.17 1.37
C LEU B 30 -18.86 23.12 2.89
N GLU B 31 -17.70 23.49 3.45
CA GLU B 31 -17.53 23.62 4.89
C GLU B 31 -16.61 24.81 5.13
N LEU B 32 -17.12 25.82 5.84
CA LEU B 32 -16.36 27.02 6.09
C LEU B 32 -15.04 26.68 6.79
N ALA B 33 -13.99 27.42 6.44
CA ALA B 33 -12.66 27.12 6.95
C ALA B 33 -12.65 27.08 8.47
N VAL B 34 -13.35 28.01 9.12
CA VAL B 34 -13.41 28.00 10.58
C VAL B 34 -14.16 26.77 11.07
N ASP B 35 -15.21 26.37 10.35
CA ASP B 35 -15.93 25.17 10.72
C ASP B 35 -15.09 23.91 10.48
N LYS B 36 -14.36 23.88 9.38
CA LYS B 36 -13.48 22.74 9.12
C LYS B 36 -12.41 22.61 10.18
N MET B 37 -11.83 23.74 10.61
CA MET B 37 -10.80 23.67 11.64
C MET B 37 -11.38 23.34 13.01
N VAL B 38 -12.58 23.85 13.33
CA VAL B 38 -13.21 23.49 14.59
C VAL B 38 -13.49 21.99 14.62
N THR B 39 -14.00 21.45 13.52
CA THR B 39 -14.23 20.00 13.46
C THR B 39 -12.93 19.24 13.59
N CYS B 40 -11.91 19.64 12.84
CA CYS B 40 -10.63 18.95 12.90
C CYS B 40 -10.08 18.93 14.32
N ILE B 41 -10.11 20.07 15.00
CA ILE B 41 -9.60 20.13 16.37
C ILE B 41 -10.47 19.26 17.27
N ALA B 42 -11.77 19.57 17.34
CA ALA B 42 -12.64 18.92 18.32
C ALA B 42 -12.71 17.42 18.12
N VAL B 43 -12.35 16.93 16.92
CA VAL B 43 -12.41 15.49 16.70
C VAL B 43 -11.04 14.86 16.84
N GLY B 44 -10.01 15.45 16.24
CA GLY B 44 -8.71 14.82 16.25
C GLY B 44 -8.00 14.96 17.58
N LEU B 45 -8.30 16.01 18.34
CA LEU B 45 -7.65 16.19 19.63
C LEU B 45 -7.98 15.08 20.61
N PRO B 46 -9.25 14.70 20.82
CA PRO B 46 -9.49 13.54 21.68
C PRO B 46 -8.89 12.27 21.13
N LEU B 47 -8.86 12.09 19.82
CA LEU B 47 -8.25 10.90 19.25
C LEU B 47 -6.74 10.92 19.44
N LEU B 48 -6.13 12.09 19.19
CA LEU B 48 -4.66 12.25 19.35
C LEU B 48 -4.28 12.04 20.82
N LEU B 49 -5.16 12.47 21.73
CA LEU B 49 -4.94 12.34 23.20
C LEU B 49 -5.07 10.86 23.58
N ILE B 50 -6.10 10.17 23.08
CA ILE B 50 -6.23 8.74 23.34
C ILE B 50 -4.97 8.01 22.89
N SER B 51 -4.51 8.29 21.67
CA SER B 51 -3.35 7.60 21.14
C SER B 51 -2.09 7.91 21.95
N LEU B 52 -2.04 9.14 22.47
CA LEU B 52 -0.88 9.54 23.31
C LEU B 52 -0.96 8.77 24.63
N ALA B 53 -2.13 8.70 25.26
CA ALA B 53 -2.25 8.15 26.61
C ALA B 53 -1.73 6.72 26.70
N PHE B 54 -1.57 6.06 25.56
CA PHE B 54 -1.04 4.70 25.53
C PHE B 54 0.13 4.56 24.57
N ALA B 55 0.82 5.66 24.27
CA ALA B 55 2.08 5.58 23.55
C ALA B 55 3.00 4.59 24.26
N GLN B 56 3.71 3.78 23.47
CA GLN B 56 4.44 2.67 24.05
C GLN B 56 5.53 3.13 25.02
N GLU B 57 5.91 4.40 24.95
CA GLU B 57 6.98 4.88 25.83
C GLU B 57 6.41 5.59 27.05
N ILE B 58 5.13 5.95 27.03
CA ILE B 58 4.52 6.53 28.21
C ILE B 58 3.86 5.43 29.05
N SER B 59 3.40 4.37 28.40
CA SER B 59 2.83 3.22 29.10
C SER B 59 3.95 2.39 29.68
N ILE B 60 3.89 2.12 30.98
CA ILE B 60 4.89 1.25 31.60
C ILE B 60 4.54 -0.21 31.35
N GLY B 61 3.27 -0.52 31.15
CA GLY B 61 2.83 -1.88 31.01
C GLY B 61 1.33 -2.00 31.13
N THR B 62 0.87 -2.86 32.02
CA THR B 62 -0.56 -3.02 32.24
C THR B 62 -1.18 -1.73 32.75
N GLN B 63 -2.49 -1.65 32.68
CA GLN B 63 -3.20 -0.46 33.13
C GLN B 63 -3.49 -0.51 34.62
N ILE B 64 -3.34 -1.68 35.23
CA ILE B 64 -3.62 -1.86 36.65
C ILE B 64 -2.55 -2.76 37.24
N SER B 65 -2.20 -2.52 38.50
CA SER B 65 -1.28 -3.36 39.24
C SER B 65 -1.78 -3.44 40.68
N CYS B 66 -1.71 -4.62 41.27
CA CYS B 66 -2.46 -4.86 42.50
C CYS B 66 -1.63 -5.30 43.69
N PHE B 67 -0.35 -5.62 43.52
CA PHE B 67 0.50 -6.00 44.64
C PHE B 67 -0.06 -7.15 45.46
N SER B 68 -0.11 -8.34 44.88
CA SER B 68 -0.42 -9.54 45.63
C SER B 68 0.68 -9.82 46.63
N PRO B 69 0.43 -10.66 47.63
CA PRO B 69 1.49 -11.03 48.57
C PRO B 69 2.63 -11.76 47.88
N SER B 70 3.73 -11.88 48.61
CA SER B 70 4.90 -12.54 48.05
C SER B 70 4.67 -14.04 47.87
N SER B 71 3.81 -14.62 48.71
CA SER B 71 3.54 -16.05 48.62
C SER B 71 2.78 -16.39 47.35
N PHE B 72 2.02 -15.43 46.82
CA PHE B 72 1.25 -15.67 45.61
C PHE B 72 2.18 -15.99 44.44
N SER B 73 1.75 -16.94 43.60
CA SER B 73 2.53 -17.27 42.38
C SER B 73 2.32 -16.16 41.34
N ALA B 74 3.10 -16.17 40.26
CA ALA B 74 2.98 -15.12 39.21
C ALA B 74 1.58 -15.20 38.60
N ARG B 75 1.09 -16.41 38.33
CA ARG B 75 -0.29 -16.59 37.78
C ARG B 75 -1.34 -16.14 38.80
N GLN B 76 -1.13 -16.43 40.09
CA GLN B 76 -2.07 -15.98 41.15
C GLN B 76 -2.09 -14.44 41.17
N ALA B 77 -0.92 -13.81 41.02
CA ALA B 77 -0.84 -12.33 40.96
C ALA B 77 -1.60 -11.84 39.73
N ALA B 78 -1.44 -12.53 38.59
CA ALA B 78 -2.13 -12.14 37.34
C ALA B 78 -3.64 -12.24 37.55
N PHE B 79 -4.11 -13.26 38.29
CA PHE B 79 -5.53 -13.36 38.57
C PHE B 79 -6.01 -12.19 39.40
N VAL B 80 -5.23 -11.80 40.41
CA VAL B 80 -5.66 -10.67 41.23
C VAL B 80 -5.76 -9.40 40.40
N ASP B 81 -4.74 -9.16 39.56
CA ASP B 81 -4.76 -7.98 38.70
C ASP B 81 -5.98 -7.98 37.80
N SER B 82 -6.21 -9.07 37.07
CA SER B 82 -7.31 -9.12 36.12
C SER B 82 -8.65 -9.06 36.84
N TYR B 83 -8.76 -9.72 37.99
CA TYR B 83 -10.01 -9.70 38.75
C TYR B 83 -10.34 -8.29 39.18
N CYS B 84 -9.36 -7.55 39.70
CA CYS B 84 -9.66 -6.21 40.17
C CYS B 84 -9.95 -5.28 39.01
N TRP B 85 -9.24 -5.47 37.89
CA TRP B 85 -9.56 -4.73 36.67
C TRP B 85 -11.01 -4.93 36.27
N ALA B 86 -11.47 -6.17 36.30
CA ALA B 86 -12.87 -6.43 35.95
C ALA B 86 -13.80 -6.05 37.09
N ALA B 87 -13.25 -5.86 38.28
CA ALA B 87 -14.04 -5.60 39.48
C ALA B 87 -14.19 -4.14 39.79
N VAL B 88 -13.57 -3.24 39.03
CA VAL B 88 -13.90 -1.82 39.18
C VAL B 88 -15.38 -1.58 38.90
N GLN B 89 -16.02 -2.51 38.17
CA GLN B 89 -17.46 -2.38 37.92
C GLN B 89 -18.27 -2.90 39.10
N GLN B 90 -18.00 -4.14 39.53
CA GLN B 90 -18.75 -4.73 40.63
C GLN B 90 -18.48 -3.95 41.90
N LYS B 91 -19.46 -3.19 42.36
CA LYS B 91 -19.22 -2.24 43.44
C LYS B 91 -19.01 -2.95 44.78
N ASN B 92 -19.47 -4.19 44.89
CA ASN B 92 -19.36 -4.89 46.16
C ASN B 92 -17.92 -5.28 46.45
N SER B 93 -17.13 -5.57 45.41
CA SER B 93 -15.79 -6.11 45.63
C SER B 93 -14.81 -5.04 46.08
N LEU B 94 -14.84 -3.87 45.44
CA LEU B 94 -13.83 -2.85 45.65
C LEU B 94 -14.34 -1.79 46.61
N GLN B 95 -13.44 -1.29 47.46
CA GLN B 95 -13.73 -0.21 48.38
C GLN B 95 -12.76 0.93 48.10
N SER B 96 -13.27 2.05 47.63
CA SER B 96 -12.46 3.21 47.29
C SER B 96 -12.94 4.43 48.06
N GLU B 97 -12.00 5.25 48.50
CA GLU B 97 -12.35 6.45 49.26
C GLU B 97 -13.14 7.45 48.41
N SER B 98 -12.77 7.62 47.15
CA SER B 98 -13.45 8.59 46.31
C SER B 98 -14.80 8.06 45.82
N GLY B 99 -14.91 6.77 45.61
CA GLY B 99 -16.12 6.15 45.13
C GLY B 99 -15.88 5.29 43.90
N ASN B 100 -16.96 4.64 43.47
CA ASN B 100 -16.85 3.74 42.32
C ASN B 100 -16.91 4.51 41.00
N LEU B 101 -17.55 5.67 41.01
CA LEU B 101 -17.61 6.49 39.80
C LEU B 101 -16.23 6.91 39.31
N PRO B 102 -15.30 7.38 40.15
CA PRO B 102 -13.96 7.64 39.64
C PRO B 102 -13.30 6.41 39.04
N LEU B 103 -13.57 5.23 39.60
CA LEU B 103 -12.98 4.01 39.06
C LEU B 103 -13.53 3.73 37.67
N TRP B 104 -14.84 3.83 37.51
CA TRP B 104 -15.44 3.70 36.19
C TRP B 104 -14.82 4.67 35.21
N LEU B 105 -14.67 5.92 35.62
CA LEU B 105 -14.15 6.94 34.71
C LEU B 105 -12.69 6.68 34.38
N HIS B 106 -11.93 6.10 35.30
CA HIS B 106 -10.53 5.82 35.04
C HIS B 106 -10.37 4.64 34.10
N LYS B 107 -11.21 3.62 34.25
CA LYS B 107 -11.09 2.48 33.35
C LYS B 107 -11.53 2.84 31.95
N PHE B 108 -12.62 3.60 31.81
CA PHE B 108 -13.24 3.86 30.53
C PHE B 108 -12.96 5.26 30.00
N PHE B 109 -11.88 5.88 30.45
CA PHE B 109 -11.51 7.19 29.91
C PHE B 109 -11.28 7.17 28.40
N PRO B 110 -10.56 6.21 27.82
CA PRO B 110 -10.44 6.20 26.36
C PRO B 110 -11.78 6.07 25.66
N TYR B 111 -12.68 5.25 26.20
CA TYR B 111 -14.00 5.12 25.59
C TYR B 111 -14.76 6.43 25.63
N ILE B 112 -14.65 7.16 26.74
CA ILE B 112 -15.39 8.40 26.86
C ILE B 112 -14.82 9.45 25.90
N LEU B 113 -13.50 9.49 25.76
CA LEU B 113 -12.92 10.43 24.80
C LEU B 113 -13.31 10.06 23.37
N LEU B 114 -13.31 8.77 23.04
CA LEU B 114 -13.75 8.37 21.70
C LEU B 114 -15.22 8.71 21.49
N LEU B 115 -16.03 8.58 22.54
CA LEU B 115 -17.44 8.94 22.44
C LEU B 115 -17.59 10.43 22.14
N PHE B 116 -16.79 11.26 22.83
CA PHE B 116 -16.84 12.69 22.56
C PHE B 116 -16.37 13.00 21.14
N ALA B 117 -15.34 12.31 20.68
CA ALA B 117 -14.88 12.51 19.30
C ALA B 117 -15.97 12.16 18.30
N ILE B 118 -16.66 11.04 18.53
CA ILE B 118 -17.73 10.62 17.62
C ILE B 118 -18.88 11.62 17.64
N LEU B 119 -19.34 12.00 18.83
CA LEU B 119 -20.44 12.96 18.93
C LEU B 119 -20.06 14.29 18.32
N LEU B 120 -18.80 14.68 18.39
CA LEU B 120 -18.38 15.94 17.79
C LEU B 120 -18.24 15.81 16.29
N TYR B 121 -18.00 14.60 15.80
CA TYR B 121 -17.96 14.38 14.36
C TYR B 121 -19.36 14.27 13.77
N LEU B 122 -20.35 13.95 14.58
CA LEU B 122 -21.70 13.75 14.05
C LEU B 122 -22.31 14.99 13.39
N PRO B 123 -22.28 16.18 13.99
CA PRO B 123 -22.89 17.35 13.33
C PRO B 123 -22.22 17.71 12.01
N PRO B 124 -20.89 17.68 11.92
CA PRO B 124 -20.28 17.90 10.59
C PRO B 124 -20.69 16.86 9.57
N LEU B 125 -20.90 15.61 10.01
CA LEU B 125 -21.37 14.59 9.10
C LEU B 125 -22.78 14.87 8.63
N PHE B 126 -23.66 15.26 9.55
CA PHE B 126 -25.02 15.62 9.17
C PHE B 126 -25.03 16.79 8.21
N TRP B 127 -24.13 17.76 8.41
CA TRP B 127 -24.04 18.86 7.47
C TRP B 127 -23.52 18.39 6.12
N ARG B 128 -22.53 17.50 6.11
CA ARG B 128 -21.94 17.05 4.86
C ARG B 128 -22.92 16.21 4.06
N PHE B 129 -23.89 15.57 4.71
CA PHE B 129 -24.79 14.68 3.99
C PHE B 129 -26.17 15.29 3.74
N ALA B 130 -26.71 16.04 4.69
CA ALA B 130 -28.07 16.55 4.55
C ALA B 130 -28.10 17.90 3.84
N ALA B 131 -27.18 18.80 4.19
CA ALA B 131 -27.23 20.16 3.69
C ALA B 131 -26.10 20.54 2.77
N ALA B 132 -25.05 19.73 2.65
CA ALA B 132 -23.93 20.08 1.78
C ALA B 132 -24.28 19.98 0.30
N PRO B 133 -24.96 18.94 -0.18
CA PRO B 133 -25.29 18.91 -1.62
C PRO B 133 -26.26 20.01 -2.03
N HIS B 134 -27.23 20.33 -1.18
CA HIS B 134 -28.18 21.39 -1.49
C HIS B 134 -27.45 22.71 -1.73
N ILE B 135 -26.47 23.02 -0.88
CA ILE B 135 -25.73 24.26 -1.06
C ILE B 135 -24.72 24.13 -2.18
N CYS B 136 -24.24 22.91 -2.44
CA CYS B 136 -23.23 22.70 -3.46
C CYS B 136 -23.80 22.95 -4.85
N SER B 137 -24.98 22.38 -5.13
CA SER B 137 -25.61 22.60 -6.42
C SER B 137 -25.89 24.08 -6.64
N ASP B 138 -26.48 24.73 -5.64
CA ASP B 138 -26.80 26.15 -5.76
C ASP B 138 -25.55 26.99 -5.97
N LEU B 139 -24.48 26.69 -5.24
CA LEU B 139 -23.27 27.49 -5.34
C LEU B 139 -22.60 27.28 -6.69
N LYS B 140 -22.58 26.04 -7.18
CA LYS B 140 -22.02 25.79 -8.51
C LYS B 140 -22.82 26.50 -9.58
N PHE B 141 -24.16 26.51 -9.43
CA PHE B 141 -24.99 27.23 -10.40
C PHE B 141 -24.71 28.73 -10.33
N ILE B 142 -24.56 29.28 -9.13
CA ILE B 142 -24.31 30.72 -9.00
C ILE B 142 -22.97 31.07 -9.62
N MET B 143 -21.94 30.24 -9.40
CA MET B 143 -20.64 30.51 -9.99
C MET B 143 -20.70 30.43 -11.52
N GLU B 144 -21.39 29.42 -12.05
CA GLU B 144 -21.54 29.32 -13.51
C GLU B 144 -22.27 30.54 -14.06
N GLU B 145 -23.34 30.96 -13.39
CA GLU B 145 -24.10 32.12 -13.87
C GLU B 145 -23.26 33.39 -13.80
N LEU B 146 -22.41 33.52 -12.78
CA LEU B 146 -21.56 34.69 -12.69
C LEU B 146 -20.52 34.71 -13.80
N ASP B 147 -19.91 33.55 -14.08
CA ASP B 147 -18.98 33.48 -15.20
C ASP B 147 -19.68 33.80 -16.51
N LYS B 148 -20.92 33.34 -16.67
CA LYS B 148 -21.65 33.59 -17.90
C LYS B 148 -21.98 35.08 -18.06
N VAL B 149 -22.42 35.72 -16.98
CA VAL B 149 -22.76 37.14 -17.06
C VAL B 149 -21.50 37.96 -17.33
N TYR B 150 -20.36 37.54 -16.75
CA TYR B 150 -19.11 38.24 -17.04
C TYR B 150 -18.73 38.10 -18.51
N ASN B 151 -18.82 36.88 -19.05
CA ASN B 151 -18.52 36.67 -20.45
C ASN B 151 -19.43 37.51 -21.35
N ARG B 152 -20.73 37.54 -21.03
CA ARG B 152 -21.66 38.31 -21.84
C ARG B 152 -21.38 39.80 -21.75
N ALA B 153 -21.01 40.28 -20.56
CA ALA B 153 -20.70 41.70 -20.40
C ALA B 153 -19.47 42.08 -21.20
N ILE B 154 -18.43 41.25 -21.19
CA ILE B 154 -17.23 41.60 -21.94
C ILE B 154 -17.46 41.42 -23.44
N LYS B 155 -18.34 40.50 -23.82
CA LYS B 155 -18.68 40.34 -25.23
C LYS B 155 -19.44 41.57 -25.74
N ALA B 156 -20.37 42.08 -24.93
CA ALA B 156 -21.07 43.30 -25.29
C ALA B 156 -20.10 44.48 -25.35
N ALA B 157 -19.16 44.54 -24.40
CA ALA B 157 -18.16 45.60 -24.41
C ALA B 157 -17.22 45.44 -25.60
N LYS B 158 -16.86 44.20 -25.94
CA LYS B 158 -15.99 43.98 -27.09
C LYS B 158 -16.67 44.37 -28.39
N SER B 159 -17.97 44.06 -28.52
CA SER B 159 -18.71 44.45 -29.70
C SER B 159 -18.83 45.97 -29.79
N ALA B 160 -18.93 46.64 -28.64
CA ALA B 160 -18.97 48.10 -28.65
C ALA B 160 -17.62 48.67 -29.08
N ARG B 161 -16.53 48.04 -28.66
CA ARG B 161 -15.20 48.50 -29.08
C ARG B 161 -15.00 48.29 -30.58
N ASP B 162 -15.68 47.30 -31.15
CA ASP B 162 -15.59 47.03 -32.58
C ASP B 162 -16.47 47.98 -33.38
N PHE B 191 -33.30 39.41 -23.87
CA PHE B 191 -32.87 38.74 -22.64
C PHE B 191 -32.50 39.77 -21.57
N LYS B 192 -31.23 39.73 -21.14
CA LYS B 192 -30.72 40.65 -20.13
C LYS B 192 -31.53 40.58 -18.84
N TYR B 193 -31.65 39.38 -18.28
CA TYR B 193 -32.39 39.15 -17.05
C TYR B 193 -31.43 38.84 -15.91
N PRO B 194 -31.49 39.55 -14.79
CA PRO B 194 -30.63 39.22 -13.66
C PRO B 194 -31.08 37.95 -12.97
N ILE B 195 -30.73 36.80 -13.55
CA ILE B 195 -31.24 35.53 -13.05
C ILE B 195 -30.59 35.19 -11.71
N VAL B 196 -29.29 35.41 -11.58
CA VAL B 196 -28.61 35.08 -10.33
C VAL B 196 -29.04 36.02 -9.22
N GLU B 197 -29.28 37.29 -9.56
CA GLU B 197 -29.78 38.23 -8.56
C GLU B 197 -31.15 37.83 -8.07
N GLN B 198 -32.03 37.38 -8.98
CA GLN B 198 -33.35 36.93 -8.56
C GLN B 198 -33.26 35.65 -7.74
N TYR B 199 -32.32 34.76 -8.09
CA TYR B 199 -32.14 33.54 -7.31
C TYR B 199 -31.71 33.85 -5.89
N LEU B 200 -30.78 34.80 -5.73
CA LEU B 200 -30.34 35.18 -4.39
C LEU B 200 -31.46 35.90 -3.63
N LYS B 201 -32.23 36.73 -4.34
CA LYS B 201 -33.41 37.34 -3.72
C LYS B 201 -34.35 36.26 -3.19
N THR B 202 -34.49 35.16 -3.93
CA THR B 202 -35.32 34.06 -3.45
C THR B 202 -34.70 33.39 -2.23
N LYS B 203 -33.39 33.15 -2.27
CA LYS B 203 -32.70 32.57 -1.11
C LYS B 203 -32.90 33.43 0.13
N LYS B 204 -33.05 34.74 -0.05
CA LYS B 204 -33.27 35.66 1.07
C LYS B 204 -34.53 35.30 1.85
N ASN B 205 -35.41 34.51 1.26
CA ASN B 205 -36.71 34.22 1.89
C ASN B 205 -36.63 32.98 2.77
N SER B 206 -36.21 31.85 2.19
CA SER B 206 -36.19 30.60 2.94
C SER B 206 -35.02 30.56 3.91
N ASN B 207 -35.22 29.86 5.03
CA ASN B 207 -34.20 29.76 6.08
C ASN B 207 -33.91 28.32 6.47
N ASN B 208 -34.17 27.35 5.60
CA ASN B 208 -33.95 25.95 5.95
C ASN B 208 -32.46 25.66 6.13
N LEU B 209 -31.64 26.09 5.17
CA LEU B 209 -30.21 25.80 5.25
C LEU B 209 -29.58 26.48 6.46
N ILE B 210 -30.05 27.68 6.78
CA ILE B 210 -29.41 28.42 7.89
C ILE B 210 -29.79 27.80 9.23
N ILE B 211 -31.02 27.29 9.35
CA ILE B 211 -31.37 26.64 10.61
C ILE B 211 -30.66 25.30 10.72
N LYS B 212 -30.47 24.61 9.59
CA LYS B 212 -29.64 23.40 9.63
C LYS B 212 -28.22 23.73 10.08
N TYR B 213 -27.66 24.81 9.56
CA TYR B 213 -26.29 25.20 9.90
C TYR B 213 -26.17 25.58 11.37
N ILE B 214 -27.04 26.47 11.85
CA ILE B 214 -26.93 26.89 13.23
C ILE B 214 -27.32 25.75 14.17
N SER B 215 -28.09 24.78 13.68
CA SER B 215 -28.41 23.63 14.52
C SER B 215 -27.21 22.71 14.67
N CYS B 216 -26.50 22.44 13.57
CA CYS B 216 -25.30 21.62 13.69
C CYS B 216 -24.25 22.34 14.53
N ARG B 217 -24.12 23.66 14.36
CA ARG B 217 -23.17 24.41 15.18
C ARG B 217 -23.60 24.40 16.65
N LEU B 218 -24.90 24.46 16.92
CA LEU B 218 -25.37 24.49 18.29
C LEU B 218 -25.17 23.13 18.96
N LEU B 219 -25.40 22.04 18.24
CA LEU B 219 -25.08 20.73 18.79
C LEU B 219 -23.58 20.57 19.01
N THR B 220 -22.76 21.11 18.10
CA THR B 220 -21.33 21.07 18.32
C THR B 220 -20.96 21.83 19.58
N LEU B 221 -21.55 23.00 19.80
CA LEU B 221 -21.26 23.77 21.00
C LEU B 221 -21.74 23.06 22.25
N ILE B 222 -22.91 22.43 22.19
CA ILE B 222 -23.45 21.73 23.35
C ILE B 222 -22.57 20.55 23.71
N ILE B 223 -22.12 19.80 22.71
CA ILE B 223 -21.27 18.64 22.97
C ILE B 223 -19.90 19.11 23.47
N ILE B 224 -19.40 20.21 22.93
CA ILE B 224 -18.12 20.74 23.41
C ILE B 224 -18.23 21.18 24.86
N LEU B 225 -19.36 21.79 25.23
CA LEU B 225 -19.52 22.23 26.61
C LEU B 225 -19.70 21.03 27.55
N LEU B 226 -20.41 20.00 27.10
CA LEU B 226 -20.53 18.80 27.91
C LEU B 226 -19.18 18.12 28.07
N ALA B 227 -18.36 18.13 27.02
CA ALA B 227 -17.02 17.56 27.12
C ALA B 227 -16.15 18.39 28.07
N CYS B 228 -16.27 19.72 28.01
CA CYS B 228 -15.56 20.56 28.96
C CYS B 228 -15.97 20.25 30.38
N ILE B 229 -17.27 20.08 30.62
CA ILE B 229 -17.73 19.78 31.96
C ILE B 229 -17.18 18.44 32.43
N TYR B 230 -17.26 17.42 31.58
CA TYR B 230 -16.75 16.11 31.97
C TYR B 230 -15.25 16.14 32.22
N LEU B 231 -14.49 16.82 31.36
CA LEU B 231 -13.05 16.84 31.51
C LEU B 231 -12.63 17.65 32.72
N GLY B 232 -13.35 18.74 33.00
CA GLY B 232 -13.05 19.50 34.20
C GLY B 232 -13.38 18.72 35.46
N TYR B 233 -14.44 17.93 35.42
CA TYR B 233 -14.73 17.06 36.56
C TYR B 233 -13.66 15.99 36.71
N TYR B 234 -13.32 15.31 35.62
CA TYR B 234 -12.35 14.22 35.67
C TYR B 234 -10.99 14.71 36.14
N PHE B 235 -10.54 15.84 35.60
CA PHE B 235 -9.28 16.42 36.05
C PHE B 235 -9.36 16.85 37.51
N SER B 236 -10.57 17.09 38.01
CA SER B 236 -10.72 17.51 39.41
C SER B 236 -10.66 16.34 40.37
N LEU B 237 -10.55 15.11 39.87
CA LEU B 237 -10.48 13.96 40.77
C LEU B 237 -9.25 14.05 41.68
N SER B 238 -9.34 13.34 42.80
CA SER B 238 -8.38 13.52 43.89
C SER B 238 -6.95 13.15 43.50
N SER B 239 -6.75 12.47 42.37
CA SER B 239 -5.49 11.96 41.86
C SER B 239 -5.02 10.78 42.70
N LEU B 240 -5.68 10.47 43.81
CA LEU B 240 -5.50 9.23 44.53
C LEU B 240 -6.71 8.31 44.35
N SER B 241 -7.67 8.72 43.52
CA SER B 241 -8.81 7.86 43.23
C SER B 241 -8.40 6.70 42.32
N ASP B 242 -7.19 6.75 41.77
CA ASP B 242 -6.68 5.62 41.01
C ASP B 242 -6.20 4.49 41.88
N GLU B 243 -6.09 4.71 43.18
CA GLU B 243 -5.74 3.66 44.13
C GLU B 243 -7.01 3.19 44.82
N PHE B 244 -7.37 1.93 44.58
CA PHE B 244 -8.57 1.38 45.18
C PHE B 244 -8.23 0.04 45.80
N VAL B 245 -8.92 -0.27 46.88
CA VAL B 245 -8.74 -1.53 47.58
C VAL B 245 -9.68 -2.55 46.97
N CYS B 246 -9.16 -3.71 46.61
CA CYS B 246 -9.90 -4.73 45.89
C CYS B 246 -9.80 -6.05 46.65
N SER B 247 -10.88 -6.80 46.66
CA SER B 247 -10.98 -8.03 47.44
C SER B 247 -11.48 -9.15 46.55
N ILE B 248 -10.63 -10.13 46.27
CA ILE B 248 -11.06 -11.29 45.50
C ILE B 248 -11.60 -12.34 46.46
N LYS B 249 -12.83 -12.15 46.92
CA LYS B 249 -13.42 -13.04 47.91
C LYS B 249 -14.89 -13.33 47.61
N SER B 250 -15.26 -13.35 46.34
CA SER B 250 -16.58 -13.85 45.96
C SER B 250 -16.47 -15.29 45.50
N GLY B 251 -17.57 -16.03 45.58
CA GLY B 251 -17.55 -17.42 45.19
C GLY B 251 -16.85 -18.28 46.23
N ILE B 252 -16.19 -19.33 45.74
CA ILE B 252 -15.52 -20.27 46.63
C ILE B 252 -14.33 -19.65 47.34
N LEU B 253 -13.86 -18.50 46.86
CA LEU B 253 -12.73 -17.85 47.53
C LEU B 253 -13.17 -17.10 48.77
N ARG B 254 -14.48 -17.03 49.01
CA ARG B 254 -15.01 -16.18 50.08
C ARG B 254 -14.44 -16.57 51.43
N ASN B 255 -14.55 -17.84 51.80
CA ASN B 255 -14.07 -18.26 53.11
C ASN B 255 -12.67 -18.85 53.03
N ASP B 256 -12.01 -18.75 51.88
CA ASP B 256 -10.64 -19.20 51.75
C ASP B 256 -9.73 -18.39 52.66
N SER B 257 -8.66 -19.02 53.12
CA SER B 257 -7.79 -18.40 54.12
C SER B 257 -6.43 -17.99 53.56
N THR B 258 -5.90 -18.69 52.55
CA THR B 258 -4.59 -18.35 52.03
C THR B 258 -4.61 -17.01 51.31
N VAL B 259 -5.76 -16.64 50.75
CA VAL B 259 -5.91 -15.37 50.04
C VAL B 259 -6.16 -14.26 51.05
N PRO B 260 -5.43 -13.15 50.97
CA PRO B 260 -5.65 -12.06 51.94
C PRO B 260 -6.99 -11.38 51.71
N ASP B 261 -7.40 -10.61 52.73
CA ASP B 261 -8.73 -10.03 52.71
C ASP B 261 -8.89 -9.02 51.59
N GLN B 262 -7.85 -8.22 51.33
CA GLN B 262 -7.96 -7.15 50.35
C GLN B 262 -6.59 -6.84 49.77
N PHE B 263 -6.61 -6.34 48.53
CA PHE B 263 -5.39 -6.02 47.80
C PHE B 263 -5.37 -4.53 47.51
N GLN B 264 -4.17 -3.95 47.51
CA GLN B 264 -4.01 -2.54 47.18
C GLN B 264 -3.69 -2.43 45.69
N CYS B 265 -4.71 -2.12 44.90
CA CYS B 265 -4.52 -1.94 43.47
C CYS B 265 -4.39 -0.47 43.12
N LYS B 266 -3.68 -0.18 42.04
CA LYS B 266 -3.53 1.17 41.53
C LYS B 266 -3.73 1.16 40.03
N LEU B 267 -4.52 2.09 39.54
CA LEU B 267 -4.75 2.23 38.10
C LEU B 267 -3.64 3.09 37.52
N ILE B 268 -2.65 2.43 36.92
CA ILE B 268 -1.59 3.15 36.24
C ILE B 268 -2.21 3.95 35.09
N ALA B 269 -1.48 4.96 34.62
CA ALA B 269 -1.88 5.82 33.51
C ALA B 269 -3.12 6.64 33.82
N VAL B 270 -3.44 6.85 35.09
CA VAL B 270 -4.51 7.78 35.44
C VAL B 270 -3.96 9.20 35.53
N GLY B 271 -2.73 9.35 36.02
CA GLY B 271 -2.10 10.66 35.96
C GLY B 271 -1.95 11.15 34.55
N ILE B 272 -1.61 10.25 33.62
CA ILE B 272 -1.57 10.61 32.21
C ILE B 272 -2.96 11.00 31.72
N PHE B 273 -3.98 10.28 32.17
CA PHE B 273 -5.34 10.62 31.77
C PHE B 273 -5.72 12.01 32.22
N GLN B 274 -5.34 12.38 33.45
CA GLN B 274 -5.70 13.69 33.96
C GLN B 274 -4.91 14.79 33.27
N LEU B 275 -3.61 14.55 33.05
CA LEU B 275 -2.81 15.54 32.33
C LEU B 275 -3.30 15.73 30.91
N LEU B 276 -3.86 14.69 30.29
CA LEU B 276 -4.38 14.85 28.94
C LEU B 276 -5.77 15.45 28.97
N SER B 277 -6.54 15.18 30.02
CA SER B 277 -7.87 15.74 30.13
C SER B 277 -7.82 17.24 30.33
N VAL B 278 -6.81 17.72 31.06
CA VAL B 278 -6.70 19.17 31.23
C VAL B 278 -6.30 19.83 29.93
N ILE B 279 -5.47 19.16 29.12
CA ILE B 279 -5.12 19.68 27.81
C ILE B 279 -6.36 19.75 26.92
N ASN B 280 -7.13 18.67 26.89
CA ASN B 280 -8.37 18.65 26.13
C ASN B 280 -9.33 19.73 26.60
N LEU B 281 -9.43 19.93 27.91
CA LEU B 281 -10.32 20.96 28.44
C LEU B 281 -9.86 22.35 28.05
N VAL B 282 -8.56 22.61 28.10
CA VAL B 282 -8.04 23.92 27.69
C VAL B 282 -8.34 24.18 26.22
N VAL B 283 -8.04 23.20 25.37
CA VAL B 283 -8.28 23.38 23.95
C VAL B 283 -9.78 23.55 23.68
N TYR B 284 -10.62 22.86 24.45
CA TYR B 284 -12.05 22.93 24.21
C TYR B 284 -12.64 24.25 24.68
N VAL B 285 -12.12 24.81 25.77
CA VAL B 285 -12.62 26.11 26.22
C VAL B 285 -12.02 27.23 25.39
N LEU B 286 -10.95 26.93 24.65
CA LEU B 286 -10.51 27.88 23.62
C LEU B 286 -11.34 27.74 22.35
N LEU B 287 -11.87 26.54 22.11
CA LEU B 287 -12.63 26.31 20.88
C LEU B 287 -14.06 26.78 21.02
N ALA B 288 -14.63 26.72 22.23
CA ALA B 288 -16.02 27.11 22.41
C ALA B 288 -16.32 28.55 22.01
N PRO B 289 -15.49 29.55 22.33
CA PRO B 289 -15.77 30.89 21.80
C PRO B 289 -15.77 30.93 20.28
N VAL B 290 -14.93 30.13 19.63
CA VAL B 290 -14.91 30.10 18.18
C VAL B 290 -16.24 29.60 17.64
N VAL B 291 -16.78 28.54 18.27
CA VAL B 291 -18.07 28.02 17.83
C VAL B 291 -19.18 29.02 18.10
N VAL B 292 -19.12 29.69 19.25
CA VAL B 292 -20.14 30.70 19.57
C VAL B 292 -20.11 31.83 18.55
N TYR B 293 -18.91 32.27 18.16
CA TYR B 293 -18.81 33.30 17.15
C TYR B 293 -19.32 32.80 15.80
N THR B 294 -18.99 31.56 15.46
CA THR B 294 -19.52 30.96 14.23
C THR B 294 -21.04 30.95 14.24
N LEU B 295 -21.64 30.82 15.40
CA LEU B 295 -23.09 30.74 15.50
C LEU B 295 -23.77 31.99 14.95
N PHE B 296 -23.10 33.13 15.04
CA PHE B 296 -23.64 34.40 14.54
C PHE B 296 -23.27 34.57 13.07
N VAL B 297 -24.02 33.88 12.22
CA VAL B 297 -23.74 33.83 10.79
C VAL B 297 -23.93 35.19 10.09
N PRO B 298 -24.91 36.06 10.46
CA PRO B 298 -25.01 37.33 9.73
C PRO B 298 -23.83 38.25 10.00
N PHE B 299 -23.39 38.26 11.25
CA PHE B 299 -22.26 39.11 11.63
C PHE B 299 -21.02 38.76 10.83
N ARG B 300 -20.84 37.48 10.50
CA ARG B 300 -19.67 37.07 9.73
C ARG B 300 -19.79 37.39 8.24
N GLN B 301 -21.01 37.60 7.74
CA GLN B 301 -21.17 37.99 6.35
C GLN B 301 -20.63 39.41 6.16
N LYS B 302 -19.45 39.51 5.57
CA LYS B 302 -18.78 40.80 5.43
C LYS B 302 -18.03 40.80 4.11
N THR B 303 -17.52 41.98 3.75
CA THR B 303 -16.81 42.18 2.50
C THR B 303 -17.65 41.69 1.32
N ASP B 304 -18.77 42.39 1.09
CA ASP B 304 -19.79 41.97 0.14
C ASP B 304 -19.16 41.55 -1.19
N VAL B 305 -19.27 40.26 -1.50
CA VAL B 305 -18.50 39.66 -2.57
C VAL B 305 -19.08 40.06 -3.93
N LEU B 306 -20.40 40.17 -4.00
CA LEU B 306 -21.04 40.52 -5.26
C LEU B 306 -20.89 42.00 -5.58
N LYS B 307 -20.47 42.82 -4.61
CA LYS B 307 -20.29 44.24 -4.87
C LYS B 307 -19.28 44.47 -5.98
N VAL B 308 -18.34 43.54 -6.16
CA VAL B 308 -17.35 43.69 -7.22
C VAL B 308 -17.98 43.49 -8.59
N TYR B 309 -19.10 42.78 -8.67
CA TYR B 309 -19.78 42.55 -9.93
C TYR B 309 -20.67 43.70 -10.35
N GLU B 310 -20.84 44.71 -9.50
CA GLU B 310 -21.80 45.78 -9.80
C GLU B 310 -21.28 46.68 -10.91
N ILE B 311 -20.03 46.50 -11.34
CA ILE B 311 -19.42 47.37 -12.34
C ILE B 311 -19.62 46.77 -13.73
N LEU B 312 -20.48 45.76 -13.84
CA LEU B 312 -20.76 45.15 -15.12
C LEU B 312 -22.07 45.68 -15.66
N PRO B 313 -22.15 46.02 -16.96
CA PRO B 313 -23.43 46.47 -17.51
C PRO B 313 -24.47 45.37 -17.54
N THR B 314 -24.07 44.14 -17.85
CA THR B 314 -24.97 43.00 -17.91
C THR B 314 -25.41 42.53 -16.53
N PHE B 315 -25.01 43.24 -15.47
CA PHE B 315 -25.35 42.88 -14.11
C PHE B 315 -26.02 44.08 -13.44
N ASP B 316 -27.19 43.86 -12.85
CA ASP B 316 -27.92 44.93 -12.20
C ASP B 316 -27.12 45.49 -11.04
N VAL B 317 -27.31 46.78 -10.76
CA VAL B 317 -26.58 47.43 -9.67
C VAL B 317 -27.34 47.20 -8.37
N LEU B 318 -27.11 46.05 -7.75
CA LEU B 318 -27.77 45.68 -6.52
C LEU B 318 -27.01 44.56 -5.83
N HIS B 319 -26.53 44.83 -4.61
CA HIS B 319 -25.97 43.76 -3.79
C HIS B 319 -27.08 42.92 -3.17
N PHE B 320 -27.91 43.54 -2.34
CA PHE B 320 -29.10 42.91 -1.76
C PHE B 320 -28.75 41.61 -1.03
N LYS B 321 -27.73 41.66 -0.19
CA LYS B 321 -27.31 40.49 0.56
C LYS B 321 -26.76 40.91 1.92
N SER B 322 -27.64 40.92 2.92
CA SER B 322 -27.29 41.28 4.29
C SER B 322 -28.48 41.15 5.23
N GLU B 323 -28.21 41.25 6.54
CA GLU B 323 -29.21 41.48 7.58
C GLU B 323 -30.30 40.43 7.65
N GLY B 324 -29.98 39.19 7.99
CA GLY B 324 -31.03 38.21 8.18
C GLY B 324 -30.52 36.88 8.70
N TYR B 325 -31.37 36.21 9.47
CA TYR B 325 -31.19 34.82 9.84
C TYR B 325 -31.85 33.98 8.76
N ASN B 326 -31.37 34.13 7.53
CA ASN B 326 -31.95 33.47 6.38
C ASN B 326 -30.84 32.87 5.54
N ASP B 327 -31.22 31.95 4.65
CA ASP B 327 -30.23 31.19 3.90
C ASP B 327 -29.35 32.09 3.05
N LEU B 328 -29.77 33.33 2.82
CA LEU B 328 -28.96 34.24 2.01
C LEU B 328 -27.64 34.55 2.68
N SER B 329 -27.64 34.71 4.00
CA SER B 329 -26.39 34.99 4.71
C SER B 329 -25.45 33.80 4.64
N LEU B 330 -25.99 32.59 4.80
CA LEU B 330 -25.18 31.40 4.66
C LEU B 330 -24.59 31.30 3.27
N TYR B 331 -25.40 31.58 2.25
CA TYR B 331 -24.89 31.56 0.88
C TYR B 331 -23.84 32.63 0.68
N ASN B 332 -23.98 33.77 1.36
CA ASN B 332 -22.97 34.81 1.29
C ASN B 332 -21.65 34.31 1.85
N LEU B 333 -21.69 33.62 2.98
CA LEU B 333 -20.47 33.06 3.55
C LEU B 333 -19.83 32.06 2.61
N PHE B 334 -20.64 31.14 2.06
CA PHE B 334 -20.08 30.12 1.19
C PHE B 334 -19.56 30.71 -0.10
N LEU B 335 -20.19 31.79 -0.58
CA LEU B 335 -19.69 32.49 -1.76
C LEU B 335 -18.38 33.19 -1.44
N GLU B 336 -18.30 33.85 -0.29
CA GLU B 336 -17.06 34.48 0.11
C GLU B 336 -15.93 33.48 0.21
N GLU B 337 -16.26 32.23 0.58
CA GLU B 337 -15.22 31.22 0.66
C GLU B 337 -14.83 30.70 -0.71
N ASN B 338 -15.80 30.22 -1.49
CA ASN B 338 -15.51 29.52 -2.74
C ASN B 338 -15.40 30.46 -3.94
N ILE B 339 -15.42 31.77 -3.72
CA ILE B 339 -15.49 32.70 -4.85
C ILE B 339 -14.11 32.88 -5.47
N SER B 340 -13.06 32.53 -4.74
CA SER B 340 -11.71 32.68 -5.27
C SER B 340 -11.48 31.73 -6.44
N GLU B 341 -12.25 30.65 -6.50
CA GLU B 341 -12.16 29.73 -7.64
C GLU B 341 -12.74 30.36 -8.90
N VAL B 342 -13.61 31.36 -8.74
CA VAL B 342 -14.24 31.99 -9.88
C VAL B 342 -13.28 32.97 -10.54
N LYS B 343 -12.91 32.68 -11.79
CA LYS B 343 -11.95 33.52 -12.50
C LYS B 343 -12.50 34.91 -12.75
N SER B 344 -13.77 34.99 -13.16
CA SER B 344 -14.39 36.29 -13.38
C SER B 344 -14.34 37.15 -12.13
N TYR B 345 -14.60 36.55 -10.97
CA TYR B 345 -14.49 37.29 -9.73
C TYR B 345 -13.07 37.79 -9.51
N LYS B 346 -12.07 36.96 -9.84
CA LYS B 346 -10.70 37.37 -9.64
C LYS B 346 -10.36 38.59 -10.49
N CYS B 347 -10.71 38.55 -11.78
CA CYS B 347 -10.43 39.69 -12.64
C CYS B 347 -11.20 40.93 -12.22
N LEU B 348 -12.47 40.75 -11.83
CA LEU B 348 -13.25 41.90 -11.39
C LEU B 348 -12.66 42.51 -10.13
N LYS B 349 -12.14 41.67 -9.23
CA LYS B 349 -11.53 42.22 -8.03
C LYS B 349 -10.22 42.92 -8.34
N VAL B 350 -9.48 42.42 -9.34
CA VAL B 350 -8.33 43.17 -9.83
C VAL B 350 -8.73 44.56 -10.29
N LEU B 351 -9.77 44.66 -11.12
CA LEU B 351 -10.22 45.98 -11.56
C LEU B 351 -10.70 46.83 -10.40
N GLU B 352 -11.39 46.22 -9.43
CA GLU B 352 -11.92 46.99 -8.31
C GLU B 352 -10.80 47.55 -7.45
N ASN B 353 -9.74 46.78 -7.24
CA ASN B 353 -8.60 47.26 -6.47
C ASN B 353 -7.88 48.38 -7.20
N ILE B 354 -7.73 48.24 -8.52
CA ILE B 354 -7.14 49.30 -9.32
C ILE B 354 -7.98 50.57 -9.22
N LYS B 355 -9.30 50.41 -9.15
CA LYS B 355 -10.20 51.55 -9.06
C LYS B 355 -9.99 52.37 -7.79
N SER B 356 -9.29 51.80 -6.81
CA SER B 356 -8.96 52.56 -5.60
C SER B 356 -8.12 53.78 -5.95
N SER B 357 -7.16 53.61 -6.87
CA SER B 357 -6.41 54.76 -7.36
C SER B 357 -7.27 55.65 -8.24
N GLY B 358 -8.15 55.05 -9.04
CA GLY B 358 -9.04 55.80 -9.90
C GLY B 358 -8.38 56.38 -11.14
N GLN B 359 -7.29 55.78 -11.62
CA GLN B 359 -6.58 56.35 -12.76
C GLN B 359 -7.42 56.26 -14.03
N GLY B 360 -7.78 55.04 -14.45
CA GLY B 360 -8.48 54.89 -15.72
C GLY B 360 -9.98 54.80 -15.55
N ILE B 361 -10.57 53.71 -16.06
CA ILE B 361 -12.02 53.53 -16.04
C ILE B 361 -12.32 52.03 -16.05
N ASP B 362 -13.45 51.65 -15.47
CA ASP B 362 -13.83 50.25 -15.33
C ASP B 362 -14.05 49.56 -16.67
N PRO B 363 -14.90 50.10 -17.56
CA PRO B 363 -15.15 49.37 -18.82
C PRO B 363 -13.93 49.30 -19.72
N MET B 364 -13.10 50.35 -19.73
CA MET B 364 -11.89 50.32 -20.54
C MET B 364 -10.94 49.23 -20.05
N LEU B 365 -10.68 49.18 -18.75
CA LEU B 365 -9.80 48.16 -18.20
C LEU B 365 -10.40 46.77 -18.38
N LEU B 366 -11.72 46.66 -18.33
CA LEU B 366 -12.36 45.37 -18.56
C LEU B 366 -12.14 44.90 -19.99
N LEU B 367 -12.35 45.80 -20.97
CA LEU B 367 -12.09 45.46 -22.36
C LEU B 367 -10.62 45.10 -22.56
N THR B 368 -9.73 45.79 -21.85
CA THR B 368 -8.30 45.45 -21.93
C THR B 368 -8.05 44.05 -21.39
N ASN B 369 -8.72 43.72 -20.28
CA ASN B 369 -8.62 42.44 -19.54
C ASN B 369 -8.49 41.25 -20.50
N LEU B 370 -9.54 41.01 -21.29
CA LEU B 370 -9.65 39.93 -22.31
C LEU B 370 -9.49 38.56 -21.64
N GLY B 371 -10.33 38.27 -20.65
CA GLY B 371 -10.31 36.98 -19.93
C GLY B 371 -11.70 36.38 -19.83
N MET B 372 -12.23 35.89 -20.96
CA MET B 372 -13.59 35.28 -21.01
C MET B 372 -13.63 34.04 -20.10
N ILE B 373 -12.57 33.23 -20.14
CA ILE B 373 -12.50 31.98 -19.33
C ILE B 373 -11.04 31.48 -19.32
N ALA C 2 -5.21 0.14 18.21
CA ALA C 2 -5.42 1.39 18.94
C ALA C 2 -6.85 1.87 18.80
N ILE C 3 -7.35 2.55 19.84
CA ILE C 3 -8.71 3.07 19.82
C ILE C 3 -8.92 4.02 18.66
N ALA C 4 -7.96 4.94 18.46
CA ALA C 4 -8.15 5.96 17.44
C ALA C 4 -8.13 5.36 16.04
N GLN C 5 -7.38 4.27 15.84
CA GLN C 5 -7.40 3.61 14.55
C GLN C 5 -8.77 3.02 14.24
N LEU C 6 -9.38 2.35 15.23
CA LEU C 6 -10.72 1.83 15.05
C LEU C 6 -11.71 2.96 14.82
N ALA C 7 -11.56 4.06 15.54
CA ALA C 7 -12.43 5.21 15.34
C ALA C 7 -12.36 5.68 13.90
N THR C 8 -11.15 5.94 13.39
CA THR C 8 -11.01 6.32 11.99
C THR C 8 -11.69 5.31 11.09
N GLU C 9 -11.30 4.04 11.21
CA GLU C 9 -11.77 3.01 10.29
C GLU C 9 -13.28 2.90 10.25
N TYR C 10 -13.95 3.09 11.39
CA TYR C 10 -15.36 2.75 11.45
C TYR C 10 -16.31 3.94 11.55
N VAL C 11 -15.83 5.15 11.80
CA VAL C 11 -16.71 6.31 11.68
C VAL C 11 -16.11 7.33 10.72
N PHE C 12 -14.80 7.57 10.82
CA PHE C 12 -14.22 8.67 10.05
C PHE C 12 -13.85 8.24 8.65
N SER C 13 -13.54 6.97 8.46
CA SER C 13 -13.37 6.44 7.13
C SER C 13 -14.72 6.27 6.45
N ASP C 14 -14.69 6.07 5.13
CA ASP C 14 -15.93 5.86 4.39
C ASP C 14 -16.34 4.40 4.48
N PHE C 15 -16.43 3.87 5.69
CA PHE C 15 -16.81 2.48 5.88
C PHE C 15 -18.27 2.29 5.52
N LEU C 16 -18.52 1.37 4.59
CA LEU C 16 -19.85 1.10 4.03
C LEU C 16 -20.47 2.34 3.40
N LEU C 17 -19.67 3.34 3.06
CA LEU C 17 -20.11 4.48 2.29
C LEU C 17 -19.50 4.50 0.89
N LYS C 18 -18.82 3.42 0.51
CA LYS C 18 -18.18 3.35 -0.79
C LYS C 18 -19.23 3.30 -1.90
N GLU C 19 -19.10 4.21 -2.86
CA GLU C 19 -19.92 4.15 -4.05
C GLU C 19 -19.59 2.88 -4.84
N PRO C 20 -20.56 2.34 -5.57
CA PRO C 20 -20.31 1.13 -6.36
C PRO C 20 -19.19 1.35 -7.37
N THR C 21 -18.09 0.64 -7.17
CA THR C 21 -16.93 0.79 -8.03
C THR C 21 -17.18 0.12 -9.38
N GLU C 22 -17.95 0.82 -10.23
CA GLU C 22 -18.31 0.31 -11.55
C GLU C 22 -18.89 1.45 -12.38
N PRO C 23 -18.65 1.46 -13.69
CA PRO C 23 -19.21 2.52 -14.54
C PRO C 23 -20.68 2.33 -14.92
N LYS C 24 -21.32 1.27 -14.44
CA LYS C 24 -22.75 1.09 -14.72
C LYS C 24 -23.59 2.11 -13.97
N PHE C 25 -23.30 2.32 -12.70
CA PHE C 25 -23.96 3.35 -11.89
C PHE C 25 -22.94 4.43 -11.58
N LYS C 26 -23.02 5.53 -12.30
CA LYS C 26 -22.07 6.65 -12.18
C LYS C 26 -22.78 7.80 -11.47
N GLY C 27 -22.45 7.99 -10.19
CA GLY C 27 -23.08 9.01 -9.39
C GLY C 27 -24.48 8.68 -8.93
N LEU C 28 -25.06 7.56 -9.36
CA LEU C 28 -26.38 7.14 -8.92
C LEU C 28 -26.24 6.51 -7.55
N ARG C 29 -27.10 6.92 -6.61
CA ARG C 29 -26.96 6.47 -5.24
C ARG C 29 -27.43 5.04 -5.07
N LEU C 30 -28.64 4.73 -5.52
CA LEU C 30 -29.27 3.41 -5.46
C LEU C 30 -29.55 2.96 -4.03
N GLU C 31 -29.21 3.77 -3.03
CA GLU C 31 -29.55 3.50 -1.64
C GLU C 31 -29.88 4.83 -0.98
N LEU C 32 -31.11 4.96 -0.50
CA LEU C 32 -31.55 6.20 0.10
C LEU C 32 -30.64 6.58 1.27
N ALA C 33 -30.41 7.88 1.42
CA ALA C 33 -29.46 8.36 2.42
C ALA C 33 -29.81 7.84 3.81
N VAL C 34 -31.10 7.82 4.15
CA VAL C 34 -31.50 7.30 5.45
C VAL C 34 -31.24 5.80 5.52
N ASP C 35 -31.42 5.09 4.41
CA ASP C 35 -31.12 3.67 4.40
C ASP C 35 -29.62 3.42 4.47
N LYS C 36 -28.84 4.23 3.77
CA LYS C 36 -27.39 4.09 3.84
C LYS C 36 -26.88 4.34 5.25
N MET C 37 -27.42 5.36 5.93
CA MET C 37 -26.97 5.62 7.28
C MET C 37 -27.46 4.57 8.27
N VAL C 38 -28.67 4.05 8.09
CA VAL C 38 -29.14 2.98 8.95
C VAL C 38 -28.26 1.74 8.79
N THR C 39 -27.91 1.40 7.55
CA THR C 39 -27.01 0.28 7.34
C THR C 39 -25.66 0.54 7.96
N CYS C 40 -25.09 1.72 7.72
CA CYS C 40 -23.78 2.05 8.27
C CYS C 40 -23.78 1.92 9.78
N ILE C 41 -24.79 2.47 10.45
CA ILE C 41 -24.85 2.38 11.90
C ILE C 41 -25.02 0.93 12.33
N ALA C 42 -26.10 0.28 11.87
CA ALA C 42 -26.44 -1.05 12.36
C ALA C 42 -25.36 -2.07 12.07
N VAL C 43 -24.47 -1.78 11.12
CA VAL C 43 -23.42 -2.74 10.81
C VAL C 43 -22.11 -2.36 11.48
N GLY C 44 -21.72 -1.08 11.39
CA GLY C 44 -20.43 -0.68 11.91
C GLY C 44 -20.41 -0.57 13.42
N LEU C 45 -21.56 -0.28 14.03
CA LEU C 45 -21.60 -0.17 15.49
C LEU C 45 -21.26 -1.48 16.19
N PRO C 46 -21.86 -2.62 15.83
CA PRO C 46 -21.40 -3.86 16.45
C PRO C 46 -19.95 -4.17 16.15
N LEU C 47 -19.47 -3.85 14.95
CA LEU C 47 -18.07 -4.09 14.63
C LEU C 47 -17.16 -3.17 15.44
N LEU C 48 -17.54 -1.90 15.52
CA LEU C 48 -16.75 -0.89 16.28
C LEU C 48 -16.74 -1.28 17.76
N LEU C 49 -17.84 -1.84 18.25
CA LEU C 49 -17.98 -2.28 19.66
C LEU C 49 -17.10 -3.50 19.88
N ILE C 50 -17.13 -4.48 18.96
CA ILE C 50 -16.26 -5.64 19.08
C ILE C 50 -14.80 -5.19 19.15
N SER C 51 -14.41 -4.30 18.25
CA SER C 51 -13.02 -3.86 18.23
C SER C 51 -12.64 -3.09 19.49
N LEU C 52 -13.62 -2.38 20.05
CA LEU C 52 -13.37 -1.64 21.31
C LEU C 52 -13.21 -2.65 22.43
N ALA C 53 -14.07 -3.66 22.52
CA ALA C 53 -14.10 -4.57 23.67
C ALA C 53 -12.76 -5.25 23.89
N PHE C 54 -11.89 -5.22 22.90
CA PHE C 54 -10.57 -5.82 23.01
C PHE C 54 -9.46 -4.85 22.62
N ALA C 55 -9.73 -3.56 22.70
CA ALA C 55 -8.68 -2.57 22.56
C ALA C 55 -7.56 -2.89 23.54
N GLN C 56 -6.31 -2.74 23.07
CA GLN C 56 -5.18 -3.23 23.85
C GLN C 56 -5.07 -2.53 25.20
N GLU C 57 -5.70 -1.38 25.35
CA GLU C 57 -5.60 -0.65 26.62
C GLU C 57 -6.78 -0.93 27.53
N ILE C 58 -7.85 -1.49 26.99
CA ILE C 58 -8.97 -1.88 27.86
C ILE C 58 -8.82 -3.34 28.28
N SER C 59 -8.19 -4.16 27.45
CA SER C 59 -7.92 -5.54 27.80
C SER C 59 -6.73 -5.60 28.75
N ILE C 60 -6.91 -6.25 29.89
CA ILE C 60 -5.80 -6.41 30.82
C ILE C 60 -4.91 -7.57 30.39
N GLY C 61 -5.46 -8.52 29.66
CA GLY C 61 -4.72 -9.70 29.29
C GLY C 61 -5.63 -10.79 28.77
N THR C 62 -5.54 -11.98 29.35
CA THR C 62 -6.40 -13.08 28.95
C THR C 62 -7.86 -12.74 29.22
N GLN C 63 -8.75 -13.52 28.60
CA GLN C 63 -10.18 -13.29 28.78
C GLN C 63 -10.71 -14.01 30.01
N ILE C 64 -9.93 -14.92 30.58
CA ILE C 64 -10.35 -15.69 31.74
C ILE C 64 -9.16 -15.82 32.67
N SER C 65 -9.42 -15.84 33.98
CA SER C 65 -8.41 -16.07 35.00
C SER C 65 -9.05 -16.93 36.08
N CYS C 66 -8.30 -17.91 36.60
CA CYS C 66 -8.92 -18.96 37.38
C CYS C 66 -8.38 -19.11 38.80
N PHE C 67 -7.27 -18.46 39.15
CA PHE C 67 -6.73 -18.54 40.52
C PHE C 67 -6.48 -19.97 40.97
N SER C 68 -5.52 -20.63 40.36
CA SER C 68 -5.04 -21.92 40.84
C SER C 68 -4.38 -21.73 42.20
N PRO C 69 -4.20 -22.81 42.96
CA PRO C 69 -3.49 -22.69 44.24
C PRO C 69 -2.06 -22.24 44.05
N SER C 70 -1.43 -21.85 45.17
CA SER C 70 -0.05 -21.37 45.11
C SER C 70 0.90 -22.50 44.78
N SER C 71 0.56 -23.73 45.15
CA SER C 71 1.43 -24.86 44.89
C SER C 71 1.51 -25.17 43.41
N PHE C 72 0.47 -24.82 42.66
CA PHE C 72 0.45 -25.08 41.23
C PHE C 72 1.57 -24.32 40.53
N SER C 73 2.20 -24.97 39.54
CA SER C 73 3.26 -24.29 38.74
C SER C 73 2.59 -23.32 37.77
N ALA C 74 3.37 -22.47 37.10
CA ALA C 74 2.80 -21.49 36.16
C ALA C 74 2.12 -22.23 35.01
N ARG C 75 2.73 -23.30 34.51
CA ARG C 75 2.12 -24.12 33.42
C ARG C 75 0.86 -24.83 33.95
N GLN C 76 0.87 -25.32 35.18
CA GLN C 76 -0.33 -25.96 35.78
C GLN C 76 -1.45 -24.91 35.87
N ALA C 77 -1.11 -23.67 36.24
CA ALA C 77 -2.11 -22.58 36.30
C ALA C 77 -2.63 -22.32 34.88
N ALA C 78 -1.74 -22.32 33.89
CA ALA C 78 -2.16 -22.08 32.48
C ALA C 78 -3.11 -23.19 32.05
N PHE C 79 -2.87 -24.44 32.47
CA PHE C 79 -3.78 -25.51 32.13
C PHE C 79 -5.15 -25.28 32.75
N VAL C 80 -5.20 -24.85 34.01
CA VAL C 80 -6.49 -24.61 34.63
C VAL C 80 -7.25 -23.52 33.90
N ASP C 81 -6.56 -22.42 33.57
CA ASP C 81 -7.20 -21.33 32.84
C ASP C 81 -7.76 -21.82 31.51
N SER C 82 -6.93 -22.48 30.70
CA SER C 82 -7.37 -22.90 29.38
C SER C 82 -8.45 -23.98 29.47
N TYR C 83 -8.34 -24.88 30.45
CA TYR C 83 -9.36 -25.90 30.62
C TYR C 83 -10.70 -25.28 30.94
N CYS C 84 -10.73 -24.33 31.86
CA CYS C 84 -12.01 -23.74 32.23
C CYS C 84 -12.57 -22.89 31.09
N TRP C 85 -11.69 -22.21 30.36
CA TRP C 85 -12.11 -21.49 29.16
C TRP C 85 -12.81 -22.43 28.19
N ALA C 86 -12.22 -23.60 27.95
CA ALA C 86 -12.85 -24.56 27.05
C ALA C 86 -14.02 -25.26 27.72
N ALA C 87 -14.11 -25.17 29.04
CA ALA C 87 -15.09 -25.90 29.82
C ALA C 87 -16.33 -25.08 30.12
N VAL C 88 -16.38 -23.82 29.71
CA VAL C 88 -17.65 -23.10 29.79
C VAL C 88 -18.71 -23.79 28.92
N GLN C 89 -18.27 -24.60 27.95
CA GLN C 89 -19.22 -25.34 27.15
C GLN C 89 -19.67 -26.62 27.86
N GLN C 90 -18.73 -27.44 28.30
CA GLN C 90 -19.06 -28.71 28.96
C GLN C 90 -19.76 -28.40 30.27
N LYS C 91 -21.07 -28.65 30.31
CA LYS C 91 -21.88 -28.20 31.43
C LYS C 91 -21.57 -28.99 32.71
N ASN C 92 -21.00 -30.19 32.56
CA ASN C 92 -20.75 -31.03 33.73
C ASN C 92 -19.61 -30.47 34.57
N SER C 93 -18.63 -29.82 33.93
CA SER C 93 -17.43 -29.40 34.65
C SER C 93 -17.69 -28.18 35.52
N LEU C 94 -18.39 -27.19 34.98
CA LEU C 94 -18.51 -25.89 35.65
C LEU C 94 -19.85 -25.79 36.36
N GLN C 95 -19.86 -25.17 37.53
CA GLN C 95 -21.06 -24.90 38.30
C GLN C 95 -21.18 -23.40 38.50
N SER C 96 -22.20 -22.79 37.91
CA SER C 96 -22.41 -21.35 38.01
C SER C 96 -23.80 -21.07 38.56
N GLU C 97 -23.90 -20.04 39.39
CA GLU C 97 -25.18 -19.70 39.99
C GLU C 97 -26.19 -19.24 38.95
N SER C 98 -25.75 -18.46 37.96
CA SER C 98 -26.68 -17.95 36.96
C SER C 98 -27.05 -19.02 35.94
N GLY C 99 -26.12 -19.91 35.64
CA GLY C 99 -26.35 -20.96 34.66
C GLY C 99 -25.25 -20.99 33.60
N ASN C 100 -25.37 -22.00 32.73
CA ASN C 100 -24.36 -22.17 31.69
C ASN C 100 -24.62 -21.24 30.52
N LEU C 101 -25.87 -20.85 30.31
CA LEU C 101 -26.19 -19.92 29.22
C LEU C 101 -25.47 -18.59 29.37
N PRO C 102 -25.43 -17.94 30.53
CA PRO C 102 -24.62 -16.73 30.64
C PRO C 102 -23.16 -16.97 30.30
N LEU C 103 -22.62 -18.14 30.66
CA LEU C 103 -21.23 -18.43 30.35
C LEU C 103 -21.02 -18.52 28.84
N TRP C 104 -21.90 -19.24 28.15
CA TRP C 104 -21.86 -19.28 26.69
C TRP C 104 -21.91 -17.88 26.11
N LEU C 105 -22.82 -17.04 26.61
CA LEU C 105 -22.98 -15.72 26.06
C LEU C 105 -21.77 -14.85 26.33
N HIS C 106 -21.09 -15.07 27.47
CA HIS C 106 -19.92 -14.27 27.80
C HIS C 106 -18.73 -14.68 26.95
N LYS C 107 -18.57 -15.97 26.69
CA LYS C 107 -17.45 -16.40 25.86
C LYS C 107 -17.63 -15.96 24.42
N PHE C 108 -18.85 -16.09 23.89
CA PHE C 108 -19.11 -15.89 22.47
C PHE C 108 -19.80 -14.56 22.18
N PHE C 109 -19.66 -13.59 23.07
CA PHE C 109 -20.23 -12.27 22.79
C PHE C 109 -19.69 -11.64 21.52
N PRO C 110 -18.37 -11.65 21.24
CA PRO C 110 -17.92 -11.10 19.96
C PRO C 110 -18.51 -11.81 18.77
N TYR C 111 -18.65 -13.13 18.83
CA TYR C 111 -19.24 -13.87 17.74
C TYR C 111 -20.69 -13.47 17.52
N ILE C 112 -21.42 -13.26 18.61
CA ILE C 112 -22.83 -12.90 18.47
C ILE C 112 -22.98 -11.50 17.89
N LEU C 113 -22.11 -10.58 18.32
CA LEU C 113 -22.16 -9.25 17.72
C LEU C 113 -21.79 -9.28 16.25
N LEU C 114 -20.78 -10.06 15.88
CA LEU C 114 -20.44 -10.18 14.46
C LEU C 114 -21.58 -10.82 13.68
N LEU C 115 -22.26 -11.78 14.29
CA LEU C 115 -23.42 -12.40 13.64
C LEU C 115 -24.50 -11.36 13.38
N PHE C 116 -24.75 -10.50 14.36
CA PHE C 116 -25.75 -9.45 14.17
C PHE C 116 -25.31 -8.48 13.09
N ALA C 117 -24.03 -8.14 13.07
CA ALA C 117 -23.53 -7.25 12.02
C ALA C 117 -23.73 -7.86 10.64
N ILE C 118 -23.42 -9.15 10.49
CA ILE C 118 -23.58 -9.82 9.21
C ILE C 118 -25.04 -9.89 8.80
N LEU C 119 -25.92 -10.31 9.72
CA LEU C 119 -27.34 -10.39 9.40
C LEU C 119 -27.91 -9.01 9.06
N LEU C 120 -27.38 -7.96 9.67
CA LEU C 120 -27.87 -6.63 9.36
C LEU C 120 -27.31 -6.13 8.05
N TYR C 121 -26.15 -6.65 7.65
CA TYR C 121 -25.59 -6.31 6.34
C TYR C 121 -26.27 -7.07 5.21
N LEU C 122 -26.89 -8.21 5.52
CA LEU C 122 -27.48 -9.04 4.47
C LEU C 122 -28.60 -8.35 3.69
N PRO C 123 -29.59 -7.69 4.30
CA PRO C 123 -30.66 -7.07 3.51
C PRO C 123 -30.15 -5.96 2.61
N PRO C 124 -29.25 -5.08 3.08
CA PRO C 124 -28.68 -4.11 2.12
C PRO C 124 -27.93 -4.76 0.98
N LEU C 125 -27.28 -5.90 1.23
CA LEU C 125 -26.60 -6.61 0.16
C LEU C 125 -27.60 -7.17 -0.85
N PHE C 126 -28.69 -7.76 -0.35
CA PHE C 126 -29.73 -8.26 -1.24
C PHE C 126 -30.33 -7.13 -2.06
N TRP C 127 -30.50 -5.96 -1.45
CA TRP C 127 -30.99 -4.83 -2.22
C TRP C 127 -29.98 -4.37 -3.26
N ARG C 128 -28.70 -4.36 -2.90
CA ARG C 128 -27.66 -3.89 -3.81
C ARG C 128 -27.49 -4.82 -5.00
N PHE C 129 -27.81 -6.10 -4.82
CA PHE C 129 -27.58 -7.06 -5.90
C PHE C 129 -28.85 -7.43 -6.67
N ALA C 130 -29.98 -7.58 -5.99
CA ALA C 130 -31.18 -8.06 -6.65
C ALA C 130 -31.99 -6.91 -7.24
N ALA C 131 -32.13 -5.81 -6.50
CA ALA C 131 -33.03 -4.74 -6.91
C ALA C 131 -32.33 -3.44 -7.26
N ALA C 132 -31.04 -3.29 -6.97
CA ALA C 132 -30.35 -2.04 -7.29
C ALA C 132 -30.13 -1.84 -8.78
N PRO C 133 -29.69 -2.85 -9.56
CA PRO C 133 -29.52 -2.59 -11.00
C PRO C 133 -30.83 -2.32 -11.72
N HIS C 134 -31.90 -3.00 -11.33
CA HIS C 134 -33.20 -2.78 -11.95
C HIS C 134 -33.62 -1.32 -11.81
N ILE C 135 -33.42 -0.75 -10.62
CA ILE C 135 -33.80 0.64 -10.41
C ILE C 135 -32.75 1.57 -11.01
N CYS C 136 -31.50 1.11 -11.11
CA CYS C 136 -30.45 1.96 -11.64
C CYS C 136 -30.64 2.22 -13.13
N SER C 137 -30.90 1.16 -13.89
CA SER C 137 -31.15 1.33 -15.31
C SER C 137 -32.34 2.24 -15.56
N ASP C 138 -33.45 1.99 -14.86
CA ASP C 138 -34.64 2.81 -15.04
C ASP C 138 -34.39 4.26 -14.67
N LEU C 139 -33.66 4.50 -13.57
CA LEU C 139 -33.43 5.86 -13.12
C LEU C 139 -32.51 6.59 -14.09
N LYS C 140 -31.47 5.91 -14.58
CA LYS C 140 -30.60 6.53 -15.57
C LYS C 140 -31.36 6.86 -16.84
N PHE C 141 -32.26 5.96 -17.27
CA PHE C 141 -33.06 6.25 -18.44
C PHE C 141 -33.99 7.44 -18.21
N ILE C 142 -34.59 7.52 -17.01
CA ILE C 142 -35.49 8.63 -16.72
C ILE C 142 -34.73 9.95 -16.71
N MET C 143 -33.53 9.95 -16.13
CA MET C 143 -32.73 11.17 -16.12
C MET C 143 -32.32 11.57 -17.53
N GLU C 144 -31.90 10.61 -18.36
CA GLU C 144 -31.56 10.93 -19.74
C GLU C 144 -32.76 11.48 -20.49
N GLU C 145 -33.93 10.88 -20.30
CA GLU C 145 -35.13 11.35 -20.99
C GLU C 145 -35.52 12.74 -20.52
N LEU C 146 -35.33 13.03 -19.24
CA LEU C 146 -35.64 14.37 -18.75
C LEU C 146 -34.70 15.41 -19.32
N ASP C 147 -33.40 15.10 -19.38
CA ASP C 147 -32.46 16.01 -20.02
C ASP C 147 -32.81 16.22 -21.48
N LYS C 148 -33.24 15.15 -22.16
CA LYS C 148 -33.58 15.26 -23.58
C LYS C 148 -34.82 16.13 -23.77
N VAL C 149 -35.84 15.93 -22.95
CA VAL C 149 -37.06 16.73 -23.10
C VAL C 149 -36.77 18.19 -22.78
N TYR C 150 -35.88 18.44 -21.81
CA TYR C 150 -35.50 19.83 -21.51
C TYR C 150 -34.78 20.46 -22.70
N ASN C 151 -33.83 19.73 -23.29
CA ASN C 151 -33.11 20.24 -24.45
C ASN C 151 -34.08 20.53 -25.59
N ARG C 152 -35.03 19.63 -25.84
CA ARG C 152 -35.97 19.82 -26.93
C ARG C 152 -36.89 21.01 -26.65
N ALA C 153 -37.30 21.19 -25.40
CA ALA C 153 -38.16 22.31 -25.05
C ALA C 153 -37.44 23.64 -25.26
N ILE C 154 -36.17 23.72 -24.86
CA ILE C 154 -35.45 24.98 -25.03
C ILE C 154 -35.09 25.20 -26.49
N LYS C 155 -34.90 24.12 -27.25
CA LYS C 155 -34.65 24.27 -28.67
C LYS C 155 -35.88 24.78 -29.40
N ALA C 156 -37.06 24.28 -29.02
CA ALA C 156 -38.31 24.80 -29.58
C ALA C 156 -38.51 26.25 -29.17
N ALA C 157 -38.19 26.58 -27.91
CA ALA C 157 -38.31 27.97 -27.46
C ALA C 157 -37.29 28.85 -28.16
N LYS C 158 -36.06 28.33 -28.38
CA LYS C 158 -35.05 29.13 -29.07
C LYS C 158 -35.44 29.38 -30.51
N SER C 159 -36.02 28.38 -31.18
CA SER C 159 -36.48 28.56 -32.55
C SER C 159 -37.63 29.56 -32.61
N ALA C 160 -38.47 29.58 -31.58
CA ALA C 160 -39.54 30.57 -31.52
C ALA C 160 -38.98 31.98 -31.33
N ARG C 161 -37.93 32.11 -30.53
CA ARG C 161 -37.29 33.41 -30.34
C ARG C 161 -36.63 33.89 -31.62
N ASP C 162 -36.20 32.95 -32.47
CA ASP C 162 -35.59 33.30 -33.75
C ASP C 162 -36.65 33.65 -34.79
N PHE C 191 -43.76 13.78 -33.53
CA PHE C 191 -43.32 13.19 -32.28
C PHE C 191 -44.09 13.79 -31.09
N LYS C 192 -43.36 14.43 -30.19
CA LYS C 192 -43.94 15.07 -29.00
C LYS C 192 -44.74 14.06 -28.17
N TYR C 193 -44.09 12.98 -27.77
CA TYR C 193 -44.73 11.94 -26.97
C TYR C 193 -44.18 11.97 -25.55
N PRO C 194 -45.02 12.05 -24.52
CA PRO C 194 -44.51 12.00 -23.15
C PRO C 194 -44.06 10.60 -22.78
N ILE C 195 -42.86 10.22 -23.22
CA ILE C 195 -42.40 8.85 -23.03
C ILE C 195 -42.08 8.59 -21.57
N VAL C 196 -41.44 9.54 -20.90
CA VAL C 196 -41.06 9.33 -19.50
C VAL C 196 -42.31 9.34 -18.62
N GLU C 197 -43.30 10.18 -18.96
CA GLU C 197 -44.55 10.18 -18.21
C GLU C 197 -45.27 8.86 -18.36
N GLN C 198 -45.28 8.29 -19.57
CA GLN C 198 -45.91 6.99 -19.77
C GLN C 198 -45.14 5.90 -19.04
N TYR C 199 -43.81 6.00 -19.01
CA TYR C 199 -43.01 5.01 -18.30
C TYR C 199 -43.32 5.03 -16.80
N LEU C 200 -43.45 6.23 -16.22
CA LEU C 200 -43.78 6.33 -14.82
C LEU C 200 -45.21 5.87 -14.56
N LYS C 201 -46.14 6.18 -15.47
CA LYS C 201 -47.48 5.64 -15.36
C LYS C 201 -47.45 4.12 -15.33
N THR C 202 -46.56 3.51 -16.11
CA THR C 202 -46.43 2.05 -16.07
C THR C 202 -45.86 1.59 -14.74
N LYS C 203 -44.82 2.27 -14.25
CA LYS C 203 -44.27 1.94 -12.94
C LYS C 203 -45.32 1.99 -11.85
N LYS C 204 -46.32 2.87 -12.01
CA LYS C 204 -47.41 2.99 -11.05
C LYS C 204 -48.16 1.68 -10.86
N ASN C 205 -48.01 0.75 -11.81
CA ASN C 205 -48.81 -0.49 -11.79
C ASN C 205 -48.08 -1.59 -11.02
N SER C 206 -46.85 -1.90 -11.42
CA SER C 206 -46.13 -3.00 -10.79
C SER C 206 -45.59 -2.60 -9.42
N ASN C 207 -45.50 -3.57 -8.53
CA ASN C 207 -45.04 -3.35 -7.17
C ASN C 207 -43.92 -4.28 -6.75
N ASN C 208 -43.16 -4.84 -7.71
CA ASN C 208 -42.10 -5.78 -7.36
C ASN C 208 -40.98 -5.09 -6.60
N LEU C 209 -40.51 -3.95 -7.10
CA LEU C 209 -39.41 -3.26 -6.45
C LEU C 209 -39.80 -2.77 -5.07
N ILE C 210 -41.05 -2.35 -4.89
CA ILE C 210 -41.45 -1.80 -3.60
C ILE C 210 -41.59 -2.91 -2.57
N ILE C 211 -42.05 -4.10 -2.99
CA ILE C 211 -42.13 -5.18 -2.02
C ILE C 211 -40.73 -5.69 -1.69
N LYS C 212 -39.82 -5.68 -2.66
CA LYS C 212 -38.43 -5.99 -2.35
C LYS C 212 -37.86 -5.00 -1.34
N TYR C 213 -38.15 -3.72 -1.53
CA TYR C 213 -37.62 -2.69 -0.64
C TYR C 213 -38.20 -2.83 0.76
N ILE C 214 -39.52 -2.93 0.89
CA ILE C 214 -40.11 -3.03 2.22
C ILE C 214 -39.78 -4.37 2.84
N SER C 215 -39.45 -5.38 2.04
CA SER C 215 -39.04 -6.65 2.61
C SER C 215 -37.64 -6.57 3.19
N CYS C 216 -36.71 -5.93 2.48
CA CYS C 216 -35.38 -5.78 3.05
C CYS C 216 -35.43 -4.88 4.28
N ARG C 217 -36.25 -3.83 4.24
CA ARG C 217 -36.40 -2.97 5.42
C ARG C 217 -37.04 -3.74 6.58
N LEU C 218 -37.99 -4.63 6.28
CA LEU C 218 -38.66 -5.35 7.34
C LEU C 218 -37.73 -6.39 7.97
N LEU C 219 -36.90 -7.05 7.16
CA LEU C 219 -35.90 -7.94 7.73
C LEU C 219 -34.88 -7.15 8.54
N THR C 220 -34.50 -5.96 8.07
CA THR C 220 -33.60 -5.13 8.86
C THR C 220 -34.22 -4.79 10.21
N LEU C 221 -35.51 -4.44 10.22
CA LEU C 221 -36.18 -4.11 11.47
C LEU C 221 -36.30 -5.33 12.37
N ILE C 222 -36.60 -6.48 11.80
CA ILE C 222 -36.73 -7.70 12.59
C ILE C 222 -35.40 -8.06 13.24
N ILE C 223 -34.31 -7.97 12.47
CA ILE C 223 -33.01 -8.31 13.01
C ILE C 223 -32.58 -7.28 14.05
N ILE C 224 -32.91 -6.01 13.82
CA ILE C 224 -32.59 -4.99 14.81
C ILE C 224 -33.35 -5.23 16.10
N LEU C 225 -34.60 -5.65 16.00
CA LEU C 225 -35.38 -5.91 17.21
C LEU C 225 -34.88 -7.15 17.92
N LEU C 226 -34.49 -8.18 17.18
CA LEU C 226 -33.89 -9.36 17.81
C LEU C 226 -32.58 -9.01 18.49
N ALA C 227 -31.79 -8.14 17.87
CA ALA C 227 -30.54 -7.70 18.49
C ALA C 227 -30.82 -6.88 19.74
N CYS C 228 -31.84 -6.02 19.71
CA CYS C 228 -32.23 -5.29 20.89
C CYS C 228 -32.63 -6.24 22.01
N ILE C 229 -33.41 -7.27 21.68
CA ILE C 229 -33.84 -8.23 22.69
C ILE C 229 -32.64 -8.95 23.29
N TYR C 230 -31.73 -9.42 22.43
CA TYR C 230 -30.56 -10.13 22.92
C TYR C 230 -29.69 -9.23 23.78
N LEU C 231 -29.46 -7.99 23.35
CA LEU C 231 -28.57 -7.09 24.08
C LEU C 231 -29.20 -6.67 25.39
N GLY C 232 -30.52 -6.47 25.41
CA GLY C 232 -31.19 -6.15 26.66
C GLY C 232 -31.15 -7.31 27.63
N TYR C 233 -31.26 -8.54 27.11
CA TYR C 233 -31.11 -9.69 27.99
C TYR C 233 -29.70 -9.78 28.51
N TYR C 234 -28.70 -9.68 27.62
CA TYR C 234 -27.31 -9.84 28.02
C TYR C 234 -26.90 -8.78 29.03
N PHE C 235 -27.29 -7.53 28.79
CA PHE C 235 -27.00 -6.47 29.75
C PHE C 235 -27.73 -6.71 31.06
N SER C 236 -28.82 -7.48 31.03
CA SER C 236 -29.57 -7.74 32.25
C SER C 236 -28.94 -8.83 33.10
N LEU C 237 -27.85 -9.45 32.63
CA LEU C 237 -27.21 -10.49 33.42
C LEU C 237 -26.72 -9.95 34.75
N SER C 238 -26.54 -10.86 35.71
CA SER C 238 -26.33 -10.48 37.10
C SER C 238 -25.05 -9.69 37.32
N SER C 239 -24.15 -9.66 36.34
CA SER C 239 -22.83 -9.04 36.38
C SER C 239 -21.89 -9.83 37.28
N LEU C 240 -22.38 -10.83 38.00
CA LEU C 240 -21.56 -11.81 38.67
C LEU C 240 -21.63 -13.16 37.97
N SER C 241 -22.33 -13.23 36.83
CA SER C 241 -22.37 -14.45 36.05
C SER C 241 -21.04 -14.69 35.34
N ASP C 242 -20.15 -13.71 35.34
CA ASP C 242 -18.82 -13.91 34.80
C ASP C 242 -17.91 -14.67 35.74
N GLU C 243 -18.33 -14.88 36.98
CA GLU C 243 -17.60 -15.69 37.94
C GLU C 243 -18.25 -17.06 38.00
N PHE C 244 -17.52 -18.09 37.58
CA PHE C 244 -18.04 -19.43 37.60
C PHE C 244 -17.03 -20.34 38.24
N VAL C 245 -17.52 -21.37 38.92
CA VAL C 245 -16.67 -22.35 39.58
C VAL C 245 -16.40 -23.46 38.58
N CYS C 246 -15.13 -23.80 38.41
CA CYS C 246 -14.69 -24.75 37.40
C CYS C 246 -13.87 -25.84 38.06
N SER C 247 -14.03 -27.07 37.60
CA SER C 247 -13.41 -28.24 38.21
C SER C 247 -12.69 -29.05 37.13
N ILE C 248 -11.37 -29.09 37.19
CA ILE C 248 -10.62 -29.91 36.24
C ILE C 248 -10.46 -31.30 36.85
N LYS C 249 -11.51 -32.11 36.76
CA LYS C 249 -11.51 -33.43 37.37
C LYS C 249 -12.15 -34.47 36.48
N SER C 250 -12.06 -34.32 35.17
CA SER C 250 -12.46 -35.38 34.26
C SER C 250 -11.22 -36.15 33.81
N GLY C 251 -11.44 -37.39 33.40
CA GLY C 251 -10.32 -38.22 32.98
C GLY C 251 -9.51 -38.71 34.17
N ILE C 252 -8.20 -38.85 33.94
CA ILE C 252 -7.32 -39.38 34.99
C ILE C 252 -7.19 -38.40 36.15
N LEU C 253 -7.59 -37.14 35.97
CA LEU C 253 -7.49 -36.19 37.07
C LEU C 253 -8.64 -36.37 38.06
N ARG C 254 -9.60 -37.24 37.73
CA ARG C 254 -10.81 -37.34 38.53
C ARG C 254 -10.51 -37.69 39.98
N ASN C 255 -9.76 -38.76 40.20
CA ASN C 255 -9.48 -39.17 41.58
C ASN C 255 -8.13 -38.67 42.06
N ASP C 256 -7.49 -37.80 41.27
CA ASP C 256 -6.25 -37.18 41.70
C ASP C 256 -6.48 -36.34 42.96
N SER C 257 -5.45 -36.23 43.79
CA SER C 257 -5.59 -35.57 45.08
C SER C 257 -4.86 -34.24 45.16
N THR C 258 -3.76 -34.06 44.43
CA THR C 258 -3.03 -32.81 44.52
C THR C 258 -3.82 -31.65 43.91
N VAL C 259 -4.69 -31.94 42.96
CA VAL C 259 -5.51 -30.93 42.31
C VAL C 259 -6.74 -30.65 43.16
N PRO C 260 -7.05 -29.39 43.46
CA PRO C 260 -8.22 -29.09 44.29
C PRO C 260 -9.51 -29.41 43.57
N ASP C 261 -10.58 -29.48 44.36
CA ASP C 261 -11.86 -29.92 43.82
C ASP C 261 -12.40 -28.95 42.79
N GLN C 262 -12.25 -27.65 43.02
CA GLN C 262 -12.83 -26.66 42.14
C GLN C 262 -12.03 -25.37 42.19
N PHE C 263 -12.08 -24.63 41.09
CA PHE C 263 -11.34 -23.38 40.95
C PHE C 263 -12.32 -22.24 40.76
N GLN C 264 -11.97 -21.07 41.28
CA GLN C 264 -12.79 -19.88 41.12
C GLN C 264 -12.28 -19.11 39.90
N CYS C 265 -12.96 -19.28 38.78
CA CYS C 265 -12.61 -18.57 37.56
C CYS C 265 -13.49 -17.36 37.38
N LYS C 266 -12.96 -16.34 36.70
CA LYS C 266 -13.71 -15.15 36.37
C LYS C 266 -13.45 -14.78 34.91
N LEU C 267 -14.51 -14.48 34.19
CA LEU C 267 -14.38 -14.06 32.79
C LEU C 267 -14.14 -12.57 32.77
N ILE C 268 -12.87 -12.18 32.61
CA ILE C 268 -12.54 -10.78 32.45
C ILE C 268 -13.22 -10.25 31.20
N ALA C 269 -13.35 -8.92 31.13
CA ALA C 269 -13.94 -8.22 29.99
C ALA C 269 -15.41 -8.54 29.80
N VAL C 270 -16.10 -9.03 30.83
CA VAL C 270 -17.55 -9.19 30.74
C VAL C 270 -18.23 -7.89 31.12
N GLY C 271 -17.68 -7.15 32.09
CA GLY C 271 -18.19 -5.82 32.36
C GLY C 271 -18.09 -4.91 31.15
N ILE C 272 -16.99 -5.02 30.40
CA ILE C 272 -16.87 -4.28 29.16
C ILE C 272 -17.91 -4.73 28.16
N PHE C 273 -18.17 -6.04 28.10
CA PHE C 273 -19.19 -6.55 27.20
C PHE C 273 -20.56 -5.98 27.54
N GLN C 274 -20.89 -5.88 28.82
CA GLN C 274 -22.20 -5.38 29.19
C GLN C 274 -22.29 -3.87 28.95
N LEU C 275 -21.24 -3.14 29.27
CA LEU C 275 -21.24 -1.71 29.00
C LEU C 275 -21.33 -1.41 27.51
N LEU C 276 -20.79 -2.29 26.68
CA LEU C 276 -20.90 -2.06 25.23
C LEU C 276 -22.23 -2.56 24.71
N SER C 277 -22.81 -3.58 25.34
CA SER C 277 -24.09 -4.09 24.92
C SER C 277 -25.19 -3.08 25.21
N VAL C 278 -25.07 -2.34 26.30
CA VAL C 278 -26.08 -1.32 26.58
C VAL C 278 -25.96 -0.18 25.58
N ILE C 279 -24.75 0.15 25.16
CA ILE C 279 -24.57 1.17 24.13
C ILE C 279 -25.18 0.72 22.82
N ASN C 280 -24.89 -0.51 22.42
CA ASN C 280 -25.49 -1.06 21.21
C ASN C 280 -27.00 -1.09 21.30
N LEU C 281 -27.55 -1.45 22.46
CA LEU C 281 -28.99 -1.48 22.62
C LEU C 281 -29.61 -0.10 22.52
N VAL C 282 -28.96 0.91 23.12
CA VAL C 282 -29.46 2.27 23.04
C VAL C 282 -29.47 2.74 21.58
N VAL C 283 -28.35 2.54 20.88
CA VAL C 283 -28.29 2.98 19.50
C VAL C 283 -29.30 2.23 18.65
N TYR C 284 -29.54 0.95 18.96
CA TYR C 284 -30.45 0.17 18.16
C TYR C 284 -31.91 0.55 18.40
N VAL C 285 -32.25 0.92 19.64
CA VAL C 285 -33.62 1.34 19.91
C VAL C 285 -33.82 2.77 19.45
N LEU C 286 -32.73 3.50 19.20
CA LEU C 286 -32.87 4.77 18.51
C LEU C 286 -32.97 4.56 17.01
N LEU C 287 -32.39 3.48 16.50
CA LEU C 287 -32.40 3.22 15.06
C LEU C 287 -33.71 2.59 14.61
N ALA C 288 -34.34 1.79 15.47
CA ALA C 288 -35.56 1.10 15.08
C ALA C 288 -36.69 2.04 14.66
N PRO C 289 -36.94 3.16 15.34
CA PRO C 289 -37.96 4.08 14.81
C PRO C 289 -37.62 4.62 13.44
N VAL C 290 -36.33 4.82 13.16
CA VAL C 290 -35.92 5.28 11.84
C VAL C 290 -36.28 4.25 10.78
N VAL C 291 -36.03 2.98 11.07
CA VAL C 291 -36.37 1.93 10.11
C VAL C 291 -37.88 1.83 9.94
N VAL C 292 -38.63 1.95 11.05
CA VAL C 292 -40.08 1.88 10.97
C VAL C 292 -40.62 3.02 10.11
N TYR C 293 -40.07 4.22 10.28
CA TYR C 293 -40.48 5.34 9.45
C TYR C 293 -40.10 5.11 7.99
N THR C 294 -38.91 4.57 7.75
CA THR C 294 -38.51 4.22 6.39
C THR C 294 -39.49 3.25 5.76
N LEU C 295 -40.08 2.37 6.57
CA LEU C 295 -40.98 1.35 6.05
C LEU C 295 -42.17 1.97 5.33
N PHE C 296 -42.59 3.16 5.75
CA PHE C 296 -43.72 3.85 5.13
C PHE C 296 -43.22 4.70 3.96
N VAL C 297 -43.00 4.02 2.84
CA VAL C 297 -42.43 4.64 1.64
C VAL C 297 -43.34 5.68 1.00
N PRO C 298 -44.70 5.54 0.98
CA PRO C 298 -45.49 6.59 0.33
C PRO C 298 -45.45 7.88 1.11
N PHE C 299 -45.51 7.78 2.44
CA PHE C 299 -45.48 8.96 3.29
C PHE C 299 -44.22 9.78 3.06
N ARG C 300 -43.09 9.12 2.76
CA ARG C 300 -41.85 9.84 2.53
C ARG C 300 -41.78 10.47 1.15
N GLN C 301 -42.58 10.00 0.19
CA GLN C 301 -42.63 10.63 -1.11
C GLN C 301 -43.25 12.01 -1.00
N LYS C 302 -42.41 13.04 -1.03
CA LYS C 302 -42.87 14.40 -0.82
C LYS C 302 -42.05 15.33 -1.71
N THR C 303 -42.48 16.59 -1.76
CA THR C 303 -41.84 17.60 -2.61
C THR C 303 -41.73 17.11 -4.05
N ASP C 304 -42.90 16.95 -4.69
CA ASP C 304 -43.01 16.32 -6.00
C ASP C 304 -41.96 16.87 -6.96
N VAL C 305 -41.03 16.01 -7.35
CA VAL C 305 -39.83 16.44 -8.04
C VAL C 305 -40.14 16.79 -9.49
N LEU C 306 -41.05 16.04 -10.10
CA LEU C 306 -41.40 16.29 -11.49
C LEU C 306 -42.29 17.51 -11.65
N LYS C 307 -42.86 18.03 -10.55
CA LYS C 307 -43.69 19.22 -10.64
C LYS C 307 -42.92 20.39 -11.22
N VAL C 308 -41.60 20.41 -11.04
CA VAL C 308 -40.79 21.49 -11.58
C VAL C 308 -40.70 21.40 -13.10
N TYR C 309 -40.90 20.22 -13.68
CA TYR C 309 -40.84 20.04 -15.12
C TYR C 309 -42.15 20.41 -15.81
N GLU C 310 -43.21 20.72 -15.06
CA GLU C 310 -44.51 20.94 -15.68
C GLU C 310 -44.55 22.26 -16.43
N ILE C 311 -43.50 23.08 -16.30
CA ILE C 311 -43.48 24.40 -16.92
C ILE C 311 -42.83 24.32 -18.30
N LEU C 312 -42.62 23.11 -18.80
CA LEU C 312 -42.04 22.92 -20.11
C LEU C 312 -43.12 22.62 -21.13
N PRO C 313 -43.09 23.25 -22.31
CA PRO C 313 -44.10 22.91 -23.33
C PRO C 313 -43.97 21.49 -23.84
N THR C 314 -42.74 21.01 -24.02
CA THR C 314 -42.49 19.65 -24.49
C THR C 314 -42.79 18.59 -23.45
N PHE C 315 -43.31 18.99 -22.28
CA PHE C 315 -43.63 18.07 -21.20
C PHE C 315 -45.08 18.26 -20.82
N ASP C 316 -45.83 17.15 -20.78
CA ASP C 316 -47.24 17.22 -20.44
C ASP C 316 -47.42 17.73 -19.01
N VAL C 317 -48.54 18.40 -18.78
CA VAL C 317 -48.81 18.97 -17.46
C VAL C 317 -49.47 17.90 -16.60
N LEU C 318 -48.66 17.04 -15.99
CA LEU C 318 -49.14 15.95 -15.17
C LEU C 318 -48.01 15.44 -14.28
N HIS C 319 -48.21 15.53 -12.97
CA HIS C 319 -47.28 14.88 -12.04
C HIS C 319 -47.56 13.38 -11.97
N PHE C 320 -48.75 13.01 -11.53
CA PHE C 320 -49.21 11.61 -11.52
C PHE C 320 -48.24 10.71 -10.79
N LYS C 321 -47.83 11.12 -9.59
CA LYS C 321 -46.91 10.32 -8.80
C LYS C 321 -47.20 10.52 -7.31
N SER C 322 -48.03 9.63 -6.78
CA SER C 322 -48.41 9.65 -5.36
C SER C 322 -49.32 8.49 -5.00
N GLU C 323 -49.56 8.30 -3.70
CA GLU C 323 -50.63 7.49 -3.15
C GLU C 323 -50.60 6.03 -3.60
N GLY C 324 -49.60 5.26 -3.21
CA GLY C 324 -49.61 3.84 -3.52
C GLY C 324 -48.46 3.08 -2.91
N TYR C 325 -48.73 1.82 -2.59
CA TYR C 325 -47.70 0.85 -2.23
C TYR C 325 -47.25 0.20 -3.54
N ASN C 326 -46.73 1.02 -4.45
CA ASN C 326 -46.33 0.57 -5.78
C ASN C 326 -44.98 1.14 -6.10
N ASP C 327 -44.34 0.56 -7.12
CA ASP C 327 -42.95 0.91 -7.43
C ASP C 327 -42.81 2.38 -7.80
N LEU C 328 -43.92 3.05 -8.11
CA LEU C 328 -43.85 4.46 -8.47
C LEU C 328 -43.38 5.30 -7.29
N SER C 329 -43.84 4.98 -6.09
CA SER C 329 -43.42 5.75 -4.92
C SER C 329 -41.93 5.55 -4.64
N LEU C 330 -41.46 4.32 -4.79
CA LEU C 330 -40.03 4.04 -4.63
C LEU C 330 -39.22 4.81 -5.66
N TYR C 331 -39.69 4.83 -6.91
CA TYR C 331 -38.99 5.59 -7.93
C TYR C 331 -39.05 7.08 -7.64
N ASN C 332 -40.13 7.54 -7.02
CA ASN C 332 -40.20 8.94 -6.61
C ASN C 332 -39.14 9.26 -5.58
N LEU C 333 -38.96 8.38 -4.60
CA LEU C 333 -37.91 8.58 -3.61
C LEU C 333 -36.53 8.61 -4.26
N PHE C 334 -36.25 7.64 -5.13
CA PHE C 334 -34.93 7.57 -5.74
C PHE C 334 -34.69 8.75 -6.67
N LEU C 335 -35.76 9.24 -7.32
CA LEU C 335 -35.64 10.43 -8.14
C LEU C 335 -35.37 11.67 -7.28
N GLU C 336 -36.10 11.79 -6.17
CA GLU C 336 -35.86 12.89 -5.25
C GLU C 336 -34.43 12.88 -4.75
N GLU C 337 -33.83 11.70 -4.61
CA GLU C 337 -32.45 11.63 -4.15
C GLU C 337 -31.47 11.98 -5.27
N ASN C 338 -31.56 11.29 -6.40
CA ASN C 338 -30.55 11.39 -7.45
C ASN C 338 -30.85 12.51 -8.45
N ILE C 339 -31.87 13.33 -8.19
CA ILE C 339 -32.29 14.30 -9.19
C ILE C 339 -31.37 15.52 -9.19
N SER C 340 -30.63 15.71 -8.10
CA SER C 340 -29.73 16.86 -8.03
C SER C 340 -28.60 16.73 -9.04
N GLU C 341 -28.30 15.50 -9.47
CA GLU C 341 -27.29 15.31 -10.50
C GLU C 341 -27.80 15.78 -11.86
N VAL C 342 -29.12 15.87 -12.03
CA VAL C 342 -29.69 16.27 -13.30
C VAL C 342 -29.61 17.78 -13.45
N LYS C 343 -28.83 18.23 -14.45
CA LYS C 343 -28.64 19.66 -14.66
C LYS C 343 -29.94 20.35 -15.04
N SER C 344 -30.72 19.73 -15.93
CA SER C 344 -31.98 20.31 -16.33
C SER C 344 -32.89 20.51 -15.13
N TYR C 345 -32.92 19.55 -14.20
CA TYR C 345 -33.70 19.72 -12.99
C TYR C 345 -33.19 20.91 -12.19
N LYS C 346 -31.88 21.08 -12.11
CA LYS C 346 -31.33 22.20 -11.35
C LYS C 346 -31.78 23.53 -11.92
N CYS C 347 -31.65 23.70 -13.23
CA CYS C 347 -32.07 24.96 -13.85
C CYS C 347 -33.56 25.17 -13.72
N LEU C 348 -34.35 24.12 -13.91
CA LEU C 348 -35.79 24.26 -13.77
C LEU C 348 -36.18 24.64 -12.35
N LYS C 349 -35.47 24.12 -11.36
CA LYS C 349 -35.78 24.48 -9.98
C LYS C 349 -35.35 25.92 -9.70
N VAL C 350 -34.26 26.37 -10.32
CA VAL C 350 -33.94 27.78 -10.26
C VAL C 350 -35.07 28.64 -10.78
N LEU C 351 -35.60 28.32 -11.95
CA LEU C 351 -36.72 29.09 -12.47
C LEU C 351 -37.96 28.98 -11.58
N GLU C 352 -38.21 27.81 -11.00
CA GLU C 352 -39.38 27.63 -10.17
C GLU C 352 -39.28 28.45 -8.90
N ASN C 353 -38.09 28.52 -8.31
CA ASN C 353 -37.90 29.34 -7.11
C ASN C 353 -38.05 30.81 -7.42
N ILE C 354 -37.53 31.25 -8.57
CA ILE C 354 -37.71 32.63 -8.99
C ILE C 354 -39.19 32.94 -9.19
N LYS C 355 -39.95 31.95 -9.69
CA LYS C 355 -41.37 32.13 -9.92
C LYS C 355 -42.15 32.42 -8.64
N SER C 356 -41.54 32.15 -7.49
CA SER C 356 -42.18 32.49 -6.22
C SER C 356 -42.42 33.99 -6.12
N SER C 357 -41.45 34.79 -6.58
CA SER C 357 -41.67 36.23 -6.64
C SER C 357 -42.64 36.59 -7.76
N GLY C 358 -42.57 35.86 -8.88
CA GLY C 358 -43.46 36.10 -10.00
C GLY C 358 -43.14 37.33 -10.82
N GLN C 359 -41.88 37.77 -10.83
CA GLN C 359 -41.54 39.00 -11.54
C GLN C 359 -41.68 38.83 -13.06
N GLY C 360 -40.94 37.88 -13.64
CA GLY C 360 -40.96 37.76 -15.09
C GLY C 360 -41.90 36.66 -15.58
N ILE C 361 -41.37 35.70 -16.33
CA ILE C 361 -42.18 34.64 -16.91
C ILE C 361 -41.30 33.42 -17.13
N ASP C 362 -41.91 32.24 -17.09
CA ASP C 362 -41.17 30.98 -17.18
C ASP C 362 -40.49 30.79 -18.53
N PRO C 363 -41.19 30.90 -19.66
CA PRO C 363 -40.50 30.67 -20.95
C PRO C 363 -39.43 31.69 -21.26
N MET C 364 -39.66 32.96 -20.88
CA MET C 364 -38.64 33.97 -21.12
C MET C 364 -37.37 33.68 -20.34
N LEU C 365 -37.51 33.38 -19.04
CA LEU C 365 -36.34 33.06 -18.23
C LEU C 365 -35.67 31.78 -18.70
N LEU C 366 -36.46 30.83 -19.21
CA LEU C 366 -35.88 29.60 -19.75
C LEU C 366 -35.04 29.89 -20.98
N LEU C 367 -35.58 30.69 -21.91
CA LEU C 367 -34.81 31.09 -23.08
C LEU C 367 -33.56 31.84 -22.68
N THR C 368 -33.65 32.66 -21.63
CA THR C 368 -32.47 33.37 -21.13
C THR C 368 -31.43 32.39 -20.60
N ASN C 369 -31.92 31.36 -19.90
CA ASN C 369 -31.11 30.29 -19.24
C ASN C 369 -29.92 29.87 -20.12
N LEU C 370 -30.24 29.30 -21.29
CA LEU C 370 -29.27 28.80 -22.30
C LEU C 370 -28.34 27.75 -21.69
N GLY C 371 -28.94 26.67 -21.16
CA GLY C 371 -28.18 25.56 -20.56
C GLY C 371 -28.66 24.22 -21.08
N MET C 372 -28.36 23.90 -22.34
CA MET C 372 -28.80 22.63 -22.97
C MET C 372 -28.16 21.45 -22.24
N ILE C 373 -26.88 21.58 -21.88
CA ILE C 373 -26.15 20.49 -21.16
C ILE C 373 -24.86 21.08 -20.57
N ALA D 2 -8.12 -9.24 14.41
CA ALA D 2 -9.33 -8.75 15.05
C ALA D 2 -10.57 -9.30 14.35
N ILE D 3 -11.64 -9.49 15.13
CA ILE D 3 -12.89 -10.00 14.57
C ILE D 3 -13.42 -9.08 13.48
N ALA D 4 -13.41 -7.77 13.73
CA ALA D 4 -14.01 -6.85 12.77
C ALA D 4 -13.20 -6.80 11.49
N GLN D 5 -11.88 -7.00 11.56
CA GLN D 5 -11.07 -7.04 10.35
C GLN D 5 -11.47 -8.22 9.48
N LEU D 6 -11.63 -9.41 10.08
CA LEU D 6 -12.07 -10.57 9.33
C LEU D 6 -13.47 -10.36 8.77
N ALA D 7 -14.35 -9.74 9.56
CA ALA D 7 -15.69 -9.43 9.07
C ALA D 7 -15.62 -8.58 7.81
N THR D 8 -14.89 -7.47 7.86
CA THR D 8 -14.72 -6.65 6.67
C THR D 8 -14.20 -7.48 5.51
N GLU D 9 -13.06 -8.15 5.72
CA GLU D 9 -12.39 -8.86 4.65
C GLU D 9 -13.28 -9.90 3.97
N TYR D 10 -14.14 -10.57 4.74
CA TYR D 10 -14.83 -11.73 4.19
C TYR D 10 -16.32 -11.55 3.95
N VAL D 11 -16.94 -10.48 4.45
CA VAL D 11 -18.32 -10.21 4.02
C VAL D 11 -18.41 -8.80 3.45
N PHE D 12 -17.76 -7.82 4.09
CA PHE D 12 -17.99 -6.45 3.69
C PHE D 12 -17.07 -6.04 2.54
N SER D 13 -15.91 -6.66 2.43
CA SER D 13 -15.09 -6.47 1.27
C SER D 13 -15.66 -7.24 0.08
N ASP D 14 -15.17 -6.92 -1.11
CA ASP D 14 -15.62 -7.62 -2.31
C ASP D 14 -14.86 -8.92 -2.47
N PHE D 15 -14.84 -9.75 -1.42
CA PHE D 15 -14.14 -11.02 -1.48
C PHE D 15 -14.85 -11.97 -2.42
N LEU D 16 -14.12 -12.47 -3.41
CA LEU D 16 -14.63 -13.31 -4.49
C LEU D 16 -15.76 -12.65 -5.26
N LEU D 17 -15.88 -11.32 -5.19
CA LEU D 17 -16.80 -10.56 -6.02
C LEU D 17 -16.05 -9.70 -7.03
N LYS D 18 -14.73 -9.89 -7.15
CA LYS D 18 -13.95 -9.09 -8.07
C LYS D 18 -14.30 -9.44 -9.51
N GLU D 19 -14.63 -8.40 -10.29
CA GLU D 19 -14.81 -8.58 -11.72
C GLU D 19 -13.49 -8.99 -12.36
N PRO D 20 -13.54 -9.75 -13.46
CA PRO D 20 -12.29 -10.16 -14.12
C PRO D 20 -11.48 -8.96 -14.56
N THR D 21 -10.30 -8.81 -13.95
CA THR D 21 -9.44 -7.68 -14.27
C THR D 21 -8.78 -7.86 -15.63
N GLU D 22 -9.55 -7.59 -16.67
CA GLU D 22 -9.10 -7.75 -18.05
C GLU D 22 -10.08 -7.06 -18.99
N PRO D 23 -9.60 -6.46 -20.08
CA PRO D 23 -10.50 -5.80 -21.04
C PRO D 23 -11.22 -6.75 -21.99
N LYS D 24 -11.00 -8.07 -21.88
CA LYS D 24 -11.71 -9.02 -22.73
C LYS D 24 -13.18 -9.08 -22.36
N PHE D 25 -13.47 -9.18 -21.06
CA PHE D 25 -14.84 -9.16 -20.55
C PHE D 25 -15.04 -7.85 -19.79
N LYS D 26 -15.71 -6.90 -20.43
CA LYS D 26 -15.93 -5.56 -19.88
C LYS D 26 -17.39 -5.46 -19.47
N GLY D 27 -17.64 -5.54 -18.16
CA GLY D 27 -18.99 -5.50 -17.64
C GLY D 27 -19.78 -6.77 -17.82
N LEU D 28 -19.23 -7.77 -18.51
CA LEU D 28 -19.89 -9.07 -18.67
C LEU D 28 -19.70 -9.86 -17.38
N ARG D 29 -20.79 -10.44 -16.88
CA ARG D 29 -20.73 -11.11 -15.58
C ARG D 29 -20.04 -12.46 -15.69
N LEU D 30 -20.48 -13.31 -16.63
CA LEU D 30 -19.96 -14.63 -16.90
C LEU D 30 -20.17 -15.60 -15.74
N GLU D 31 -20.79 -15.16 -14.65
CA GLU D 31 -21.18 -16.01 -13.54
C GLU D 31 -22.51 -15.52 -13.01
N LEU D 32 -23.52 -16.38 -13.07
CA LEU D 32 -24.86 -16.00 -12.65
C LEU D 32 -24.84 -15.54 -11.19
N ALA D 33 -25.66 -14.54 -10.91
CA ALA D 33 -25.66 -13.93 -9.57
C ALA D 33 -25.86 -14.97 -8.48
N VAL D 34 -26.76 -15.92 -8.71
CA VAL D 34 -26.98 -16.96 -7.71
C VAL D 34 -25.75 -17.86 -7.61
N ASP D 35 -25.08 -18.11 -8.74
CA ASP D 35 -23.85 -18.90 -8.68
C ASP D 35 -22.73 -18.13 -8.02
N LYS D 36 -22.62 -16.83 -8.29
CA LYS D 36 -21.60 -16.02 -7.64
C LYS D 36 -21.81 -15.99 -6.13
N MET D 37 -23.06 -15.86 -5.69
CA MET D 37 -23.31 -15.82 -4.24
C MET D 37 -23.12 -17.19 -3.61
N VAL D 38 -23.49 -18.27 -4.31
CA VAL D 38 -23.24 -19.61 -3.77
C VAL D 38 -21.75 -19.84 -3.61
N THR D 39 -20.96 -19.44 -4.61
CA THR D 39 -19.51 -19.57 -4.49
C THR D 39 -18.98 -18.73 -3.34
N CYS D 40 -19.41 -17.46 -3.26
CA CYS D 40 -18.93 -16.57 -2.21
C CYS D 40 -19.22 -17.17 -0.84
N ILE D 41 -20.45 -17.65 -0.63
CA ILE D 41 -20.79 -18.23 0.66
C ILE D 41 -19.96 -19.50 0.91
N ALA D 42 -20.08 -20.47 0.01
CA ALA D 42 -19.47 -21.78 0.25
C ALA D 42 -17.96 -21.69 0.39
N VAL D 43 -17.35 -20.62 -0.09
CA VAL D 43 -15.90 -20.50 0.01
C VAL D 43 -15.50 -19.61 1.19
N GLY D 44 -16.14 -18.45 1.31
CA GLY D 44 -15.74 -17.51 2.35
C GLY D 44 -16.18 -17.92 3.73
N LEU D 45 -17.28 -18.66 3.84
CA LEU D 45 -17.77 -19.08 5.14
C LEU D 45 -16.79 -20.01 5.85
N PRO D 46 -16.26 -21.06 5.22
CA PRO D 46 -15.23 -21.84 5.93
C PRO D 46 -13.99 -21.02 6.23
N LEU D 47 -13.61 -20.09 5.35
CA LEU D 47 -12.45 -19.25 5.63
C LEU D 47 -12.73 -18.29 6.78
N LEU D 48 -13.92 -17.69 6.77
CA LEU D 48 -14.33 -16.73 7.83
C LEU D 48 -14.41 -17.48 9.16
N LEU D 49 -14.85 -18.74 9.13
CA LEU D 49 -14.99 -19.60 10.33
C LEU D 49 -13.58 -19.95 10.84
N ILE D 50 -12.68 -20.35 9.94
CA ILE D 50 -11.30 -20.62 10.35
C ILE D 50 -10.70 -19.40 11.04
N SER D 51 -10.86 -18.24 10.44
CA SER D 51 -10.27 -17.03 11.00
C SER D 51 -10.91 -16.68 12.34
N LEU D 52 -12.19 -17.00 12.48
CA LEU D 52 -12.89 -16.74 13.77
C LEU D 52 -12.33 -17.70 14.82
N ALA D 53 -12.18 -18.99 14.48
CA ALA D 53 -11.86 -20.02 15.48
C ALA D 53 -10.56 -19.70 16.20
N PHE D 54 -9.75 -18.79 15.65
CA PHE D 54 -8.50 -18.39 16.27
C PHE D 54 -8.38 -16.89 16.42
N ALA D 55 -9.52 -16.18 16.44
CA ALA D 55 -9.50 -14.77 16.80
C ALA D 55 -8.80 -14.60 18.13
N GLN D 56 -7.99 -13.55 18.23
CA GLN D 56 -7.10 -13.41 19.38
C GLN D 56 -7.87 -13.30 20.70
N GLU D 57 -9.15 -12.97 20.63
CA GLU D 57 -9.93 -12.81 21.86
C GLU D 57 -10.73 -14.06 22.18
N ILE D 58 -10.88 -14.97 21.23
CA ILE D 58 -11.54 -16.23 21.53
C ILE D 58 -10.50 -17.29 21.90
N SER D 59 -9.30 -17.17 21.37
CA SER D 59 -8.21 -18.07 21.73
C SER D 59 -7.65 -17.67 23.09
N ILE D 60 -7.59 -18.60 24.02
CA ILE D 60 -6.99 -18.32 25.32
C ILE D 60 -5.47 -18.39 25.23
N GLY D 61 -4.96 -19.17 24.29
CA GLY D 61 -3.53 -19.40 24.20
C GLY D 61 -3.20 -20.56 23.30
N THR D 62 -2.43 -21.52 23.81
CA THR D 62 -2.10 -22.70 23.04
C THR D 62 -3.35 -23.49 22.69
N GLN D 63 -3.21 -24.41 21.74
CA GLN D 63 -4.35 -25.21 21.31
C GLN D 63 -4.48 -26.45 22.17
N ILE D 64 -3.47 -26.78 22.97
CA ILE D 64 -3.48 -27.95 23.82
C ILE D 64 -2.85 -27.59 25.16
N SER D 65 -3.35 -28.20 26.22
CA SER D 65 -2.79 -28.06 27.56
C SER D 65 -2.86 -29.41 28.24
N CYS D 66 -1.81 -29.78 28.97
CA CYS D 66 -1.66 -31.16 29.39
C CYS D 66 -1.55 -31.40 30.89
N PHE D 67 -1.39 -30.36 31.70
CA PHE D 67 -1.33 -30.51 33.14
C PHE D 67 -0.25 -31.48 33.60
N SER D 68 1.01 -31.12 33.41
CA SER D 68 2.10 -31.86 33.98
C SER D 68 2.05 -31.76 35.50
N PRO D 69 2.75 -32.63 36.22
CA PRO D 69 2.80 -32.51 37.68
C PRO D 69 3.44 -31.22 38.13
N SER D 70 3.28 -30.91 39.41
CA SER D 70 3.84 -29.69 39.95
C SER D 70 5.36 -29.74 40.00
N SER D 71 5.93 -30.94 40.14
CA SER D 71 7.38 -31.07 40.21
C SER D 71 8.03 -30.75 38.87
N PHE D 72 7.29 -30.93 37.78
CA PHE D 72 7.83 -30.65 36.45
C PHE D 72 8.19 -29.18 36.32
N SER D 73 9.31 -28.90 35.65
CA SER D 73 9.71 -27.49 35.38
C SER D 73 8.83 -26.92 34.28
N ALA D 74 8.88 -25.61 34.04
CA ALA D 74 8.05 -24.98 32.99
C ALA D 74 8.44 -25.56 31.63
N ARG D 75 9.74 -25.74 31.38
CA ARG D 75 10.21 -26.34 30.10
C ARG D 75 9.76 -27.81 30.01
N GLN D 76 9.81 -28.55 31.13
CA GLN D 76 9.34 -29.96 31.13
C GLN D 76 7.85 -29.98 30.80
N ALA D 77 7.08 -29.03 31.35
CA ALA D 77 5.63 -28.94 31.03
C ALA D 77 5.46 -28.63 29.54
N ALA D 78 6.30 -27.73 29.00
CA ALA D 78 6.22 -27.37 27.57
C ALA D 78 6.51 -28.61 26.72
N PHE D 79 7.46 -29.45 27.16
CA PHE D 79 7.73 -30.68 26.41
C PHE D 79 6.52 -31.59 26.41
N VAL D 80 5.87 -31.74 27.56
CA VAL D 80 4.70 -32.61 27.61
C VAL D 80 3.61 -32.10 26.68
N ASP D 81 3.34 -30.79 26.73
CA ASP D 81 2.34 -30.21 25.84
C ASP D 81 2.66 -30.47 24.38
N SER D 82 3.88 -30.12 23.96
CA SER D 82 4.25 -30.26 22.56
C SER D 82 4.28 -31.73 22.13
N TYR D 83 4.75 -32.61 23.02
CA TYR D 83 4.80 -34.02 22.71
C TYR D 83 3.41 -34.56 22.48
N CYS D 84 2.45 -34.22 23.35
CA CYS D 84 1.12 -34.76 23.18
C CYS D 84 0.44 -34.16 21.96
N TRP D 85 0.69 -32.88 21.69
CA TRP D 85 0.22 -32.26 20.46
C TRP D 85 0.69 -33.03 19.24
N ALA D 86 1.98 -33.39 19.21
CA ALA D 86 2.50 -34.16 18.10
C ALA D 86 2.07 -35.62 18.19
N ALA D 87 1.62 -36.05 19.35
CA ALA D 87 1.30 -37.44 19.61
C ALA D 87 -0.17 -37.77 19.41
N VAL D 88 -1.01 -36.79 19.09
CA VAL D 88 -2.36 -37.13 18.66
C VAL D 88 -2.33 -38.00 17.41
N GLN D 89 -1.22 -37.96 16.67
CA GLN D 89 -1.09 -38.83 15.50
C GLN D 89 -0.64 -40.24 15.89
N GLN D 90 0.46 -40.35 16.65
CA GLN D 90 0.98 -41.65 17.05
C GLN D 90 -0.03 -42.32 17.96
N LYS D 91 -0.70 -43.35 17.45
CA LYS D 91 -1.83 -43.93 18.17
C LYS D 91 -1.39 -44.69 19.40
N ASN D 92 -0.12 -45.11 19.44
CA ASN D 92 0.34 -45.91 20.57
C ASN D 92 0.46 -45.07 21.84
N SER D 93 0.78 -43.78 21.69
CA SER D 93 1.07 -42.96 22.86
C SER D 93 -0.19 -42.57 23.61
N LEU D 94 -1.22 -42.15 22.89
CA LEU D 94 -2.41 -41.55 23.50
C LEU D 94 -3.51 -42.59 23.60
N GLN D 95 -4.27 -42.53 24.68
CA GLN D 95 -5.43 -43.37 24.90
C GLN D 95 -6.65 -42.47 25.12
N SER D 96 -7.58 -42.51 24.19
CA SER D 96 -8.78 -41.69 24.25
C SER D 96 -10.02 -42.57 24.19
N GLU D 97 -11.04 -42.20 24.96
CA GLU D 97 -12.28 -42.97 24.99
C GLU D 97 -12.99 -42.96 23.64
N SER D 98 -13.02 -41.82 22.97
CA SER D 98 -13.73 -41.73 21.70
C SER D 98 -12.94 -42.37 20.57
N GLY D 99 -11.61 -42.29 20.63
CA GLY D 99 -10.76 -42.84 19.60
C GLY D 99 -9.75 -41.82 19.09
N ASN D 100 -8.88 -42.30 18.20
CA ASN D 100 -7.85 -41.44 17.66
C ASN D 100 -8.38 -40.56 16.53
N LEU D 101 -9.42 -41.03 15.84
CA LEU D 101 -10.01 -40.24 14.77
C LEU D 101 -10.55 -38.89 15.26
N PRO D 102 -11.28 -38.81 16.38
CA PRO D 102 -11.66 -37.48 16.86
C PRO D 102 -10.46 -36.60 17.16
N LEU D 103 -9.37 -37.18 17.63
CA LEU D 103 -8.17 -36.38 17.92
C LEU D 103 -7.59 -35.81 16.63
N TRP D 104 -7.47 -36.66 15.61
CA TRP D 104 -7.04 -36.18 14.30
C TRP D 104 -7.92 -35.04 13.82
N LEU D 105 -9.25 -35.22 13.93
CA LEU D 105 -10.17 -34.22 13.42
C LEU D 105 -10.08 -32.93 14.22
N HIS D 106 -9.77 -33.02 15.52
CA HIS D 106 -9.67 -31.83 16.35
C HIS D 106 -8.40 -31.06 16.05
N LYS D 107 -7.29 -31.78 15.81
CA LYS D 107 -6.05 -31.08 15.51
C LYS D 107 -6.11 -30.42 14.14
N PHE D 108 -6.67 -31.11 13.15
CA PHE D 108 -6.63 -30.66 11.76
C PHE D 108 -7.96 -30.10 11.28
N PHE D 109 -8.80 -29.63 12.18
CA PHE D 109 -10.03 -28.99 11.77
C PHE D 109 -9.82 -27.78 10.87
N PRO D 110 -8.89 -26.86 11.14
CA PRO D 110 -8.67 -25.76 10.20
C PRO D 110 -8.24 -26.24 8.83
N TYR D 111 -7.39 -27.27 8.78
CA TYR D 111 -6.96 -27.80 7.50
C TYR D 111 -8.12 -28.38 6.73
N ILE D 112 -9.03 -29.07 7.41
CA ILE D 112 -10.15 -29.68 6.72
C ILE D 112 -11.11 -28.61 6.21
N LEU D 113 -11.33 -27.55 6.99
CA LEU D 113 -12.17 -26.46 6.50
C LEU D 113 -11.53 -25.76 5.31
N LEU D 114 -10.22 -25.53 5.36
CA LEU D 114 -9.56 -24.93 4.20
C LEU D 114 -9.62 -25.85 2.99
N LEU D 115 -9.53 -27.16 3.21
CA LEU D 115 -9.67 -28.11 2.11
C LEU D 115 -11.05 -28.01 1.48
N PHE D 116 -12.08 -27.90 2.31
CA PHE D 116 -13.43 -27.75 1.77
C PHE D 116 -13.58 -26.43 1.03
N ALA D 117 -12.99 -25.36 1.55
CA ALA D 117 -13.04 -24.09 0.84
C ALA D 117 -12.36 -24.19 -0.52
N ILE D 118 -11.20 -24.84 -0.58
CA ILE D 118 -10.50 -24.98 -1.85
C ILE D 118 -11.29 -25.82 -2.83
N LEU D 119 -11.78 -26.99 -2.39
CA LEU D 119 -12.57 -27.85 -3.27
C LEU D 119 -13.83 -27.15 -3.73
N LEU D 120 -14.41 -26.28 -2.90
CA LEU D 120 -15.61 -25.57 -3.33
C LEU D 120 -15.26 -24.42 -4.27
N TYR D 121 -14.04 -23.91 -4.19
CA TYR D 121 -13.60 -22.89 -5.13
C TYR D 121 -13.19 -23.49 -6.47
N LEU D 122 -12.86 -24.78 -6.50
CA LEU D 122 -12.37 -25.38 -7.74
C LEU D 122 -13.39 -25.36 -8.88
N PRO D 123 -14.65 -25.75 -8.69
CA PRO D 123 -15.59 -25.74 -9.83
C PRO D 123 -15.84 -24.35 -10.39
N PRO D 124 -16.00 -23.31 -9.55
CA PRO D 124 -16.09 -21.97 -10.12
C PRO D 124 -14.85 -21.56 -10.89
N LEU D 125 -13.68 -22.01 -10.45
CA LEU D 125 -12.45 -21.71 -11.18
C LEU D 125 -12.44 -22.41 -12.53
N PHE D 126 -12.83 -23.69 -12.56
CA PHE D 126 -12.92 -24.41 -13.82
C PHE D 126 -13.91 -23.74 -14.76
N TRP D 127 -15.02 -23.23 -14.22
CA TRP D 127 -15.96 -22.51 -15.07
C TRP D 127 -15.36 -21.21 -15.57
N ARG D 128 -14.64 -20.49 -14.71
CA ARG D 128 -14.09 -19.20 -15.10
C ARG D 128 -12.99 -19.35 -16.14
N PHE D 129 -12.34 -20.49 -16.18
CA PHE D 129 -11.22 -20.65 -17.11
C PHE D 129 -11.56 -21.47 -18.35
N ALA D 130 -12.37 -22.53 -18.21
CA ALA D 130 -12.63 -23.41 -19.34
C ALA D 130 -13.82 -22.94 -20.15
N ALA D 131 -14.90 -22.52 -19.49
CA ALA D 131 -16.14 -22.21 -20.17
C ALA D 131 -16.54 -20.74 -20.13
N ALA D 132 -15.88 -19.91 -19.33
CA ALA D 132 -16.26 -18.50 -19.27
C ALA D 132 -15.88 -17.73 -20.53
N PRO D 133 -14.67 -17.89 -21.10
CA PRO D 133 -14.37 -17.14 -22.33
C PRO D 133 -15.23 -17.55 -23.51
N HIS D 134 -15.53 -18.84 -23.63
CA HIS D 134 -16.38 -19.30 -24.73
C HIS D 134 -17.73 -18.62 -24.70
N ILE D 135 -18.32 -18.49 -23.51
CA ILE D 135 -19.62 -17.84 -23.41
C ILE D 135 -19.46 -16.32 -23.48
N CYS D 136 -18.30 -15.81 -23.08
CA CYS D 136 -18.09 -14.37 -23.07
C CYS D 136 -18.02 -13.82 -24.49
N SER D 137 -17.24 -14.47 -25.35
CA SER D 137 -17.16 -14.04 -26.74
C SER D 137 -18.52 -14.10 -27.41
N ASP D 138 -19.24 -15.21 -27.24
CA ASP D 138 -20.55 -15.35 -27.85
C ASP D 138 -21.52 -14.31 -27.34
N LEU D 139 -21.50 -14.04 -26.04
CA LEU D 139 -22.45 -13.09 -25.47
C LEU D 139 -22.14 -11.67 -25.93
N LYS D 140 -20.85 -11.32 -25.99
CA LYS D 140 -20.48 -10.01 -26.48
C LYS D 140 -20.88 -9.85 -27.94
N PHE D 141 -20.71 -10.90 -28.74
CA PHE D 141 -21.13 -10.84 -30.13
C PHE D 141 -22.65 -10.69 -30.24
N ILE D 142 -23.40 -11.40 -29.41
CA ILE D 142 -24.86 -11.31 -29.46
C ILE D 142 -25.31 -9.91 -29.07
N MET D 143 -24.70 -9.33 -28.04
CA MET D 143 -25.06 -7.98 -27.65
C MET D 143 -24.72 -6.96 -28.73
N GLU D 144 -23.55 -7.10 -29.36
CA GLU D 144 -23.20 -6.20 -30.46
C GLU D 144 -24.19 -6.34 -31.62
N GLU D 145 -24.55 -7.58 -31.96
CA GLU D 145 -25.49 -7.79 -33.06
C GLU D 145 -26.86 -7.24 -32.73
N LEU D 146 -27.28 -7.33 -31.46
CA LEU D 146 -28.57 -6.77 -31.08
C LEU D 146 -28.55 -5.25 -31.17
N ASP D 147 -27.48 -4.62 -30.69
CA ASP D 147 -27.37 -3.18 -30.84
C ASP D 147 -27.38 -2.77 -32.30
N LYS D 148 -26.71 -3.56 -33.15
CA LYS D 148 -26.65 -3.24 -34.58
C LYS D 148 -28.02 -3.36 -35.22
N VAL D 149 -28.75 -4.43 -34.91
CA VAL D 149 -30.08 -4.61 -35.50
C VAL D 149 -31.02 -3.52 -35.02
N TYR D 150 -30.88 -3.09 -33.77
CA TYR D 150 -31.70 -1.98 -33.26
C TYR D 150 -31.39 -0.70 -34.02
N ASN D 151 -30.10 -0.40 -34.19
CA ASN D 151 -29.71 0.80 -34.94
C ASN D 151 -30.26 0.75 -36.36
N ARG D 152 -30.14 -0.40 -37.02
CA ARG D 152 -30.62 -0.50 -38.39
C ARG D 152 -32.13 -0.37 -38.46
N ALA D 153 -32.84 -0.93 -37.48
CA ALA D 153 -34.30 -0.81 -37.48
C ALA D 153 -34.74 0.63 -37.30
N ILE D 154 -34.08 1.37 -36.41
CA ILE D 154 -34.49 2.76 -36.20
C ILE D 154 -34.04 3.63 -37.37
N LYS D 155 -32.94 3.25 -38.03
CA LYS D 155 -32.52 3.99 -39.22
C LYS D 155 -33.51 3.78 -40.36
N ALA D 156 -33.99 2.56 -40.53
CA ALA D 156 -35.04 2.30 -41.52
C ALA D 156 -36.32 3.05 -41.16
N ALA D 157 -36.67 3.06 -39.88
CA ALA D 157 -37.85 3.81 -39.45
C ALA D 157 -37.65 5.30 -39.62
N LYS D 158 -36.44 5.79 -39.33
CA LYS D 158 -36.18 7.22 -39.51
C LYS D 158 -36.24 7.62 -40.97
N SER D 159 -35.72 6.77 -41.86
CA SER D 159 -35.81 7.06 -43.29
C SER D 159 -37.25 7.04 -43.77
N ALA D 160 -38.08 6.17 -43.18
CA ALA D 160 -39.49 6.16 -43.52
C ALA D 160 -40.19 7.42 -43.05
N ARG D 161 -39.81 7.92 -41.87
CA ARG D 161 -40.38 9.17 -41.37
C ARG D 161 -39.97 10.35 -42.25
N ASP D 162 -38.81 10.25 -42.89
CA ASP D 162 -38.34 11.31 -43.77
C ASP D 162 -39.00 11.22 -45.14
N PHE D 191 -29.61 -7.53 -47.91
CA PHE D 191 -29.22 -8.06 -46.61
C PHE D 191 -30.45 -8.54 -45.84
N LYS D 192 -30.68 -7.92 -44.67
CA LYS D 192 -31.82 -8.24 -43.81
C LYS D 192 -31.83 -9.72 -43.43
N TYR D 193 -30.72 -10.18 -42.85
CA TYR D 193 -30.59 -11.58 -42.43
C TYR D 193 -30.61 -11.67 -40.92
N PRO D 194 -31.48 -12.49 -40.33
CA PRO D 194 -31.46 -12.65 -38.87
C PRO D 194 -30.26 -13.45 -38.42
N ILE D 195 -29.10 -12.80 -38.34
CA ILE D 195 -27.86 -13.52 -38.05
C ILE D 195 -27.84 -13.97 -36.59
N VAL D 196 -28.29 -13.12 -35.67
CA VAL D 196 -28.25 -13.49 -34.25
C VAL D 196 -29.29 -14.57 -33.97
N GLU D 197 -30.43 -14.51 -34.65
CA GLU D 197 -31.44 -15.56 -34.49
C GLU D 197 -30.92 -16.90 -34.98
N GLN D 198 -30.20 -16.89 -36.12
CA GLN D 198 -29.62 -18.14 -36.61
C GLN D 198 -28.52 -18.63 -35.69
N TYR D 199 -27.74 -17.73 -35.11
CA TYR D 199 -26.70 -18.13 -34.17
C TYR D 199 -27.31 -18.81 -32.95
N LEU D 200 -28.39 -18.25 -32.42
CA LEU D 200 -29.04 -18.86 -31.26
C LEU D 200 -29.69 -20.18 -31.64
N LYS D 201 -30.27 -20.26 -32.84
CA LYS D 201 -30.78 -21.53 -33.33
C LYS D 201 -29.68 -22.58 -33.36
N THR D 202 -28.47 -22.17 -33.72
CA THR D 202 -27.35 -23.10 -33.71
C THR D 202 -26.98 -23.50 -32.29
N LYS D 203 -26.94 -22.52 -31.37
CA LYS D 203 -26.66 -22.83 -29.98
C LYS D 203 -27.67 -23.82 -29.42
N LYS D 204 -28.89 -23.81 -29.93
CA LYS D 204 -29.93 -24.74 -29.49
C LYS D 204 -29.53 -26.19 -29.71
N ASN D 205 -28.52 -26.43 -30.55
CA ASN D 205 -28.14 -27.79 -30.92
C ASN D 205 -27.08 -28.35 -29.98
N SER D 206 -25.95 -27.65 -29.85
CA SER D 206 -24.85 -28.15 -29.04
C SER D 206 -25.16 -27.98 -27.55
N ASN D 207 -24.62 -28.89 -26.74
CA ASN D 207 -24.84 -28.88 -25.30
C ASN D 207 -23.53 -28.95 -24.51
N ASN D 208 -22.42 -28.54 -25.09
CA ASN D 208 -21.14 -28.62 -24.37
C ASN D 208 -21.11 -27.67 -23.19
N LEU D 209 -21.49 -26.41 -23.40
CA LEU D 209 -21.44 -25.44 -22.32
C LEU D 209 -22.40 -25.81 -21.19
N ILE D 210 -23.56 -26.38 -21.54
CA ILE D 210 -24.53 -26.68 -20.50
C ILE D 210 -24.09 -27.88 -19.68
N ILE D 211 -23.42 -28.85 -20.30
CA ILE D 211 -22.94 -29.97 -19.50
C ILE D 211 -21.76 -29.54 -18.65
N LYS D 212 -20.94 -28.63 -19.17
CA LYS D 212 -19.89 -28.05 -18.33
C LYS D 212 -20.50 -27.34 -17.12
N TYR D 213 -21.56 -26.57 -17.34
CA TYR D 213 -22.18 -25.81 -16.27
C TYR D 213 -22.82 -26.73 -15.24
N ILE D 214 -23.63 -27.71 -15.68
CA ILE D 214 -24.28 -28.58 -14.72
C ILE D 214 -23.25 -29.51 -14.07
N SER D 215 -22.11 -29.73 -14.72
CA SER D 215 -21.08 -30.54 -14.10
C SER D 215 -20.38 -29.78 -12.98
N CYS D 216 -20.05 -28.50 -13.21
CA CYS D 216 -19.45 -27.73 -12.14
C CYS D 216 -20.45 -27.54 -11.00
N ARG D 217 -21.72 -27.32 -11.32
CA ARG D 217 -22.73 -27.22 -10.27
C ARG D 217 -22.89 -28.54 -9.52
N LEU D 218 -22.79 -29.66 -10.23
CA LEU D 218 -22.97 -30.96 -9.57
C LEU D 218 -21.79 -31.28 -8.67
N LEU D 219 -20.58 -30.93 -9.09
CA LEU D 219 -19.43 -31.09 -8.20
C LEU D 219 -19.54 -30.16 -7.00
N THR D 220 -20.03 -28.94 -7.21
CA THR D 220 -20.26 -28.05 -6.08
C THR D 220 -21.25 -28.65 -5.10
N LEU D 221 -22.34 -29.24 -5.61
CA LEU D 221 -23.32 -29.86 -4.74
C LEU D 221 -22.75 -31.07 -4.02
N ILE D 222 -21.96 -31.88 -4.73
CA ILE D 222 -21.38 -33.07 -4.11
C ILE D 222 -20.42 -32.68 -3.00
N ILE D 223 -19.58 -31.66 -3.24
CA ILE D 223 -18.64 -31.23 -2.22
C ILE D 223 -19.37 -30.58 -1.06
N ILE D 224 -20.45 -29.85 -1.34
CA ILE D 224 -21.22 -29.26 -0.26
C ILE D 224 -21.87 -30.34 0.59
N LEU D 225 -22.36 -31.41 -0.04
CA LEU D 225 -22.97 -32.48 0.73
C LEU D 225 -21.93 -33.26 1.53
N LEU D 226 -20.75 -33.46 0.97
CA LEU D 226 -19.68 -34.11 1.72
C LEU D 226 -19.25 -33.25 2.90
N ALA D 227 -19.21 -31.93 2.70
CA ALA D 227 -18.89 -31.03 3.80
C ALA D 227 -19.97 -31.05 4.87
N CYS D 228 -21.24 -31.11 4.45
CA CYS D 228 -22.32 -31.24 5.42
C CYS D 228 -22.19 -32.52 6.21
N ILE D 229 -21.87 -33.63 5.54
CA ILE D 229 -21.71 -34.90 6.24
C ILE D 229 -20.57 -34.81 7.24
N TYR D 230 -19.42 -34.28 6.82
CA TYR D 230 -18.28 -34.19 7.72
C TYR D 230 -18.58 -33.28 8.90
N LEU D 231 -19.22 -32.14 8.65
CA LEU D 231 -19.48 -31.19 9.73
C LEU D 231 -20.53 -31.73 10.69
N GLY D 232 -21.53 -32.45 10.16
CA GLY D 232 -22.50 -33.07 11.04
C GLY D 232 -21.89 -34.16 11.88
N TYR D 233 -20.95 -34.91 11.31
CA TYR D 233 -20.25 -35.90 12.11
C TYR D 233 -19.39 -35.23 13.17
N TYR D 234 -18.61 -34.23 12.78
CA TYR D 234 -17.69 -33.57 13.70
C TYR D 234 -18.45 -32.92 14.84
N PHE D 235 -19.54 -32.21 14.52
CA PHE D 235 -20.36 -31.61 15.57
C PHE D 235 -21.00 -32.68 16.45
N SER D 236 -21.13 -33.90 15.93
CA SER D 236 -21.74 -34.97 16.72
C SER D 236 -20.77 -35.60 17.70
N LEU D 237 -19.50 -35.18 17.69
CA LEU D 237 -18.54 -35.75 18.62
C LEU D 237 -18.94 -35.49 20.07
N SER D 238 -18.42 -36.32 20.97
CA SER D 238 -18.92 -36.37 22.33
C SER D 238 -18.71 -35.08 23.11
N SER D 239 -17.90 -34.17 22.59
CA SER D 239 -17.51 -32.90 23.20
C SER D 239 -16.56 -33.13 24.37
N LEU D 240 -16.35 -34.38 24.77
CA LEU D 240 -15.27 -34.76 25.66
C LEU D 240 -14.17 -35.50 24.94
N SER D 241 -14.28 -35.63 23.61
CA SER D 241 -13.22 -36.24 22.83
C SER D 241 -12.02 -35.32 22.71
N ASP D 242 -12.15 -34.07 23.14
CA ASP D 242 -11.01 -33.17 23.18
C ASP D 242 -10.11 -33.43 24.38
N GLU D 243 -10.56 -34.25 25.32
CA GLU D 243 -9.74 -34.66 26.45
C GLU D 243 -9.19 -36.05 26.18
N PHE D 244 -7.88 -36.14 26.04
CA PHE D 244 -7.25 -37.43 25.78
C PHE D 244 -6.10 -37.61 26.74
N VAL D 245 -5.86 -38.86 27.11
CA VAL D 245 -4.77 -39.21 28.00
C VAL D 245 -3.54 -39.47 27.15
N CYS D 246 -2.42 -38.85 27.52
CA CYS D 246 -1.20 -38.88 26.73
C CYS D 246 -0.05 -39.33 27.62
N SER D 247 0.85 -40.13 27.06
CA SER D 247 1.93 -40.74 27.81
C SER D 247 3.25 -40.49 27.10
N ILE D 248 4.12 -39.68 27.70
CA ILE D 248 5.43 -39.46 27.11
C ILE D 248 6.38 -40.51 27.65
N LYS D 249 6.31 -41.72 27.10
CA LYS D 249 7.12 -42.84 27.59
C LYS D 249 7.68 -43.68 26.46
N SER D 250 7.95 -43.08 25.31
CA SER D 250 8.69 -43.77 24.28
C SER D 250 10.16 -43.37 24.34
N GLY D 251 11.02 -44.23 23.82
CA GLY D 251 12.44 -43.95 23.86
C GLY D 251 13.01 -44.16 25.25
N ILE D 252 14.02 -43.34 25.58
CA ILE D 252 14.69 -43.48 26.87
C ILE D 252 13.79 -43.10 28.03
N LEU D 253 12.67 -42.44 27.77
CA LEU D 253 11.76 -42.08 28.85
C LEU D 253 10.90 -43.26 29.27
N ARG D 254 10.99 -44.37 28.54
CA ARG D 254 10.07 -45.48 28.75
C ARG D 254 10.15 -46.00 30.17
N ASN D 255 11.36 -46.34 30.64
CA ASN D 255 11.48 -46.90 31.98
C ASN D 255 11.86 -45.84 32.99
N ASP D 256 11.85 -44.57 32.59
CA ASP D 256 12.10 -43.48 33.53
C ASP D 256 11.02 -43.46 34.61
N SER D 257 11.40 -43.00 35.80
CA SER D 257 10.50 -43.06 36.95
C SER D 257 9.99 -41.69 37.38
N THR D 258 10.75 -40.63 37.19
CA THR D 258 10.31 -39.31 37.63
C THR D 258 9.12 -38.83 36.81
N VAL D 259 9.01 -39.28 35.57
CA VAL D 259 7.92 -38.88 34.69
C VAL D 259 6.70 -39.76 34.97
N PRO D 260 5.53 -39.18 35.17
CA PRO D 260 4.34 -40.00 35.47
C PRO D 260 3.92 -40.81 34.25
N ASP D 261 3.08 -41.81 34.52
CA ASP D 261 2.70 -42.76 33.48
C ASP D 261 1.92 -42.10 32.36
N GLN D 262 1.03 -41.18 32.71
CA GLN D 262 0.16 -40.57 31.71
C GLN D 262 -0.25 -39.18 32.15
N PHE D 263 -0.55 -38.33 31.18
CA PHE D 263 -0.94 -36.95 31.40
C PHE D 263 -2.34 -36.72 30.88
N GLN D 264 -3.09 -35.86 31.55
CA GLN D 264 -4.43 -35.51 31.12
C GLN D 264 -4.35 -34.27 30.28
N CYS D 265 -4.38 -34.44 28.96
CA CYS D 265 -4.36 -33.32 28.03
C CYS D 265 -5.76 -33.00 27.56
N LYS D 266 -5.96 -31.72 27.22
CA LYS D 266 -7.23 -31.26 26.66
C LYS D 266 -6.95 -30.37 25.47
N LEU D 267 -7.66 -30.59 24.38
CA LEU D 267 -7.52 -29.78 23.19
C LEU D 267 -8.44 -28.57 23.34
N ILE D 268 -7.85 -27.44 23.73
CA ILE D 268 -8.62 -26.20 23.79
C ILE D 268 -9.12 -25.85 22.40
N ALA D 269 -10.13 -25.00 22.34
CA ALA D 269 -10.73 -24.52 21.10
C ALA D 269 -11.40 -25.63 20.31
N VAL D 270 -11.75 -26.75 20.94
CA VAL D 270 -12.55 -27.75 20.26
C VAL D 270 -14.03 -27.42 20.37
N GLY D 271 -14.45 -26.87 21.51
CA GLY D 271 -15.81 -26.36 21.62
C GLY D 271 -16.09 -25.27 20.60
N ILE D 272 -15.12 -24.40 20.37
CA ILE D 272 -15.25 -23.39 19.33
C ILE D 272 -15.34 -24.05 17.96
N PHE D 273 -14.55 -25.10 17.75
CA PHE D 273 -14.61 -25.81 16.47
C PHE D 273 -15.99 -26.40 16.24
N GLN D 274 -16.60 -26.98 17.28
CA GLN D 274 -17.91 -27.59 17.11
C GLN D 274 -18.99 -26.53 16.91
N LEU D 275 -18.92 -25.44 17.68
CA LEU D 275 -19.88 -24.36 17.51
C LEU D 275 -19.77 -23.74 16.13
N LEU D 276 -18.57 -23.71 15.55
CA LEU D 276 -18.43 -23.16 14.21
C LEU D 276 -18.81 -24.19 13.15
N SER D 277 -18.60 -25.47 13.44
CA SER D 277 -18.96 -26.51 12.49
C SER D 277 -20.47 -26.61 12.35
N VAL D 278 -21.21 -26.38 13.43
CA VAL D 278 -22.66 -26.42 13.31
C VAL D 278 -23.17 -25.22 12.51
N ILE D 279 -22.50 -24.07 12.65
CA ILE D 279 -22.86 -22.91 11.84
C ILE D 279 -22.60 -23.19 10.37
N ASN D 280 -21.42 -23.72 10.06
CA ASN D 280 -21.09 -24.08 8.69
C ASN D 280 -22.08 -25.11 8.15
N LEU D 281 -22.47 -26.09 8.96
CA LEU D 281 -23.42 -27.10 8.50
C LEU D 281 -24.78 -26.50 8.24
N VAL D 282 -25.24 -25.58 9.09
CA VAL D 282 -26.53 -24.94 8.87
C VAL D 282 -26.50 -24.14 7.57
N VAL D 283 -25.46 -23.32 7.39
CA VAL D 283 -25.38 -22.52 6.17
C VAL D 283 -25.27 -23.41 4.95
N TYR D 284 -24.59 -24.55 5.07
CA TYR D 284 -24.41 -25.42 3.92
C TYR D 284 -25.69 -26.17 3.58
N VAL D 285 -26.48 -26.55 4.57
CA VAL D 285 -27.74 -27.22 4.26
C VAL D 285 -28.79 -26.21 3.83
N LEU D 286 -28.55 -24.93 4.09
CA LEU D 286 -29.37 -23.89 3.47
C LEU D 286 -28.91 -23.62 2.05
N LEU D 287 -27.62 -23.83 1.77
CA LEU D 287 -27.08 -23.54 0.45
C LEU D 287 -27.35 -24.67 -0.53
N ALA D 288 -27.40 -25.90 -0.04
CA ALA D 288 -27.59 -27.05 -0.93
C ALA D 288 -28.89 -26.97 -1.74
N PRO D 289 -30.04 -26.59 -1.17
CA PRO D 289 -31.22 -26.43 -2.03
C PRO D 289 -31.03 -25.38 -3.11
N VAL D 290 -30.27 -24.33 -2.82
CA VAL D 290 -30.01 -23.31 -3.83
C VAL D 290 -29.23 -23.90 -4.99
N VAL D 291 -28.23 -24.72 -4.69
CA VAL D 291 -27.45 -25.35 -5.75
C VAL D 291 -28.31 -26.34 -6.52
N VAL D 292 -29.15 -27.10 -5.83
CA VAL D 292 -30.02 -28.05 -6.51
C VAL D 292 -30.97 -27.32 -7.45
N TYR D 293 -31.52 -26.19 -7.01
CA TYR D 293 -32.38 -25.40 -7.89
C TYR D 293 -31.61 -24.85 -9.07
N THR D 294 -30.38 -24.38 -8.82
CA THR D 294 -29.53 -23.91 -9.91
C THR D 294 -29.29 -25.01 -10.93
N LEU D 295 -29.25 -26.26 -10.48
CA LEU D 295 -28.97 -27.37 -11.38
C LEU D 295 -30.00 -27.47 -12.49
N PHE D 296 -31.23 -27.05 -12.23
CA PHE D 296 -32.30 -27.10 -13.23
C PHE D 296 -32.29 -25.81 -14.05
N VAL D 297 -31.38 -25.77 -15.00
CA VAL D 297 -31.14 -24.58 -15.82
C VAL D 297 -32.32 -24.23 -16.73
N PRO D 298 -33.08 -25.19 -17.32
CA PRO D 298 -34.19 -24.76 -18.18
C PRO D 298 -35.30 -24.09 -17.40
N PHE D 299 -35.59 -24.64 -16.22
CA PHE D 299 -36.65 -24.08 -15.38
C PHE D 299 -36.36 -22.62 -15.03
N ARG D 300 -35.09 -22.27 -14.86
CA ARG D 300 -34.74 -20.90 -14.53
C ARG D 300 -34.80 -19.97 -15.73
N GLN D 301 -34.74 -20.49 -16.94
CA GLN D 301 -34.88 -19.64 -18.12
C GLN D 301 -36.31 -19.13 -18.20
N LYS D 302 -36.50 -17.86 -17.84
CA LYS D 302 -37.83 -17.29 -17.78
C LYS D 302 -37.75 -15.83 -18.19
N THR D 303 -38.91 -15.22 -18.36
CA THR D 303 -39.02 -13.82 -18.81
C THR D 303 -38.23 -13.62 -20.10
N ASP D 304 -38.70 -14.28 -21.18
CA ASP D 304 -37.98 -14.35 -22.44
C ASP D 304 -37.46 -12.99 -22.86
N VAL D 305 -36.13 -12.85 -22.86
CA VAL D 305 -35.49 -11.54 -22.98
C VAL D 305 -35.58 -11.03 -24.41
N LEU D 306 -35.47 -11.93 -25.38
CA LEU D 306 -35.52 -11.53 -26.77
C LEU D 306 -36.93 -11.20 -27.23
N LYS D 307 -37.95 -11.56 -26.44
CA LYS D 307 -39.32 -11.25 -26.80
C LYS D 307 -39.52 -9.75 -26.96
N VAL D 308 -38.72 -8.96 -26.24
CA VAL D 308 -38.85 -7.51 -26.35
C VAL D 308 -38.34 -7.01 -27.70
N TYR D 309 -37.47 -7.77 -28.36
CA TYR D 309 -36.93 -7.38 -29.66
C TYR D 309 -37.86 -7.73 -30.81
N GLU D 310 -38.96 -8.45 -30.55
CA GLU D 310 -39.81 -8.92 -31.64
C GLU D 310 -40.59 -7.78 -32.27
N ILE D 311 -40.53 -6.59 -31.68
CA ILE D 311 -41.31 -5.46 -32.17
C ILE D 311 -40.48 -4.65 -33.15
N LEU D 312 -39.36 -5.19 -33.59
CA LEU D 312 -38.51 -4.50 -34.55
C LEU D 312 -38.74 -5.08 -35.94
N PRO D 313 -38.86 -4.23 -36.97
CA PRO D 313 -39.01 -4.77 -38.32
C PRO D 313 -37.77 -5.51 -38.81
N THR D 314 -36.58 -5.00 -38.49
CA THR D 314 -35.33 -5.62 -38.88
C THR D 314 -35.03 -6.90 -38.10
N PHE D 315 -35.94 -7.33 -37.25
CA PHE D 315 -35.77 -8.52 -36.43
C PHE D 315 -36.94 -9.46 -36.68
N ASP D 316 -36.62 -10.72 -37.01
CA ASP D 316 -37.67 -11.69 -37.27
C ASP D 316 -38.52 -11.91 -36.03
N VAL D 317 -39.80 -12.25 -36.25
CA VAL D 317 -40.71 -12.47 -35.14
C VAL D 317 -40.59 -13.91 -34.68
N LEU D 318 -39.60 -14.19 -33.83
CA LEU D 318 -39.33 -15.52 -33.33
C LEU D 318 -38.46 -15.44 -32.09
N HIS D 319 -38.99 -15.95 -30.96
CA HIS D 319 -38.16 -16.10 -29.78
C HIS D 319 -37.27 -17.33 -29.90
N PHE D 320 -37.89 -18.51 -30.01
CA PHE D 320 -37.19 -19.77 -30.26
C PHE D 320 -36.08 -20.01 -29.23
N LYS D 321 -36.44 -19.86 -27.96
CA LYS D 321 -35.47 -20.08 -26.89
C LYS D 321 -36.18 -20.62 -25.66
N SER D 322 -36.21 -21.95 -25.54
CA SER D 322 -36.83 -22.64 -24.42
C SER D 322 -36.67 -24.15 -24.53
N GLU D 323 -37.03 -24.86 -23.46
CA GLU D 323 -37.27 -26.31 -23.44
C GLU D 323 -36.09 -27.13 -23.91
N GLY D 324 -34.97 -27.15 -23.18
CA GLY D 324 -33.89 -28.05 -23.53
C GLY D 324 -32.76 -28.02 -22.54
N TYR D 325 -32.10 -29.18 -22.41
CA TYR D 325 -30.82 -29.31 -21.72
C TYR D 325 -29.73 -29.04 -22.75
N ASN D 326 -29.76 -27.84 -23.32
CA ASN D 326 -28.84 -27.47 -24.38
C ASN D 326 -28.29 -26.08 -24.09
N ASP D 327 -27.20 -25.73 -24.78
CA ASP D 327 -26.49 -24.51 -24.47
C ASP D 327 -27.36 -23.28 -24.67
N LEU D 328 -28.47 -23.43 -25.40
CA LEU D 328 -29.34 -22.29 -25.62
C LEU D 328 -29.96 -21.78 -24.31
N SER D 329 -30.32 -22.70 -23.42
CA SER D 329 -30.90 -22.28 -22.15
C SER D 329 -29.87 -21.57 -21.29
N LEU D 330 -28.63 -22.06 -21.28
CA LEU D 330 -27.57 -21.39 -20.57
C LEU D 330 -27.34 -19.99 -21.13
N TYR D 331 -27.33 -19.87 -22.45
CA TYR D 331 -27.17 -18.55 -23.07
C TYR D 331 -28.34 -17.66 -22.74
N ASN D 332 -29.54 -18.24 -22.61
CA ASN D 332 -30.70 -17.45 -22.20
C ASN D 332 -30.51 -16.89 -20.81
N LEU D 333 -30.00 -17.71 -19.89
CA LEU D 333 -29.73 -17.21 -18.54
C LEU D 333 -28.69 -16.10 -18.56
N PHE D 334 -27.59 -16.31 -19.27
CA PHE D 334 -26.54 -15.30 -19.28
C PHE D 334 -26.99 -14.03 -19.99
N LEU D 335 -27.86 -14.16 -20.98
CA LEU D 335 -28.44 -12.98 -21.62
C LEU D 335 -29.37 -12.25 -20.68
N GLU D 336 -30.20 -12.99 -19.95
CA GLU D 336 -31.09 -12.37 -18.97
C GLU D 336 -30.28 -11.62 -17.92
N GLU D 337 -29.08 -12.11 -17.61
CA GLU D 337 -28.26 -11.42 -16.62
C GLU D 337 -27.59 -10.19 -17.21
N ASN D 338 -26.86 -10.35 -18.31
CA ASN D 338 -26.02 -9.28 -18.86
C ASN D 338 -26.76 -8.37 -19.82
N ILE D 339 -28.08 -8.54 -19.98
CA ILE D 339 -28.80 -7.81 -21.01
C ILE D 339 -29.08 -6.38 -20.57
N SER D 340 -29.01 -6.13 -19.26
CA SER D 340 -29.28 -4.79 -18.77
C SER D 340 -28.19 -3.82 -19.22
N GLU D 341 -27.01 -4.33 -19.55
CA GLU D 341 -25.96 -3.47 -20.09
C GLU D 341 -26.28 -3.02 -21.51
N VAL D 342 -27.15 -3.76 -22.19
CA VAL D 342 -27.49 -3.43 -23.58
C VAL D 342 -28.48 -2.28 -23.60
N LYS D 343 -28.05 -1.15 -24.16
CA LYS D 343 -28.90 0.04 -24.20
C LYS D 343 -30.14 -0.19 -25.06
N SER D 344 -29.96 -0.82 -26.22
CA SER D 344 -31.10 -1.11 -27.08
C SER D 344 -32.14 -1.94 -26.36
N TYR D 345 -31.70 -2.93 -25.58
CA TYR D 345 -32.64 -3.71 -24.79
C TYR D 345 -33.37 -2.83 -23.79
N LYS D 346 -32.67 -1.89 -23.17
CA LYS D 346 -33.32 -1.02 -22.18
C LYS D 346 -34.42 -0.19 -22.84
N CYS D 347 -34.11 0.44 -23.96
CA CYS D 347 -35.13 1.25 -24.64
C CYS D 347 -36.29 0.39 -25.13
N LEU D 348 -35.99 -0.78 -25.67
CA LEU D 348 -37.05 -1.66 -26.14
C LEU D 348 -37.94 -2.10 -24.99
N LYS D 349 -37.36 -2.35 -23.81
CA LYS D 349 -38.17 -2.73 -22.67
C LYS D 349 -39.00 -1.57 -22.18
N VAL D 350 -38.47 -0.35 -22.27
CA VAL D 350 -39.29 0.82 -22.01
C VAL D 350 -40.51 0.85 -22.90
N LEU D 351 -40.32 0.68 -24.21
CA LEU D 351 -41.46 0.66 -25.11
C LEU D 351 -42.42 -0.50 -24.81
N GLU D 352 -41.87 -1.66 -24.45
CA GLU D 352 -42.71 -2.82 -24.19
C GLU D 352 -43.57 -2.60 -22.95
N ASN D 353 -43.01 -1.98 -21.91
CA ASN D 353 -43.77 -1.69 -20.71
C ASN D 353 -44.86 -0.67 -20.98
N ILE D 354 -44.54 0.35 -21.79
CA ILE D 354 -45.54 1.33 -22.18
C ILE D 354 -46.66 0.66 -22.96
N LYS D 355 -46.33 -0.34 -23.77
CA LYS D 355 -47.31 -1.06 -24.56
C LYS D 355 -48.34 -1.77 -23.71
N SER D 356 -48.04 -1.96 -22.41
CA SER D 356 -49.03 -2.55 -21.51
C SER D 356 -50.29 -1.69 -21.45
N SER D 357 -50.13 -0.36 -21.43
CA SER D 357 -51.28 0.51 -21.50
C SER D 357 -51.88 0.51 -22.90
N GLY D 358 -51.03 0.42 -23.93
CA GLY D 358 -51.49 0.38 -25.30
C GLY D 358 -51.96 1.71 -25.85
N GLN D 359 -51.46 2.82 -25.33
CA GLN D 359 -51.94 4.12 -25.77
C GLN D 359 -51.54 4.40 -27.22
N GLY D 360 -50.22 4.43 -27.49
CA GLY D 360 -49.78 4.80 -28.82
C GLY D 360 -49.47 3.60 -29.70
N ILE D 361 -48.25 3.52 -30.21
CA ILE D 361 -47.84 2.46 -31.14
C ILE D 361 -46.34 2.25 -31.01
N ASP D 362 -45.90 1.02 -31.30
CA ASP D 362 -44.50 0.66 -31.13
C ASP D 362 -43.57 1.41 -32.09
N PRO D 363 -43.83 1.42 -33.40
CA PRO D 363 -42.88 2.11 -34.30
C PRO D 363 -42.85 3.61 -34.09
N MET D 364 -43.99 4.22 -33.77
CA MET D 364 -44.02 5.66 -33.52
C MET D 364 -43.19 6.01 -32.29
N LEU D 365 -43.38 5.29 -31.19
CA LEU D 365 -42.61 5.55 -29.99
C LEU D 365 -41.13 5.24 -30.21
N LEU D 366 -40.83 4.25 -31.04
CA LEU D 366 -39.43 3.95 -31.35
C LEU D 366 -38.79 5.10 -32.11
N LEU D 367 -39.47 5.61 -33.14
CA LEU D 367 -38.96 6.77 -33.86
C LEU D 367 -38.80 7.97 -32.94
N THR D 368 -39.72 8.12 -31.99
CA THR D 368 -39.60 9.20 -31.01
C THR D 368 -38.36 9.02 -30.15
N ASN D 369 -38.10 7.76 -29.76
CA ASN D 369 -36.98 7.32 -28.88
C ASN D 369 -35.69 8.08 -29.21
N LEU D 370 -35.18 7.87 -30.42
CA LEU D 370 -33.94 8.49 -30.98
C LEU D 370 -32.74 8.15 -30.09
N GLY D 371 -32.48 6.85 -29.90
CA GLY D 371 -31.34 6.37 -29.09
C GLY D 371 -30.56 5.29 -29.84
N MET D 372 -29.82 5.69 -30.88
CA MET D 372 -29.03 4.74 -31.69
C MET D 372 -27.95 4.08 -30.81
N ILE D 373 -27.31 4.87 -29.95
CA ILE D 373 -26.23 4.36 -29.05
C ILE D 373 -25.96 5.41 -27.96
N ALA E 2 -2.25 -16.35 9.28
CA ALA E 2 -3.55 -17.00 9.39
C ALA E 2 -3.78 -17.95 8.22
N ILE E 3 -4.53 -19.01 8.47
CA ILE E 3 -4.83 -19.99 7.42
C ILE E 3 -5.56 -19.33 6.26
N ALA E 4 -6.55 -18.50 6.55
CA ALA E 4 -7.36 -17.94 5.48
C ALA E 4 -6.55 -16.96 4.64
N GLN E 5 -5.58 -16.28 5.25
CA GLN E 5 -4.71 -15.40 4.47
C GLN E 5 -3.89 -16.18 3.46
N LEU E 6 -3.30 -17.30 3.90
CA LEU E 6 -2.56 -18.14 2.97
C LEU E 6 -3.46 -18.70 1.90
N ALA E 7 -4.68 -19.10 2.27
CA ALA E 7 -5.64 -19.58 1.29
C ALA E 7 -5.89 -18.54 0.21
N THR E 8 -6.24 -17.32 0.62
CA THR E 8 -6.40 -16.25 -0.36
C THR E 8 -5.17 -16.11 -1.23
N GLU E 9 -4.01 -15.91 -0.61
CA GLU E 9 -2.79 -15.61 -1.34
C GLU E 9 -2.45 -16.68 -2.36
N TYR E 10 -2.71 -17.95 -2.06
CA TYR E 10 -2.18 -19.02 -2.90
C TYR E 10 -3.22 -19.77 -3.73
N VAL E 11 -4.51 -19.60 -3.49
CA VAL E 11 -5.48 -20.15 -4.43
C VAL E 11 -6.41 -19.05 -4.91
N PHE E 12 -6.87 -18.17 -4.02
CA PHE E 12 -7.91 -17.22 -4.41
C PHE E 12 -7.31 -15.98 -5.05
N SER E 13 -6.09 -15.63 -4.69
CA SER E 13 -5.38 -14.58 -5.41
C SER E 13 -4.91 -15.10 -6.77
N ASP E 14 -4.51 -14.17 -7.63
CA ASP E 14 -4.00 -14.54 -8.94
C ASP E 14 -2.52 -14.91 -8.83
N PHE E 15 -2.19 -15.81 -7.92
CA PHE E 15 -0.81 -16.21 -7.73
C PHE E 15 -0.34 -17.02 -8.93
N LEU E 16 0.74 -16.56 -9.56
CA LEU E 16 1.30 -17.13 -10.78
C LEU E 16 0.29 -17.15 -11.93
N LEU E 17 -0.76 -16.33 -11.84
CA LEU E 17 -1.69 -16.11 -12.95
C LEU E 17 -1.57 -14.70 -13.51
N LYS E 18 -0.56 -13.95 -13.08
CA LYS E 18 -0.39 -12.59 -13.56
C LYS E 18 0.00 -12.58 -15.03
N GLU E 19 -0.75 -11.83 -15.82
CA GLU E 19 -0.38 -11.60 -17.20
C GLU E 19 0.93 -10.82 -17.26
N PRO E 20 1.73 -11.02 -18.32
CA PRO E 20 3.00 -10.29 -18.43
C PRO E 20 2.77 -8.78 -18.43
N THR E 21 3.27 -8.12 -17.39
CA THR E 21 3.08 -6.69 -17.26
C THR E 21 3.99 -5.94 -18.23
N GLU E 22 3.57 -5.91 -19.49
CA GLU E 22 4.32 -5.27 -20.55
C GLU E 22 3.43 -5.10 -21.79
N PRO E 23 3.59 -4.02 -22.55
CA PRO E 23 2.78 -3.83 -23.76
C PRO E 23 3.24 -4.64 -24.98
N LYS E 24 4.30 -5.44 -24.85
CA LYS E 24 4.74 -6.27 -25.96
C LYS E 24 3.75 -7.39 -26.23
N PHE E 25 3.29 -8.07 -25.17
CA PHE E 25 2.27 -9.10 -25.28
C PHE E 25 1.01 -8.58 -24.61
N LYS E 26 0.06 -8.14 -25.42
CA LYS E 26 -1.19 -7.54 -24.94
C LYS E 26 -2.31 -8.54 -25.16
N GLY E 27 -2.75 -9.18 -24.08
CA GLY E 27 -3.79 -10.19 -24.17
C GLY E 27 -3.33 -11.53 -24.72
N LEU E 28 -2.09 -11.64 -25.16
CA LEU E 28 -1.54 -12.89 -25.64
C LEU E 28 -1.17 -13.75 -24.44
N ARG E 29 -1.59 -15.02 -24.46
CA ARG E 29 -1.39 -15.86 -23.30
C ARG E 29 0.04 -16.32 -23.18
N LEU E 30 0.60 -16.88 -24.25
CA LEU E 30 1.98 -17.38 -24.34
C LEU E 30 2.23 -18.57 -23.42
N GLU E 31 1.24 -19.02 -22.66
CA GLU E 31 1.32 -20.23 -21.85
C GLU E 31 -0.02 -20.92 -21.91
N LEU E 32 -0.04 -22.14 -22.42
CA LEU E 32 -1.29 -22.87 -22.56
C LEU E 32 -1.98 -23.03 -21.22
N ALA E 33 -3.31 -22.95 -21.24
CA ALA E 33 -4.08 -22.96 -20.00
C ALA E 33 -3.74 -24.18 -19.15
N VAL E 34 -3.58 -25.35 -19.77
CA VAL E 34 -3.22 -26.53 -19.00
C VAL E 34 -1.81 -26.39 -18.44
N ASP E 35 -0.91 -25.76 -19.20
CA ASP E 35 0.43 -25.54 -18.69
C ASP E 35 0.44 -24.50 -17.58
N LYS E 36 -0.36 -23.44 -17.72
CA LYS E 36 -0.45 -22.45 -16.66
C LYS E 36 -1.00 -23.05 -15.39
N MET E 37 -2.01 -23.91 -15.49
CA MET E 37 -2.56 -24.53 -14.29
C MET E 37 -1.63 -25.56 -13.69
N VAL E 38 -0.90 -26.31 -14.52
CA VAL E 38 0.09 -27.25 -14.00
C VAL E 38 1.18 -26.51 -13.24
N THR E 39 1.65 -25.40 -13.80
CA THR E 39 2.65 -24.60 -13.11
C THR E 39 2.09 -24.05 -11.80
N CYS E 40 0.89 -23.47 -11.86
CA CYS E 40 0.29 -22.90 -10.65
C CYS E 40 0.17 -23.95 -9.56
N ILE E 41 -0.32 -25.13 -9.89
CA ILE E 41 -0.45 -26.19 -8.89
C ILE E 41 0.92 -26.61 -8.39
N ALA E 42 1.79 -27.07 -9.30
CA ALA E 42 3.05 -27.66 -8.89
C ALA E 42 3.93 -26.68 -8.13
N VAL E 43 3.67 -25.37 -8.27
CA VAL E 43 4.50 -24.40 -7.56
C VAL E 43 3.82 -23.92 -6.30
N GLY E 44 2.54 -23.57 -6.38
CA GLY E 44 1.86 -23.00 -5.23
C GLY E 44 1.51 -24.03 -4.17
N LEU E 45 1.31 -25.28 -4.59
CA LEU E 45 0.96 -26.31 -3.60
C LEU E 45 2.08 -26.56 -2.61
N PRO E 46 3.34 -26.74 -3.00
CA PRO E 46 4.38 -26.84 -1.98
C PRO E 46 4.52 -25.59 -1.15
N LEU E 47 4.32 -24.41 -1.75
CA LEU E 47 4.39 -23.18 -0.97
C LEU E 47 3.23 -23.07 0.01
N LEU E 48 2.03 -23.41 -0.47
CA LEU E 48 0.81 -23.36 0.38
C LEU E 48 0.95 -24.37 1.52
N LEU E 49 1.59 -25.51 1.23
CA LEU E 49 1.81 -26.59 2.23
C LEU E 49 2.84 -26.10 3.26
N ILE E 50 3.94 -25.50 2.80
CA ILE E 50 4.92 -24.95 3.73
C ILE E 50 4.25 -23.94 4.66
N SER E 51 3.46 -23.03 4.10
CA SER E 51 2.83 -22.00 4.93
C SER E 51 1.83 -22.60 5.90
N LEU E 52 1.19 -23.70 5.48
CA LEU E 52 0.23 -24.39 6.36
C LEU E 52 1.02 -25.05 7.49
N ALA E 53 2.12 -25.74 7.19
CA ALA E 53 2.81 -26.56 8.18
C ALA E 53 3.25 -25.74 9.39
N PHE E 54 3.25 -24.42 9.27
CA PHE E 54 3.61 -23.55 10.38
C PHE E 54 2.56 -22.48 10.63
N ALA E 55 1.33 -22.72 10.22
CA ALA E 55 0.23 -21.86 10.62
C ALA E 55 0.21 -21.72 12.13
N GLN E 56 -0.04 -20.51 12.61
CA GLN E 56 0.13 -20.22 14.02
C GLN E 56 -0.78 -21.08 14.90
N GLU E 57 -1.83 -21.64 14.33
CA GLU E 57 -2.75 -22.44 15.14
C GLU E 57 -2.46 -23.93 15.04
N ILE E 58 -1.65 -24.33 14.06
CA ILE E 58 -1.25 -25.73 14.00
C ILE E 58 0.08 -25.93 14.73
N SER E 59 0.91 -24.89 14.74
CA SER E 59 2.17 -24.94 15.48
C SER E 59 1.89 -24.74 16.95
N ILE E 60 2.38 -25.66 17.79
CA ILE E 60 2.22 -25.50 19.23
C ILE E 60 3.27 -24.55 19.77
N GLY E 61 4.41 -24.45 19.09
CA GLY E 61 5.51 -23.66 19.60
C GLY E 61 6.80 -23.96 18.86
N THR E 62 7.85 -24.30 19.59
CA THR E 62 9.11 -24.65 18.97
C THR E 62 8.97 -25.89 18.10
N GLN E 63 9.95 -26.11 17.23
CA GLN E 63 9.91 -27.27 16.35
C GLN E 63 10.49 -28.50 17.02
N ILE E 64 11.18 -28.33 18.14
CA ILE E 64 11.81 -29.43 18.86
C ILE E 64 11.61 -29.20 20.34
N SER E 65 11.46 -30.30 21.08
CA SER E 65 11.37 -30.28 22.53
C SER E 65 12.12 -31.50 23.06
N CYS E 66 12.88 -31.32 24.14
CA CYS E 66 13.87 -32.30 24.51
C CYS E 66 13.73 -32.89 25.91
N PHE E 67 12.87 -32.34 26.75
CA PHE E 67 12.65 -32.89 28.09
C PHE E 67 13.93 -33.01 28.91
N SER E 68 14.53 -31.90 29.27
CA SER E 68 15.63 -31.89 30.21
C SER E 68 15.13 -32.35 31.58
N PRO E 69 16.03 -32.75 32.47
CA PRO E 69 15.61 -33.12 33.83
C PRO E 69 14.98 -31.94 34.56
N SER E 70 14.32 -32.27 35.69
CA SER E 70 13.66 -31.24 36.47
C SER E 70 14.67 -30.30 37.13
N SER E 71 15.86 -30.83 37.42
CA SER E 71 16.87 -30.00 38.09
C SER E 71 17.40 -28.93 37.16
N PHE E 72 17.34 -29.16 35.84
CA PHE E 72 17.82 -28.18 34.88
C PHE E 72 17.02 -26.89 34.99
N SER E 73 17.72 -25.76 34.85
CA SER E 73 17.03 -24.44 34.85
C SER E 73 16.34 -24.25 33.49
N ALA E 74 15.50 -23.22 33.37
CA ALA E 74 14.77 -22.98 32.11
C ALA E 74 15.79 -22.69 30.99
N ARG E 75 16.81 -21.89 31.29
CA ARG E 75 17.88 -21.59 30.30
C ARG E 75 18.68 -22.86 29.97
N GLN E 76 18.95 -23.71 30.95
CA GLN E 76 19.66 -24.99 30.70
C GLN E 76 18.80 -25.86 29.78
N ALA E 77 17.48 -25.88 30.01
CA ALA E 77 16.55 -26.63 29.13
C ALA E 77 16.61 -26.04 27.72
N ALA E 78 16.63 -24.70 27.62
CA ALA E 78 16.69 -24.04 26.30
C ALA E 78 17.99 -24.42 25.59
N PHE E 79 19.10 -24.54 26.34
CA PHE E 79 20.34 -24.97 25.71
C PHE E 79 20.22 -26.38 25.17
N VAL E 80 19.61 -27.28 25.93
CA VAL E 80 19.46 -28.65 25.46
C VAL E 80 18.63 -28.68 24.18
N ASP E 81 17.51 -27.96 24.17
CA ASP E 81 16.67 -27.92 22.98
C ASP E 81 17.44 -27.40 21.78
N SER E 82 18.09 -26.25 21.92
CA SER E 82 18.78 -25.65 20.78
C SER E 82 19.97 -26.51 20.35
N TYR E 83 20.67 -27.09 21.31
CA TYR E 83 21.81 -27.95 20.97
C TYR E 83 21.35 -29.15 20.16
N CYS E 84 20.27 -29.80 20.57
CA CYS E 84 19.83 -30.98 19.84
C CYS E 84 19.28 -30.60 18.48
N TRP E 85 18.59 -29.45 18.41
CA TRP E 85 18.15 -28.94 17.12
C TRP E 85 19.32 -28.76 16.17
N ALA E 86 20.42 -28.18 16.66
CA ALA E 86 21.59 -28.01 15.81
C ALA E 86 22.35 -29.32 15.65
N ALA E 87 22.06 -30.29 16.51
CA ALA E 87 22.80 -31.55 16.53
C ALA E 87 22.14 -32.64 15.73
N VAL E 88 20.97 -32.40 15.14
CA VAL E 88 20.45 -33.37 14.18
C VAL E 88 21.42 -33.53 13.02
N GLN E 89 22.30 -32.55 12.79
CA GLN E 89 23.31 -32.68 11.75
C GLN E 89 24.50 -33.50 12.23
N GLN E 90 25.10 -33.12 13.36
CA GLN E 90 26.27 -33.82 13.87
C GLN E 90 25.87 -35.23 14.25
N LYS E 91 26.30 -36.21 13.46
CA LYS E 91 25.81 -37.57 13.62
C LYS E 91 26.33 -38.22 14.89
N ASN E 92 27.44 -37.72 15.43
CA ASN E 92 28.03 -38.33 16.61
C ASN E 92 27.17 -38.10 17.85
N SER E 93 26.49 -36.95 17.91
CA SER E 93 25.79 -36.58 19.14
C SER E 93 24.50 -37.36 19.32
N LEU E 94 23.72 -37.50 18.25
CA LEU E 94 22.37 -38.05 18.34
C LEU E 94 22.37 -39.51 17.92
N GLN E 95 21.56 -40.31 18.60
CA GLN E 95 21.37 -41.71 18.28
C GLN E 95 19.88 -41.94 18.02
N SER E 96 19.54 -42.26 16.77
CA SER E 96 18.16 -42.49 16.38
C SER E 96 18.01 -43.87 15.78
N GLU E 97 16.89 -44.52 16.07
CA GLU E 97 16.64 -45.86 15.54
C GLU E 97 16.51 -45.87 14.03
N SER E 98 15.84 -44.87 13.45
CA SER E 98 15.65 -44.85 12.01
C SER E 98 16.91 -44.41 11.28
N GLY E 99 17.69 -43.53 11.89
CA GLY E 99 18.90 -43.02 11.29
C GLY E 99 18.94 -41.50 11.28
N ASN E 100 20.08 -40.98 10.81
CA ASN E 100 20.26 -39.54 10.79
C ASN E 100 19.58 -38.90 9.58
N LEU E 101 19.41 -39.67 8.50
CA LEU E 101 18.74 -39.15 7.33
C LEU E 101 17.31 -38.73 7.61
N PRO E 102 16.48 -39.50 8.32
CA PRO E 102 15.15 -38.98 8.68
C PRO E 102 15.22 -37.70 9.49
N LEU E 103 16.23 -37.56 10.35
CA LEU E 103 16.35 -36.34 11.13
C LEU E 103 16.64 -35.15 10.23
N TRP E 104 17.59 -35.31 9.31
CA TRP E 104 17.86 -34.28 8.32
C TRP E 104 16.59 -33.90 7.56
N LEU E 105 15.84 -34.90 7.12
CA LEU E 105 14.65 -34.63 6.33
C LEU E 105 13.58 -33.95 7.16
N HIS E 106 13.51 -34.25 8.45
CA HIS E 106 12.51 -33.63 9.30
C HIS E 106 12.85 -32.18 9.59
N LYS E 107 14.13 -31.89 9.80
CA LYS E 107 14.52 -30.51 10.08
C LYS E 107 14.34 -29.64 8.84
N PHE E 108 14.74 -30.15 7.67
CA PHE E 108 14.81 -29.36 6.45
C PHE E 108 13.66 -29.66 5.49
N PHE E 109 12.55 -30.18 5.99
CA PHE E 109 11.39 -30.39 5.13
C PHE E 109 10.90 -29.11 4.45
N PRO E 110 10.76 -27.97 5.15
CA PRO E 110 10.35 -26.76 4.43
C PRO E 110 11.33 -26.36 3.34
N TYR E 111 12.63 -26.51 3.60
CA TYR E 111 13.62 -26.17 2.58
C TYR E 111 13.48 -27.08 1.37
N ILE E 112 13.21 -28.37 1.58
CA ILE E 112 13.11 -29.29 0.46
C ILE E 112 11.84 -28.99 -0.35
N LEU E 113 10.75 -28.65 0.33
CA LEU E 113 9.54 -28.28 -0.42
C LEU E 113 9.75 -26.99 -1.20
N LEU E 114 10.43 -26.01 -0.61
CA LEU E 114 10.72 -24.79 -1.35
C LEU E 114 11.64 -25.07 -2.52
N LEU E 115 12.59 -25.99 -2.36
CA LEU E 115 13.47 -26.37 -3.45
C LEU E 115 12.66 -26.97 -4.59
N PHE E 116 11.71 -27.83 -4.26
CA PHE E 116 10.86 -28.41 -5.29
C PHE E 116 10.01 -27.36 -5.97
N ALA E 117 9.49 -26.40 -5.20
CA ALA E 117 8.72 -25.32 -5.80
C ALA E 117 9.57 -24.52 -6.78
N ILE E 118 10.80 -24.20 -6.38
CA ILE E 118 11.69 -23.43 -7.24
C ILE E 118 12.03 -24.20 -8.51
N LEU E 119 12.44 -25.46 -8.36
CA LEU E 119 12.77 -26.27 -9.53
C LEU E 119 11.57 -26.45 -10.44
N LEU E 120 10.37 -26.48 -9.88
CA LEU E 120 9.19 -26.63 -10.74
C LEU E 120 8.83 -25.31 -11.39
N TYR E 121 9.23 -24.19 -10.78
CA TYR E 121 9.02 -22.89 -11.41
C TYR E 121 10.06 -22.61 -12.48
N LEU E 122 11.20 -23.27 -12.44
CA LEU E 122 12.27 -22.97 -13.40
C LEU E 122 11.89 -23.24 -14.85
N PRO E 123 11.30 -24.38 -15.23
CA PRO E 123 10.98 -24.60 -16.65
C PRO E 123 9.97 -23.60 -17.18
N PRO E 124 8.90 -23.27 -16.44
CA PRO E 124 8.02 -22.21 -16.93
C PRO E 124 8.72 -20.88 -17.10
N LEU E 125 9.69 -20.58 -16.23
CA LEU E 125 10.45 -19.34 -16.38
C LEU E 125 11.31 -19.38 -17.63
N PHE E 126 11.98 -20.50 -17.88
CA PHE E 126 12.76 -20.64 -19.10
C PHE E 126 11.89 -20.51 -20.33
N TRP E 127 10.67 -21.05 -20.28
CA TRP E 127 9.76 -20.88 -21.40
C TRP E 127 9.33 -19.43 -21.55
N ARG E 128 9.06 -18.75 -20.44
CA ARG E 128 8.59 -17.37 -20.49
C ARG E 128 9.67 -16.42 -20.99
N PHE E 129 10.93 -16.78 -20.82
CA PHE E 129 12.01 -15.87 -21.21
C PHE E 129 12.68 -16.26 -22.52
N ALA E 130 12.89 -17.54 -22.77
CA ALA E 130 13.65 -17.95 -23.95
C ALA E 130 12.75 -18.12 -25.16
N ALA E 131 11.58 -18.74 -24.98
CA ALA E 131 10.73 -19.10 -26.11
C ALA E 131 9.41 -18.36 -26.17
N ALA E 132 9.03 -17.62 -25.12
CA ALA E 132 7.75 -16.91 -25.15
C ALA E 132 7.76 -15.72 -26.10
N PRO E 133 8.80 -14.87 -26.13
CA PRO E 133 8.76 -13.74 -27.08
C PRO E 133 8.82 -14.19 -28.53
N HIS E 134 9.58 -15.24 -28.84
CA HIS E 134 9.64 -15.74 -30.20
C HIS E 134 8.27 -16.15 -30.70
N ILE E 135 7.49 -16.83 -29.85
CA ILE E 135 6.16 -17.24 -30.27
C ILE E 135 5.19 -16.07 -30.20
N CYS E 136 5.47 -15.10 -29.33
CA CYS E 136 4.57 -13.97 -29.17
C CYS E 136 4.58 -13.08 -30.40
N SER E 137 5.77 -12.75 -30.89
CA SER E 137 5.87 -11.93 -32.10
C SER E 137 5.20 -12.63 -33.27
N ASP E 138 5.49 -13.91 -33.47
CA ASP E 138 4.91 -14.65 -34.58
C ASP E 138 3.39 -14.73 -34.46
N LEU E 139 2.88 -14.96 -33.26
CA LEU E 139 1.44 -15.09 -33.08
C LEU E 139 0.74 -13.76 -33.30
N LYS E 140 1.33 -12.67 -32.81
CA LYS E 140 0.75 -11.35 -33.04
C LYS E 140 0.75 -11.03 -34.52
N PHE E 141 1.83 -11.38 -35.23
CA PHE E 141 1.86 -11.15 -36.67
C PHE E 141 0.81 -11.99 -37.39
N ILE E 142 0.62 -13.24 -36.98
CA ILE E 142 -0.38 -14.09 -37.62
C ILE E 142 -1.77 -13.54 -37.39
N MET E 143 -2.06 -13.08 -36.17
CA MET E 143 -3.36 -12.51 -35.89
C MET E 143 -3.60 -11.23 -36.69
N GLU E 144 -2.59 -10.36 -36.78
CA GLU E 144 -2.73 -9.17 -37.60
C GLU E 144 -2.97 -9.51 -39.06
N GLU E 145 -2.23 -10.49 -39.59
CA GLU E 145 -2.39 -10.88 -40.98
C GLU E 145 -3.77 -11.48 -41.22
N LEU E 146 -4.29 -12.23 -40.25
CA LEU E 146 -5.62 -12.80 -40.41
C LEU E 146 -6.69 -11.71 -40.41
N ASP E 147 -6.57 -10.73 -39.50
CA ASP E 147 -7.50 -9.62 -39.52
C ASP E 147 -7.42 -8.86 -40.84
N LYS E 148 -6.21 -8.70 -41.37
CA LYS E 148 -6.04 -7.97 -42.62
C LYS E 148 -6.66 -8.73 -43.78
N VAL E 149 -6.45 -10.03 -43.85
CA VAL E 149 -7.02 -10.81 -44.96
C VAL E 149 -8.54 -10.83 -44.85
N TYR E 150 -9.08 -10.85 -43.63
CA TYR E 150 -10.53 -10.77 -43.46
C TYR E 150 -11.06 -9.44 -43.96
N ASN E 151 -10.41 -8.34 -43.57
CA ASN E 151 -10.82 -7.02 -44.02
C ASN E 151 -10.78 -6.93 -45.54
N ARG E 152 -9.71 -7.44 -46.15
CA ARG E 152 -9.59 -7.37 -47.61
C ARG E 152 -10.65 -8.22 -48.29
N ALA E 153 -10.96 -9.39 -47.71
CA ALA E 153 -11.99 -10.25 -48.30
C ALA E 153 -13.35 -9.59 -48.25
N ILE E 154 -13.69 -8.95 -47.13
CA ILE E 154 -15.00 -8.31 -47.04
C ILE E 154 -15.04 -7.04 -47.88
N LYS E 155 -13.89 -6.37 -48.05
CA LYS E 155 -13.85 -5.20 -48.92
C LYS E 155 -14.04 -5.60 -50.37
N ALA E 156 -13.43 -6.71 -50.79
CA ALA E 156 -13.66 -7.23 -52.14
C ALA E 156 -15.12 -7.65 -52.31
N ALA E 157 -15.69 -8.29 -51.28
CA ALA E 157 -17.08 -8.68 -51.34
C ALA E 157 -18.00 -7.46 -51.34
N LYS E 158 -17.65 -6.43 -50.56
CA LYS E 158 -18.45 -5.22 -50.53
C LYS E 158 -18.42 -4.50 -51.88
N SER E 159 -17.24 -4.46 -52.52
CA SER E 159 -17.13 -3.85 -53.83
C SER E 159 -17.93 -4.63 -54.87
N ALA E 160 -17.99 -5.97 -54.71
CA ALA E 160 -18.81 -6.77 -55.62
C ALA E 160 -20.29 -6.49 -55.40
N ARG E 161 -20.69 -6.29 -54.15
CA ARG E 161 -22.10 -5.96 -53.88
C ARG E 161 -22.46 -4.59 -54.45
N ASP E 162 -21.48 -3.70 -54.56
CA ASP E 162 -21.71 -2.38 -55.11
C ASP E 162 -21.72 -2.41 -56.63
N PHE E 191 -1.46 -8.45 -56.18
CA PHE E 191 -1.16 -9.01 -54.87
C PHE E 191 -1.81 -10.37 -54.69
N LYS E 192 -2.69 -10.47 -53.70
CA LYS E 192 -3.41 -11.71 -53.40
C LYS E 192 -2.45 -12.87 -53.13
N TYR E 193 -1.55 -12.67 -52.17
CA TYR E 193 -0.57 -13.69 -51.80
C TYR E 193 -0.91 -14.27 -50.44
N PRO E 194 -1.02 -15.58 -50.30
CA PRO E 194 -1.27 -16.17 -48.98
C PRO E 194 -0.04 -16.10 -48.10
N ILE E 195 0.23 -14.93 -47.52
CA ILE E 195 1.46 -14.73 -46.78
C ILE E 195 1.44 -15.51 -45.47
N VAL E 196 0.30 -15.51 -44.77
CA VAL E 196 0.23 -16.20 -43.49
C VAL E 196 0.27 -17.71 -43.71
N GLU E 197 -0.35 -18.18 -44.80
CA GLU E 197 -0.28 -19.60 -45.12
C GLU E 197 1.15 -20.02 -45.42
N GLN E 198 1.89 -19.20 -46.15
CA GLN E 198 3.29 -19.52 -46.42
C GLN E 198 4.12 -19.47 -45.16
N TYR E 199 3.82 -18.53 -44.26
CA TYR E 199 4.56 -18.45 -43.00
C TYR E 199 4.34 -19.71 -42.17
N LEU E 200 3.10 -20.19 -42.11
CA LEU E 200 2.81 -21.41 -41.36
C LEU E 200 3.45 -22.62 -42.03
N LYS E 201 3.43 -22.65 -43.37
CA LYS E 201 4.14 -23.70 -44.09
C LYS E 201 5.61 -23.71 -43.71
N THR E 202 6.21 -22.53 -43.52
CA THR E 202 7.59 -22.45 -43.09
C THR E 202 7.75 -22.97 -41.66
N LYS E 203 6.84 -22.57 -40.77
CA LYS E 203 6.87 -23.06 -39.40
C LYS E 203 6.81 -24.58 -39.36
N LYS E 204 6.14 -25.19 -40.33
CA LYS E 204 6.02 -26.63 -40.40
C LYS E 204 7.38 -27.31 -40.50
N ASN E 205 8.41 -26.55 -40.86
CA ASN E 205 9.75 -27.14 -41.12
C ASN E 205 10.59 -27.15 -39.84
N SER E 206 10.77 -25.98 -39.23
CA SER E 206 11.64 -25.89 -38.06
C SER E 206 10.95 -26.45 -36.82
N ASN E 207 11.74 -27.00 -35.91
CA ASN E 207 11.23 -27.61 -34.69
C ASN E 207 11.92 -27.09 -33.43
N ASN E 208 12.48 -25.89 -33.48
CA ASN E 208 13.18 -25.37 -32.30
C ASN E 208 12.23 -25.08 -31.16
N LEU E 209 11.12 -24.39 -31.46
CA LEU E 209 10.18 -24.03 -30.40
C LEU E 209 9.54 -25.28 -29.79
N ILE E 210 9.29 -26.30 -30.61
CA ILE E 210 8.61 -27.48 -30.08
C ILE E 210 9.55 -28.30 -29.22
N ILE E 211 10.84 -28.34 -29.55
CA ILE E 211 11.76 -29.07 -28.69
C ILE E 211 11.99 -28.29 -27.40
N LYS E 212 12.00 -26.95 -27.48
CA LYS E 212 12.04 -26.16 -26.26
C LYS E 212 10.83 -26.45 -25.38
N TYR E 213 9.65 -26.52 -25.98
CA TYR E 213 8.43 -26.76 -25.23
C TYR E 213 8.42 -28.15 -24.60
N ILE E 214 8.70 -29.19 -25.38
CA ILE E 214 8.67 -30.53 -24.82
C ILE E 214 9.83 -30.73 -23.85
N SER E 215 10.89 -29.94 -23.98
CA SER E 215 11.99 -30.04 -23.03
C SER E 215 11.60 -29.43 -21.68
N CYS E 216 10.96 -28.26 -21.70
CA CYS E 216 10.51 -27.69 -20.43
C CYS E 216 9.44 -28.57 -19.80
N ARG E 217 8.55 -29.14 -20.61
CA ARG E 217 7.55 -30.06 -20.06
C ARG E 217 8.20 -31.33 -19.52
N LEU E 218 9.26 -31.81 -20.18
CA LEU E 218 9.91 -33.03 -19.72
C LEU E 218 10.67 -32.79 -18.42
N LEU E 219 11.32 -31.64 -18.29
CA LEU E 219 11.94 -31.30 -17.01
C LEU E 219 10.89 -31.12 -15.92
N THR E 220 9.75 -30.52 -16.26
CA THR E 220 8.67 -30.42 -15.28
C THR E 220 8.22 -31.80 -14.82
N LEU E 221 8.07 -32.74 -15.77
CA LEU E 221 7.66 -34.09 -15.41
C LEU E 221 8.71 -34.79 -14.58
N ILE E 222 9.99 -34.61 -14.93
CA ILE E 222 11.06 -35.27 -14.19
C ILE E 222 11.12 -34.75 -12.77
N ILE E 223 10.98 -33.43 -12.59
CA ILE E 223 11.03 -32.86 -11.26
C ILE E 223 9.79 -33.26 -10.47
N ILE E 224 8.64 -33.35 -11.13
CA ILE E 224 7.44 -33.79 -10.44
C ILE E 224 7.58 -35.24 -9.98
N LEU E 225 8.20 -36.09 -10.81
CA LEU E 225 8.38 -37.48 -10.42
C LEU E 225 9.39 -37.61 -9.30
N LEU E 226 10.46 -36.81 -9.34
CA LEU E 226 11.42 -36.82 -8.24
C LEU E 226 10.78 -36.34 -6.95
N ALA E 227 9.91 -35.34 -7.05
CA ALA E 227 9.19 -34.87 -5.87
C ALA E 227 8.22 -35.93 -5.36
N CYS E 228 7.55 -36.64 -6.26
CA CYS E 228 6.70 -37.74 -5.84
C CYS E 228 7.51 -38.81 -5.11
N ILE E 229 8.68 -39.14 -5.65
CA ILE E 229 9.52 -40.15 -5.01
C ILE E 229 9.95 -39.69 -3.62
N TYR E 230 10.41 -38.44 -3.51
CA TYR E 230 10.85 -37.94 -2.21
C TYR E 230 9.70 -37.90 -1.21
N LEU E 231 8.53 -37.44 -1.65
CA LEU E 231 7.40 -37.30 -0.73
C LEU E 231 6.86 -38.67 -0.32
N GLY E 232 6.88 -39.63 -1.24
CA GLY E 232 6.47 -40.97 -0.88
C GLY E 232 7.43 -41.62 0.08
N TYR E 233 8.73 -41.35 -0.09
CA TYR E 233 9.70 -41.84 0.88
C TYR E 233 9.49 -41.18 2.23
N TYR E 234 9.38 -39.85 2.25
CA TYR E 234 9.26 -39.12 3.50
C TYR E 234 8.00 -39.52 4.26
N PHE E 235 6.88 -39.63 3.55
CA PHE E 235 5.65 -40.09 4.19
C PHE E 235 5.78 -41.52 4.68
N SER E 236 6.71 -42.29 4.09
CA SER E 236 6.88 -43.67 4.50
C SER E 236 7.71 -43.80 5.76
N LEU E 237 8.22 -42.70 6.30
CA LEU E 237 9.03 -42.78 7.52
C LEU E 237 8.20 -43.33 8.67
N SER E 238 8.91 -43.87 9.67
CA SER E 238 8.28 -44.68 10.71
C SER E 238 7.29 -43.90 11.55
N SER E 239 7.28 -42.58 11.47
CA SER E 239 6.47 -41.65 12.24
C SER E 239 6.95 -41.59 13.69
N LEU E 240 7.88 -42.45 14.08
CA LEU E 240 8.62 -42.31 15.33
C LEU E 240 10.06 -41.88 15.08
N SER E 241 10.41 -41.60 13.82
CA SER E 241 11.73 -41.09 13.51
C SER E 241 11.88 -39.65 13.96
N ASP E 242 10.78 -39.00 14.34
CA ASP E 242 10.87 -37.66 14.91
C ASP E 242 11.32 -37.66 16.34
N GLU E 243 11.38 -38.82 16.98
CA GLU E 243 11.92 -38.95 18.33
C GLU E 243 13.34 -39.47 18.24
N PHE E 244 14.29 -38.65 18.66
CA PHE E 244 15.69 -39.04 18.62
C PHE E 244 16.32 -38.76 19.96
N VAL E 245 17.29 -39.59 20.33
CA VAL E 245 18.01 -39.43 21.57
C VAL E 245 19.21 -38.54 21.30
N CYS E 246 19.39 -37.51 22.11
CA CYS E 246 20.40 -36.49 21.90
C CYS E 246 21.23 -36.36 23.17
N SER E 247 22.54 -36.15 22.99
CA SER E 247 23.47 -36.12 24.10
C SER E 247 24.34 -34.87 24.00
N ILE E 248 24.17 -33.95 24.95
CA ILE E 248 25.00 -32.75 24.97
C ILE E 248 26.24 -33.05 25.80
N LYS E 249 27.20 -33.76 25.21
CA LYS E 249 28.39 -34.18 25.94
C LYS E 249 29.65 -34.02 25.10
N SER E 250 29.69 -33.05 24.20
CA SER E 250 30.93 -32.72 23.53
C SER E 250 31.57 -31.52 24.22
N GLY E 251 32.88 -31.39 24.06
CA GLY E 251 33.59 -30.29 24.70
C GLY E 251 33.75 -30.53 26.19
N ILE E 252 33.73 -29.43 26.94
CA ILE E 252 33.94 -29.51 28.38
C ILE E 252 32.79 -30.21 29.09
N LEU E 253 31.64 -30.38 28.42
CA LEU E 253 30.52 -31.08 29.04
C LEU E 253 30.71 -32.58 29.00
N ARG E 254 31.76 -33.05 28.32
CA ARG E 254 31.91 -34.49 28.08
C ARG E 254 31.98 -35.27 29.38
N ASN E 255 32.88 -34.88 30.28
CA ASN E 255 33.02 -35.63 31.53
C ASN E 255 32.23 -34.98 32.67
N ASP E 256 31.42 -33.98 32.36
CA ASP E 256 30.56 -33.38 33.37
C ASP E 256 29.58 -34.41 33.90
N SER E 257 29.18 -34.24 35.16
CA SER E 257 28.35 -35.23 35.84
C SER E 257 26.93 -34.76 36.08
N THR E 258 26.70 -33.46 36.28
CA THR E 258 25.35 -32.98 36.56
C THR E 258 24.44 -33.14 35.34
N VAL E 259 25.03 -33.11 34.15
CA VAL E 259 24.25 -33.25 32.91
C VAL E 259 24.03 -34.73 32.63
N PRO E 260 22.80 -35.16 32.35
CA PRO E 260 22.55 -36.57 32.09
C PRO E 260 23.17 -37.01 30.77
N ASP E 261 23.28 -38.34 30.62
CA ASP E 261 23.99 -38.89 29.47
C ASP E 261 23.29 -38.57 28.16
N GLN E 262 21.97 -38.61 28.15
CA GLN E 262 21.22 -38.43 26.91
C GLN E 262 19.84 -37.87 27.21
N PHE E 263 19.30 -37.15 26.25
CA PHE E 263 18.00 -36.52 26.36
C PHE E 263 17.06 -37.09 25.32
N GLN E 264 15.77 -37.20 25.66
CA GLN E 264 14.77 -37.68 24.73
C GLN E 264 14.14 -36.47 24.05
N CYS E 265 14.59 -36.19 22.84
CA CYS E 265 14.03 -35.09 22.06
C CYS E 265 13.01 -35.61 21.07
N LYS E 266 12.05 -34.75 20.72
CA LYS E 266 11.04 -35.06 19.72
C LYS E 266 10.88 -33.87 18.79
N LEU E 267 10.87 -34.13 17.50
CA LEU E 267 10.67 -33.07 16.51
C LEU E 267 9.18 -32.88 16.33
N ILE E 268 8.64 -31.84 16.99
CA ILE E 268 7.23 -31.50 16.79
C ILE E 268 7.02 -31.12 15.33
N ALA E 269 5.77 -31.17 14.89
CA ALA E 269 5.35 -30.81 13.55
C ALA E 269 5.91 -31.75 12.49
N VAL E 270 6.33 -32.95 12.86
CA VAL E 270 6.72 -33.94 11.86
C VAL E 270 5.49 -34.70 11.38
N GLY E 271 4.53 -34.96 12.27
CA GLY E 271 3.26 -35.52 11.82
C GLY E 271 2.56 -34.61 10.84
N ILE E 272 2.61 -33.30 11.08
CA ILE E 272 2.07 -32.35 10.13
C ILE E 272 2.84 -32.41 8.82
N PHE E 273 4.15 -32.57 8.89
CA PHE E 273 4.95 -32.68 7.67
C PHE E 273 4.54 -33.89 6.86
N GLN E 274 4.30 -35.02 7.52
CA GLN E 274 3.94 -36.23 6.80
C GLN E 274 2.53 -36.13 6.23
N LEU E 275 1.60 -35.58 7.01
CA LEU E 275 0.25 -35.39 6.50
C LEU E 275 0.22 -34.43 5.33
N LEU E 276 1.12 -33.46 5.29
CA LEU E 276 1.15 -32.55 4.15
C LEU E 276 1.92 -33.16 2.99
N SER E 277 2.90 -34.00 3.28
CA SER E 277 3.65 -34.63 2.22
C SER E 277 2.79 -35.63 1.45
N VAL E 278 1.88 -36.29 2.15
CA VAL E 278 1.00 -37.22 1.43
C VAL E 278 0.02 -36.45 0.57
N ILE E 279 -0.42 -35.27 1.01
CA ILE E 279 -1.27 -34.43 0.20
C ILE E 279 -0.53 -33.97 -1.05
N ASN E 280 0.69 -33.49 -0.86
CA ASN E 280 1.51 -33.08 -2.00
C ASN E 280 1.75 -34.24 -2.95
N LEU E 281 2.00 -35.44 -2.42
CA LEU E 281 2.23 -36.59 -3.27
C LEU E 281 0.98 -36.97 -4.06
N VAL E 282 -0.19 -36.90 -3.42
CA VAL E 282 -1.43 -37.21 -4.13
C VAL E 282 -1.66 -36.22 -5.26
N VAL E 283 -1.53 -34.93 -4.95
CA VAL E 283 -1.74 -33.92 -5.98
C VAL E 283 -0.71 -34.07 -7.10
N TYR E 284 0.52 -34.46 -6.76
CA TYR E 284 1.55 -34.56 -7.77
C TYR E 284 1.36 -35.78 -8.66
N VAL E 285 0.86 -36.89 -8.10
CA VAL E 285 0.61 -38.06 -8.93
C VAL E 285 -0.69 -37.89 -9.70
N LEU E 286 -1.52 -36.92 -9.31
CA LEU E 286 -2.64 -36.55 -10.17
C LEU E 286 -2.18 -35.59 -11.26
N LEU E 287 -1.13 -34.81 -10.98
CA LEU E 287 -0.64 -33.83 -11.95
C LEU E 287 0.24 -34.46 -13.00
N ALA E 288 0.98 -35.52 -12.64
CA ALA E 288 1.90 -36.13 -13.59
C ALA E 288 1.22 -36.65 -14.85
N PRO E 289 0.06 -37.31 -14.79
CA PRO E 289 -0.60 -37.68 -16.05
C PRO E 289 -0.97 -36.48 -16.90
N VAL E 290 -1.30 -35.35 -16.27
CA VAL E 290 -1.61 -34.14 -17.03
C VAL E 290 -0.38 -33.66 -17.79
N VAL E 291 0.79 -33.69 -17.14
CA VAL E 291 2.02 -33.28 -17.82
C VAL E 291 2.36 -34.26 -18.93
N VAL E 292 2.18 -35.56 -18.69
CA VAL E 292 2.48 -36.56 -19.71
C VAL E 292 1.59 -36.35 -20.92
N TYR E 293 0.31 -36.06 -20.70
CA TYR E 293 -0.59 -35.79 -21.81
C TYR E 293 -0.18 -34.51 -22.53
N THR E 294 0.20 -33.48 -21.78
CA THR E 294 0.69 -32.25 -22.39
C THR E 294 1.89 -32.52 -23.28
N LEU E 295 2.71 -33.51 -22.91
CA LEU E 295 3.92 -33.80 -23.67
C LEU E 295 3.61 -34.17 -25.11
N PHE E 296 2.44 -34.76 -25.36
CA PHE E 296 2.05 -35.14 -26.71
C PHE E 296 1.32 -33.98 -27.38
N VAL E 297 2.14 -33.05 -27.88
CA VAL E 297 1.64 -31.80 -28.47
C VAL E 297 0.86 -32.02 -29.77
N PRO E 298 1.21 -32.98 -30.67
CA PRO E 298 0.41 -33.11 -31.89
C PRO E 298 -0.99 -33.62 -31.60
N PHE E 299 -1.09 -34.58 -30.67
CA PHE E 299 -2.39 -35.14 -30.32
C PHE E 299 -3.34 -34.07 -29.81
N ARG E 300 -2.81 -33.06 -29.12
CA ARG E 300 -3.67 -31.99 -28.60
C ARG E 300 -4.07 -30.99 -29.67
N GLN E 301 -3.33 -30.91 -30.78
CA GLN E 301 -3.74 -30.03 -31.87
C GLN E 301 -5.01 -30.56 -32.50
N LYS E 302 -6.14 -29.93 -32.19
CA LYS E 302 -7.43 -30.41 -32.65
C LYS E 302 -8.31 -29.20 -32.93
N THR E 303 -9.47 -29.47 -33.54
CA THR E 303 -10.42 -28.42 -33.92
C THR E 303 -9.73 -27.36 -34.75
N ASP E 304 -9.29 -27.76 -35.96
CA ASP E 304 -8.45 -26.94 -36.82
C ASP E 304 -8.98 -25.51 -36.91
N VAL E 305 -8.23 -24.56 -36.37
CA VAL E 305 -8.73 -23.21 -36.14
C VAL E 305 -8.78 -22.45 -37.45
N LEU E 306 -7.81 -22.69 -38.33
CA LEU E 306 -7.79 -21.97 -39.60
C LEU E 306 -8.82 -22.50 -40.58
N LYS E 307 -9.41 -23.67 -40.30
CA LYS E 307 -10.43 -24.21 -41.19
C LYS E 307 -11.61 -23.25 -41.33
N VAL E 308 -11.84 -22.42 -40.32
CA VAL E 308 -12.93 -21.46 -40.41
C VAL E 308 -12.62 -20.35 -41.39
N TYR E 309 -11.34 -20.10 -41.67
CA TYR E 309 -10.94 -19.06 -42.60
C TYR E 309 -11.00 -19.52 -44.05
N GLU E 310 -11.26 -20.81 -44.30
CA GLU E 310 -11.18 -21.32 -45.67
C GLU E 310 -12.36 -20.82 -46.52
N ILE E 311 -13.32 -20.15 -45.90
CA ILE E 311 -14.52 -19.71 -46.62
C ILE E 311 -14.32 -18.29 -47.12
N LEU E 312 -13.09 -17.80 -47.07
CA LEU E 312 -12.78 -16.46 -47.56
C LEU E 312 -12.17 -16.55 -48.95
N PRO E 313 -12.59 -15.71 -49.89
CA PRO E 313 -11.94 -15.73 -51.22
C PRO E 313 -10.49 -15.29 -51.18
N THR E 314 -10.18 -14.28 -50.38
CA THR E 314 -8.82 -13.77 -50.24
C THR E 314 -7.91 -14.71 -49.47
N PHE E 315 -8.41 -15.89 -49.09
CA PHE E 315 -7.64 -16.88 -48.34
C PHE E 315 -7.66 -18.19 -49.09
N ASP E 316 -6.47 -18.76 -49.32
CA ASP E 316 -6.38 -20.02 -50.06
C ASP E 316 -7.08 -21.12 -49.28
N VAL E 317 -7.60 -22.10 -50.01
CA VAL E 317 -8.32 -23.21 -49.40
C VAL E 317 -7.32 -24.27 -49.00
N LEU E 318 -6.70 -24.10 -47.83
CA LEU E 318 -5.70 -25.03 -47.33
C LEU E 318 -5.52 -24.83 -45.84
N HIS E 319 -5.78 -25.88 -45.06
CA HIS E 319 -5.44 -25.85 -43.64
C HIS E 319 -3.94 -26.09 -43.45
N PHE E 320 -3.47 -27.26 -43.86
CA PHE E 320 -2.04 -27.60 -43.86
C PHE E 320 -1.42 -27.40 -42.49
N LYS E 321 -2.07 -27.94 -41.46
CA LYS E 321 -1.57 -27.82 -40.10
C LYS E 321 -1.95 -29.06 -39.30
N SER E 322 -1.04 -30.03 -39.28
CA SER E 322 -1.23 -31.29 -38.55
C SER E 322 -0.02 -32.20 -38.65
N GLU E 323 -0.01 -33.26 -37.86
CA GLU E 323 0.87 -34.42 -38.02
C GLU E 323 2.35 -34.09 -37.99
N GLY E 324 2.89 -33.62 -36.86
CA GLY E 324 4.33 -33.43 -36.78
C GLY E 324 4.80 -33.02 -35.41
N TYR E 325 6.01 -33.44 -35.08
CA TYR E 325 6.76 -32.94 -33.93
C TYR E 325 7.52 -31.71 -34.40
N ASN E 326 6.79 -30.71 -34.87
CA ASN E 326 7.39 -29.51 -35.44
C ASN E 326 6.67 -28.28 -34.88
N ASP E 327 7.30 -27.13 -35.04
CA ASP E 327 6.80 -25.91 -34.40
C ASP E 327 5.40 -25.57 -34.88
N LEU E 328 4.98 -26.14 -36.01
CA LEU E 328 3.64 -25.84 -36.52
C LEU E 328 2.56 -26.31 -35.56
N SER E 329 2.75 -27.48 -34.95
CA SER E 329 1.75 -27.98 -34.01
C SER E 329 1.68 -27.11 -32.77
N LEU E 330 2.83 -26.66 -32.28
CA LEU E 330 2.86 -25.74 -31.15
C LEU E 330 2.15 -24.44 -31.50
N TYR E 331 2.40 -23.91 -32.70
CA TYR E 331 1.72 -22.70 -33.12
C TYR E 331 0.23 -22.94 -33.27
N ASN E 332 -0.16 -24.15 -33.66
CA ASN E 332 -1.58 -24.48 -33.74
C ASN E 332 -2.22 -24.43 -32.36
N LEU E 333 -1.53 -24.97 -31.36
CA LEU E 333 -2.06 -24.90 -29.99
C LEU E 333 -2.19 -23.47 -29.53
N PHE E 334 -1.15 -22.66 -29.74
CA PHE E 334 -1.18 -21.28 -29.26
C PHE E 334 -2.21 -20.46 -30.02
N LEU E 335 -2.43 -20.79 -31.30
CA LEU E 335 -3.48 -20.12 -32.06
C LEU E 335 -4.86 -20.53 -31.55
N GLU E 336 -5.04 -21.82 -31.28
CA GLU E 336 -6.31 -22.28 -30.72
C GLU E 336 -6.59 -21.58 -29.39
N GLU E 337 -5.55 -21.26 -28.64
CA GLU E 337 -5.77 -20.58 -27.37
C GLU E 337 -6.08 -19.10 -27.57
N ASN E 338 -5.21 -18.37 -28.27
CA ASN E 338 -5.29 -16.93 -28.36
C ASN E 338 -6.18 -16.45 -29.51
N ILE E 339 -6.86 -17.36 -30.20
CA ILE E 339 -7.59 -16.97 -31.40
C ILE E 339 -8.91 -16.32 -31.04
N SER E 340 -9.40 -16.53 -29.82
CA SER E 340 -10.65 -15.93 -29.41
C SER E 340 -10.53 -14.41 -29.33
N GLU E 341 -9.32 -13.90 -29.17
CA GLU E 341 -9.12 -12.45 -29.18
C GLU E 341 -9.28 -11.88 -30.58
N VAL E 342 -9.15 -12.72 -31.60
CA VAL E 342 -9.24 -12.25 -32.97
C VAL E 342 -10.71 -12.09 -33.36
N LYS E 343 -11.10 -10.84 -33.64
CA LYS E 343 -12.49 -10.55 -33.97
C LYS E 343 -12.91 -11.23 -35.27
N SER E 344 -12.05 -11.17 -36.28
CA SER E 344 -12.35 -11.82 -37.54
C SER E 344 -12.61 -13.30 -37.36
N TYR E 345 -11.81 -13.96 -36.52
CA TYR E 345 -12.06 -15.37 -36.22
C TYR E 345 -13.42 -15.55 -35.58
N LYS E 346 -13.80 -14.66 -34.68
CA LYS E 346 -15.10 -14.79 -34.01
C LYS E 346 -16.23 -14.72 -35.01
N CYS E 347 -16.21 -13.70 -35.88
CA CYS E 347 -17.27 -13.58 -36.87
C CYS E 347 -17.28 -14.75 -37.84
N LEU E 348 -16.10 -15.20 -38.27
CA LEU E 348 -16.04 -16.33 -39.18
C LEU E 348 -16.59 -17.59 -38.52
N LYS E 349 -16.34 -17.77 -37.22
CA LYS E 349 -16.87 -18.94 -36.54
C LYS E 349 -18.38 -18.82 -36.38
N VAL E 350 -18.89 -17.61 -36.18
CA VAL E 350 -20.33 -17.41 -36.22
C VAL E 350 -20.91 -17.88 -37.54
N LEU E 351 -20.32 -17.44 -38.67
CA LEU E 351 -20.82 -17.90 -39.96
C LEU E 351 -20.68 -19.41 -40.13
N GLU E 352 -19.58 -19.98 -39.64
CA GLU E 352 -19.36 -21.41 -39.80
C GLU E 352 -20.38 -22.22 -39.02
N ASN E 353 -20.73 -21.77 -37.82
CA ASN E 353 -21.75 -22.46 -37.02
C ASN E 353 -23.11 -22.35 -37.67
N ILE E 354 -23.43 -21.17 -38.22
CA ILE E 354 -24.68 -21.01 -38.94
C ILE E 354 -24.72 -21.94 -40.15
N LYS E 355 -23.58 -22.15 -40.80
CA LYS E 355 -23.50 -23.02 -41.96
C LYS E 355 -23.87 -24.46 -41.64
N SER E 356 -23.87 -24.82 -40.35
CA SER E 356 -24.32 -26.15 -39.96
C SER E 356 -25.75 -26.40 -40.39
N SER E 357 -26.61 -25.38 -40.24
CA SER E 357 -27.98 -25.49 -40.75
C SER E 357 -28.00 -25.42 -42.26
N GLY E 358 -27.13 -24.61 -42.86
CA GLY E 358 -27.04 -24.47 -44.29
C GLY E 358 -28.15 -23.67 -44.92
N GLN E 359 -28.78 -22.75 -44.18
CA GLN E 359 -29.91 -22.00 -44.73
C GLN E 359 -29.47 -21.08 -45.86
N GLY E 360 -28.58 -20.13 -45.56
CA GLY E 360 -28.21 -19.14 -46.57
C GLY E 360 -26.93 -19.49 -47.30
N ILE E 361 -25.95 -18.59 -47.26
CA ILE E 361 -24.70 -18.76 -47.98
C ILE E 361 -23.60 -17.98 -47.26
N ASP E 362 -22.37 -18.45 -47.40
CA ASP E 362 -21.24 -17.86 -46.69
C ASP E 362 -20.94 -16.43 -47.14
N PRO E 363 -20.77 -16.15 -48.44
CA PRO E 363 -20.44 -14.78 -48.82
C PRO E 363 -21.55 -13.78 -48.55
N MET E 364 -22.80 -14.20 -48.70
CA MET E 364 -23.92 -13.30 -48.41
C MET E 364 -23.95 -12.93 -46.94
N LEU E 365 -23.84 -13.93 -46.06
CA LEU E 365 -23.83 -13.64 -44.62
C LEU E 365 -22.61 -12.83 -44.23
N LEU E 366 -21.48 -13.05 -44.91
CA LEU E 366 -20.28 -12.26 -44.63
C LEU E 366 -20.50 -10.80 -45.00
N LEU E 367 -21.04 -10.55 -46.18
CA LEU E 367 -21.37 -9.18 -46.58
C LEU E 367 -22.36 -8.55 -45.62
N THR E 368 -23.32 -9.34 -45.12
CA THR E 368 -24.26 -8.84 -44.13
C THR E 368 -23.55 -8.45 -42.84
N ASN E 369 -22.58 -9.30 -42.45
CA ASN E 369 -21.76 -9.16 -41.21
C ASN E 369 -21.39 -7.70 -40.94
N LEU E 370 -20.59 -7.12 -41.84
CA LEU E 370 -20.11 -5.71 -41.80
C LEU E 370 -19.30 -5.47 -40.50
N GLY E 371 -18.25 -6.27 -40.30
CA GLY E 371 -17.38 -6.14 -39.11
C GLY E 371 -15.91 -6.13 -39.52
N MET E 372 -15.45 -5.04 -40.14
CA MET E 372 -14.04 -4.92 -40.59
C MET E 372 -13.11 -4.97 -39.38
N ILE E 373 -13.48 -4.30 -38.29
CA ILE E 373 -12.64 -4.26 -37.05
C ILE E 373 -13.51 -3.73 -35.90
N ALA F 2 7.94 -15.82 6.70
CA ALA F 2 7.54 -17.14 6.22
C ALA F 2 8.38 -17.55 5.02
N ILE F 3 8.60 -18.86 4.89
CA ILE F 3 9.38 -19.38 3.76
C ILE F 3 8.73 -19.01 2.44
N ALA F 4 7.41 -19.18 2.33
CA ALA F 4 6.75 -18.95 1.06
C ALA F 4 6.79 -17.48 0.68
N GLN F 5 6.78 -16.58 1.66
CA GLN F 5 6.89 -15.16 1.36
C GLN F 5 8.25 -14.84 0.74
N LEU F 6 9.32 -15.37 1.32
CA LEU F 6 10.65 -15.18 0.74
C LEU F 6 10.74 -15.80 -0.64
N ALA F 7 10.14 -16.97 -0.81
CA ALA F 7 10.12 -17.60 -2.13
C ALA F 7 9.49 -16.68 -3.16
N THR F 8 8.27 -16.19 -2.87
CA THR F 8 7.64 -15.24 -3.79
C THR F 8 8.56 -14.06 -4.06
N GLU F 9 9.01 -13.39 -3.00
CA GLU F 9 9.77 -12.16 -3.16
C GLU F 9 11.03 -12.34 -4.00
N TYR F 10 11.69 -13.50 -3.89
CA TYR F 10 13.01 -13.61 -4.48
C TYR F 10 13.10 -14.52 -5.70
N VAL F 11 12.08 -15.31 -6.01
CA VAL F 11 12.08 -16.01 -7.29
C VAL F 11 10.82 -15.68 -8.07
N PHE F 12 9.67 -15.66 -7.39
CA PHE F 12 8.41 -15.54 -8.14
C PHE F 12 8.06 -14.09 -8.42
N SER F 13 8.52 -13.18 -7.57
CA SER F 13 8.39 -11.77 -7.87
C SER F 13 9.41 -11.37 -8.93
N ASP F 14 9.22 -10.19 -9.51
CA ASP F 14 10.16 -9.69 -10.50
C ASP F 14 11.34 -9.03 -9.82
N PHE F 15 11.98 -9.75 -8.89
CA PHE F 15 13.12 -9.19 -8.17
C PHE F 15 14.30 -9.06 -9.10
N LEU F 16 14.84 -7.84 -9.20
CA LEU F 16 15.92 -7.48 -10.12
C LEU F 16 15.56 -7.75 -11.58
N LEU F 17 14.28 -7.90 -11.89
CA LEU F 17 13.81 -7.98 -13.27
C LEU F 17 13.01 -6.75 -13.66
N LYS F 18 13.01 -5.71 -12.82
CA LYS F 18 12.27 -4.50 -13.12
C LYS F 18 12.88 -3.76 -14.29
N GLU F 19 12.06 -3.46 -15.29
CA GLU F 19 12.48 -2.61 -16.38
C GLU F 19 12.78 -1.21 -15.85
N PRO F 20 13.70 -0.49 -16.48
CA PRO F 20 14.03 0.87 -16.03
C PRO F 20 12.80 1.77 -16.06
N THR F 21 12.38 2.20 -14.87
CA THR F 21 11.19 3.03 -14.76
C THR F 21 11.49 4.45 -15.23
N GLU F 22 11.51 4.62 -16.55
CA GLU F 22 11.81 5.90 -17.18
C GLU F 22 11.44 5.84 -18.65
N PRO F 23 10.95 6.94 -19.23
CA PRO F 23 10.61 6.96 -20.66
C PRO F 23 11.80 7.09 -21.60
N LYS F 24 13.02 7.18 -21.09
CA LYS F 24 14.19 7.25 -21.96
C LYS F 24 14.42 5.93 -22.67
N PHE F 25 14.35 4.82 -21.94
CA PHE F 25 14.46 3.48 -22.49
C PHE F 25 13.09 2.81 -22.39
N LYS F 26 12.36 2.77 -23.50
CA LYS F 26 11.01 2.23 -23.55
C LYS F 26 11.07 0.89 -24.26
N GLY F 27 10.96 -0.19 -23.50
CA GLY F 27 11.04 -1.53 -24.05
C GLY F 27 12.44 -1.98 -24.43
N LEU F 28 13.43 -1.11 -24.33
CA LEU F 28 14.82 -1.47 -24.60
C LEU F 28 15.37 -2.23 -23.39
N ARG F 29 16.01 -3.36 -23.65
CA ARG F 29 16.45 -4.21 -22.54
C ARG F 29 17.68 -3.64 -21.86
N LEU F 30 18.72 -3.32 -22.63
CA LEU F 30 19.99 -2.75 -22.17
C LEU F 30 20.78 -3.71 -21.28
N GLU F 31 20.26 -4.92 -21.03
CA GLU F 31 20.98 -5.96 -20.32
C GLU F 31 20.62 -7.29 -20.96
N LEU F 32 21.62 -7.98 -21.50
CA LEU F 32 21.38 -9.23 -22.18
C LEU F 32 20.70 -10.23 -21.24
N ALA F 33 19.80 -11.02 -21.82
CA ALA F 33 18.99 -11.93 -21.01
C ALA F 33 19.86 -12.83 -20.14
N VAL F 34 20.97 -13.33 -20.71
CA VAL F 34 21.85 -14.17 -19.92
C VAL F 34 22.52 -13.36 -18.82
N ASP F 35 22.85 -12.10 -19.11
CA ASP F 35 23.42 -11.25 -18.07
C ASP F 35 22.40 -10.89 -17.02
N LYS F 36 21.15 -10.63 -17.42
CA LYS F 36 20.11 -10.34 -16.45
C LYS F 36 19.87 -11.54 -15.54
N MET F 37 19.86 -12.75 -16.10
CA MET F 37 19.63 -13.92 -15.25
C MET F 37 20.84 -14.23 -14.38
N VAL F 38 22.06 -14.01 -14.88
CA VAL F 38 23.24 -14.20 -14.04
C VAL F 38 23.21 -13.24 -12.87
N THR F 39 22.86 -11.98 -13.12
CA THR F 39 22.76 -11.01 -12.03
C THR F 39 21.67 -11.41 -11.05
N CYS F 40 20.49 -11.78 -11.57
CA CYS F 40 19.38 -12.17 -10.70
C CYS F 40 19.78 -13.33 -9.80
N ILE F 41 20.41 -14.35 -10.37
CA ILE F 41 20.82 -15.49 -9.57
C ILE F 41 21.88 -15.07 -8.55
N ALA F 42 23.00 -14.53 -9.05
CA ALA F 42 24.15 -14.26 -8.19
C ALA F 42 23.81 -13.26 -7.08
N VAL F 43 22.74 -12.49 -7.25
CA VAL F 43 22.39 -11.51 -6.23
C VAL F 43 21.28 -12.04 -5.33
N GLY F 44 20.23 -12.59 -5.91
CA GLY F 44 19.09 -13.01 -5.12
C GLY F 44 19.34 -14.29 -4.37
N LEU F 45 20.21 -15.16 -4.87
CA LEU F 45 20.48 -16.42 -4.19
C LEU F 45 21.12 -16.19 -2.82
N PRO F 46 22.17 -15.38 -2.67
CA PRO F 46 22.66 -15.12 -1.31
C PRO F 46 21.63 -14.43 -0.44
N LEU F 47 20.80 -13.54 -1.01
CA LEU F 47 19.76 -12.91 -0.21
C LEU F 47 18.68 -13.90 0.21
N LEU F 48 18.28 -14.74 -0.75
CA LEU F 48 17.24 -15.77 -0.48
C LEU F 48 17.77 -16.76 0.56
N LEU F 49 19.07 -17.05 0.52
CA LEU F 49 19.73 -17.98 1.46
C LEU F 49 19.79 -17.32 2.85
N ILE F 50 20.17 -16.04 2.91
CA ILE F 50 20.18 -15.33 4.19
C ILE F 50 18.79 -15.38 4.81
N SER F 51 17.77 -15.07 4.02
CA SER F 51 16.41 -15.04 4.55
C SER F 51 15.95 -16.42 5.00
N LEU F 52 16.43 -17.44 4.30
CA LEU F 52 16.08 -18.83 4.68
C LEU F 52 16.77 -19.16 6.00
N ALA F 53 18.06 -18.83 6.15
CA ALA F 53 18.84 -19.27 7.30
C ALA F 53 18.23 -18.83 8.62
N PHE F 54 17.30 -17.88 8.57
CA PHE F 54 16.63 -17.40 9.77
C PHE F 54 15.12 -17.42 9.62
N ALA F 55 14.60 -18.25 8.71
CA ALA F 55 13.17 -18.48 8.67
C ALA F 55 12.67 -18.90 10.04
N GLN F 56 11.51 -18.38 10.43
CA GLN F 56 11.07 -18.53 11.80
C GLN F 56 10.87 -20.00 12.19
N GLU F 57 10.74 -20.89 11.20
CA GLU F 57 10.51 -22.29 11.52
C GLU F 57 11.80 -23.09 11.47
N ILE F 58 12.86 -22.54 10.90
CA ILE F 58 14.14 -23.22 10.94
C ILE F 58 14.95 -22.74 12.14
N SER F 59 14.75 -21.50 12.55
CA SER F 59 15.40 -20.96 13.74
C SER F 59 14.70 -21.49 14.98
N ILE F 60 15.46 -22.09 15.89
CA ILE F 60 14.88 -22.56 17.14
C ILE F 60 14.74 -21.40 18.13
N GLY F 61 15.58 -20.38 17.98
CA GLY F 61 15.59 -19.29 18.93
C GLY F 61 16.82 -18.43 18.76
N THR F 62 17.56 -18.23 19.85
CA THR F 62 18.79 -17.45 19.79
C THR F 62 19.80 -18.12 18.88
N GLN F 63 20.82 -17.35 18.50
CA GLN F 63 21.86 -17.89 17.62
C GLN F 63 22.95 -18.59 18.40
N ILE F 64 22.98 -18.40 19.72
CA ILE F 64 24.00 -19.00 20.57
C ILE F 64 23.34 -19.46 21.86
N SER F 65 23.84 -20.56 22.42
CA SER F 65 23.39 -21.08 23.70
C SER F 65 24.61 -21.62 24.43
N CYS F 66 24.70 -21.35 25.73
CA CYS F 66 25.96 -21.52 26.43
C CYS F 66 25.93 -22.49 27.61
N PHE F 67 24.77 -22.93 28.06
CA PHE F 67 24.67 -23.89 29.15
C PHE F 67 25.39 -23.43 30.41
N SER F 68 24.87 -22.39 31.05
CA SER F 68 25.34 -21.99 32.37
C SER F 68 25.00 -23.07 33.38
N PRO F 69 25.64 -23.07 34.54
CA PRO F 69 25.29 -24.04 35.58
C PRO F 69 23.85 -23.88 36.05
N SER F 70 23.37 -24.89 36.77
CA SER F 70 22.00 -24.85 37.26
C SER F 70 21.82 -23.78 38.33
N SER F 71 22.89 -23.48 39.07
CA SER F 71 22.78 -22.47 40.13
C SER F 71 22.58 -21.08 39.55
N PHE F 72 23.04 -20.86 38.32
CA PHE F 72 22.90 -19.55 37.70
C PHE F 72 21.43 -19.20 37.52
N SER F 73 21.10 -17.93 37.74
CA SER F 73 19.70 -17.46 37.52
C SER F 73 19.47 -17.33 36.01
N ALA F 74 18.20 -17.11 35.60
CA ALA F 74 17.89 -16.99 34.16
C ALA F 74 18.62 -15.77 33.59
N ARG F 75 18.63 -14.66 34.33
CA ARG F 75 19.36 -13.44 33.87
C ARG F 75 20.87 -13.70 33.83
N GLN F 76 21.40 -14.44 34.81
CA GLN F 76 22.85 -14.79 34.81
C GLN F 76 23.15 -15.63 33.58
N ALA F 77 22.26 -16.57 33.23
CA ALA F 77 22.43 -17.40 32.02
C ALA F 77 22.39 -16.49 30.79
N ALA F 78 21.48 -15.51 30.77
CA ALA F 78 21.37 -14.58 29.62
C ALA F 78 22.66 -13.77 29.50
N PHE F 79 23.28 -13.40 30.62
CA PHE F 79 24.54 -12.69 30.55
C PHE F 79 25.62 -13.57 29.95
N VAL F 80 25.68 -14.83 30.34
CA VAL F 80 26.70 -15.72 29.78
C VAL F 80 26.51 -15.85 28.28
N ASP F 81 25.27 -16.07 27.84
CA ASP F 81 24.99 -16.19 26.41
C ASP F 81 25.43 -14.94 25.66
N SER F 82 24.98 -13.78 26.11
CA SER F 82 25.29 -12.55 25.39
C SER F 82 26.77 -12.23 25.45
N TYR F 83 27.42 -12.50 26.59
CA TYR F 83 28.85 -12.26 26.71
C TYR F 83 29.62 -13.10 25.73
N CYS F 84 29.29 -14.39 25.62
CA CYS F 84 30.04 -15.24 24.72
C CYS F 84 29.76 -14.89 23.26
N TRP F 85 28.50 -14.51 22.97
CA TRP F 85 28.18 -14.01 21.64
C TRP F 85 29.06 -12.82 21.28
N ALA F 86 29.21 -11.88 22.19
CA ALA F 86 30.06 -10.73 21.92
C ALA F 86 31.53 -11.10 22.02
N ALA F 87 31.84 -12.24 22.63
CA ALA F 87 33.20 -12.65 22.91
C ALA F 87 33.78 -13.56 21.86
N VAL F 88 33.00 -13.94 20.84
CA VAL F 88 33.61 -14.65 19.71
C VAL F 88 34.65 -13.75 19.04
N GLN F 89 34.56 -12.43 19.26
CA GLN F 89 35.58 -11.54 18.71
C GLN F 89 36.81 -11.49 19.60
N GLN F 90 36.63 -11.21 20.89
CA GLN F 90 37.76 -11.11 21.82
C GLN F 90 38.42 -12.48 21.93
N LYS F 91 39.62 -12.61 21.33
CA LYS F 91 40.24 -13.92 21.21
C LYS F 91 40.71 -14.45 22.55
N ASN F 92 40.92 -13.57 23.52
CA ASN F 92 41.45 -14.01 24.81
C ASN F 92 40.42 -14.81 25.59
N SER F 93 39.13 -14.47 25.42
CA SER F 93 38.10 -15.06 26.27
C SER F 93 37.78 -16.49 25.85
N LEU F 94 37.65 -16.74 24.56
CA LEU F 94 37.15 -18.01 24.06
C LEU F 94 38.30 -18.89 23.60
N GLN F 95 38.20 -20.18 23.85
CA GLN F 95 39.16 -21.18 23.40
C GLN F 95 38.43 -22.20 22.54
N SER F 96 38.76 -22.24 21.25
CA SER F 96 38.13 -23.15 20.32
C SER F 96 39.18 -24.00 19.63
N GLU F 97 38.85 -25.26 19.40
CA GLU F 97 39.79 -26.18 18.77
C GLU F 97 40.10 -25.77 17.33
N SER F 98 39.09 -25.32 16.58
CA SER F 98 39.32 -24.96 15.18
C SER F 98 40.01 -23.61 15.07
N GLY F 99 39.72 -22.69 15.99
CA GLY F 99 40.29 -21.35 15.96
C GLY F 99 39.22 -20.28 16.05
N ASN F 100 39.70 -19.04 16.11
CA ASN F 100 38.78 -17.91 16.24
C ASN F 100 38.20 -17.52 14.90
N LEU F 101 38.92 -17.80 13.82
CA LEU F 101 38.41 -17.48 12.48
C LEU F 101 37.10 -18.20 12.17
N PRO F 102 36.95 -19.51 12.44
CA PRO F 102 35.63 -20.12 12.24
C PRO F 102 34.54 -19.45 13.06
N LEU F 103 34.87 -18.99 14.27
CA LEU F 103 33.87 -18.32 15.10
C LEU F 103 33.44 -17.01 14.46
N TRP F 104 34.40 -16.21 14.00
CA TRP F 104 34.07 -15.00 13.26
C TRP F 104 33.19 -15.31 12.07
N LEU F 105 33.53 -16.34 11.31
CA LEU F 105 32.77 -16.65 10.10
C LEU F 105 31.37 -17.14 10.45
N HIS F 106 31.22 -17.82 11.59
CA HIS F 106 29.91 -18.31 11.98
C HIS F 106 29.01 -17.18 12.46
N LYS F 107 29.58 -16.23 13.19
CA LYS F 107 28.76 -15.12 13.66
C LYS F 107 28.34 -14.22 12.50
N PHE F 108 29.26 -13.94 11.58
CA PHE F 108 29.04 -12.94 10.54
C PHE F 108 28.76 -13.57 9.18
N PHE F 109 28.29 -14.80 9.15
CA PHE F 109 27.92 -15.41 7.88
C PHE F 109 26.85 -14.62 7.13
N PRO F 110 25.77 -14.15 7.75
CA PRO F 110 24.81 -13.33 6.98
C PRO F 110 25.44 -12.07 6.42
N TYR F 111 26.32 -11.42 7.18
CA TYR F 111 26.97 -10.24 6.69
C TYR F 111 27.84 -10.54 5.48
N ILE F 112 28.54 -11.68 5.51
CA ILE F 112 29.42 -12.01 4.39
C ILE F 112 28.60 -12.35 3.16
N LEU F 113 27.47 -13.05 3.33
CA LEU F 113 26.63 -13.31 2.17
C LEU F 113 26.03 -12.03 1.61
N LEU F 114 25.60 -11.11 2.48
CA LEU F 114 25.09 -9.83 1.99
C LEU F 114 26.20 -9.04 1.29
N LEU F 115 27.43 -9.14 1.78
CA LEU F 115 28.54 -8.48 1.13
C LEU F 115 28.75 -9.03 -0.26
N PHE F 116 28.67 -10.35 -0.41
CA PHE F 116 28.81 -10.95 -1.72
C PHE F 116 27.68 -10.55 -2.64
N ALA F 117 26.46 -10.47 -2.11
CA ALA F 117 25.33 -10.02 -2.91
C ALA F 117 25.55 -8.59 -3.41
N ILE F 118 26.02 -7.71 -2.53
CA ILE F 118 26.25 -6.32 -2.91
C ILE F 118 27.36 -6.23 -3.95
N LEU F 119 28.49 -6.89 -3.71
CA LEU F 119 29.58 -6.85 -4.67
C LEU F 119 29.17 -7.44 -6.02
N LEU F 120 28.28 -8.42 -6.01
CA LEU F 120 27.83 -9.00 -7.27
C LEU F 120 26.81 -8.10 -7.96
N TYR F 121 26.12 -7.28 -7.18
CA TYR F 121 25.21 -6.30 -7.77
C TYR F 121 25.94 -5.08 -8.31
N LEU F 122 27.15 -4.82 -7.82
CA LEU F 122 27.86 -3.61 -8.24
C LEU F 122 28.19 -3.57 -9.73
N PRO F 123 28.72 -4.60 -10.38
CA PRO F 123 29.03 -4.50 -11.80
C PRO F 123 27.80 -4.28 -12.66
N PRO F 124 26.68 -4.98 -12.42
CA PRO F 124 25.47 -4.65 -13.18
C PRO F 124 25.01 -3.23 -12.96
N LEU F 125 25.20 -2.68 -11.77
CA LEU F 125 24.85 -1.29 -11.53
C LEU F 125 25.74 -0.35 -12.32
N PHE F 126 27.05 -0.62 -12.32
CA PHE F 126 27.97 0.19 -13.11
C PHE F 126 27.61 0.13 -14.59
N TRP F 127 27.20 -1.04 -15.06
CA TRP F 127 26.78 -1.14 -16.45
C TRP F 127 25.50 -0.36 -16.70
N ARG F 128 24.55 -0.43 -15.76
CA ARG F 128 23.27 0.24 -15.94
C ARG F 128 23.42 1.75 -15.91
N PHE F 129 24.45 2.26 -15.24
CA PHE F 129 24.58 3.71 -15.10
C PHE F 129 25.63 4.30 -16.03
N ALA F 130 26.75 3.63 -16.24
CA ALA F 130 27.83 4.22 -17.02
C ALA F 130 27.69 3.91 -18.51
N ALA F 131 27.33 2.68 -18.85
CA ALA F 131 27.33 2.25 -20.24
C ALA F 131 25.95 1.95 -20.80
N ALA F 132 24.92 1.87 -19.98
CA ALA F 132 23.58 1.56 -20.51
C ALA F 132 22.97 2.70 -21.30
N PRO F 133 23.04 3.96 -20.85
CA PRO F 133 22.45 5.03 -21.69
C PRO F 133 23.18 5.23 -23.01
N HIS F 134 24.50 5.10 -23.01
CA HIS F 134 25.26 5.24 -24.25
C HIS F 134 24.79 4.23 -25.30
N ILE F 135 24.55 2.99 -24.88
CA ILE F 135 24.10 1.98 -25.83
C ILE F 135 22.61 2.15 -26.10
N CYS F 136 21.87 2.71 -25.15
CA CYS F 136 20.43 2.87 -25.33
C CYS F 136 20.11 3.90 -26.40
N SER F 137 20.77 5.06 -26.33
CA SER F 137 20.55 6.07 -27.35
C SER F 137 20.92 5.55 -28.73
N ASP F 138 22.09 4.92 -28.85
CA ASP F 138 22.53 4.39 -30.14
C ASP F 138 21.57 3.32 -30.67
N LEU F 139 21.10 2.44 -29.79
CA LEU F 139 20.22 1.37 -30.24
C LEU F 139 18.87 1.91 -30.65
N LYS F 140 18.34 2.88 -29.91
CA LYS F 140 17.08 3.50 -30.30
C LYS F 140 17.22 4.21 -31.63
N PHE F 141 18.35 4.89 -31.85
CA PHE F 141 18.58 5.55 -33.13
C PHE F 141 18.67 4.53 -34.26
N ILE F 142 19.35 3.41 -34.03
CA ILE F 142 19.49 2.39 -35.06
C ILE F 142 18.13 1.79 -35.40
N MET F 143 17.31 1.53 -34.38
CA MET F 143 15.98 1.00 -34.65
C MET F 143 15.11 1.99 -35.42
N GLU F 144 15.16 3.27 -35.03
CA GLU F 144 14.41 4.28 -35.77
C GLU F 144 14.88 4.38 -37.22
N GLU F 145 16.21 4.34 -37.45
CA GLU F 145 16.72 4.42 -38.80
C GLU F 145 16.34 3.20 -39.62
N LEU F 146 16.29 2.03 -38.99
CA LEU F 146 15.88 0.83 -39.70
C LEU F 146 14.41 0.91 -40.09
N ASP F 147 13.56 1.35 -39.17
CA ASP F 147 12.15 1.53 -39.51
C ASP F 147 11.99 2.54 -40.64
N LYS F 148 12.80 3.61 -40.61
CA LYS F 148 12.70 4.63 -41.65
C LYS F 148 13.13 4.10 -43.00
N VAL F 149 14.24 3.35 -43.04
CA VAL F 149 14.71 2.81 -44.32
C VAL F 149 13.71 1.78 -44.85
N TYR F 150 13.07 1.02 -43.97
CA TYR F 150 12.03 0.09 -44.40
C TYR F 150 10.85 0.83 -45.02
N ASN F 151 10.39 1.89 -44.33
CA ASN F 151 9.29 2.68 -44.86
C ASN F 151 9.64 3.27 -46.22
N ARG F 152 10.85 3.80 -46.35
CA ARG F 152 11.24 4.41 -47.62
C ARG F 152 11.36 3.36 -48.72
N ALA F 153 11.84 2.16 -48.38
CA ALA F 153 11.95 1.12 -49.39
C ALA F 153 10.58 0.68 -49.88
N ILE F 154 9.61 0.53 -48.96
CA ILE F 154 8.29 0.10 -49.40
C ILE F 154 7.56 1.24 -50.11
N LYS F 155 7.87 2.49 -49.75
CA LYS F 155 7.28 3.61 -50.47
C LYS F 155 7.81 3.69 -51.89
N ALA F 156 9.11 3.46 -52.08
CA ALA F 156 9.67 3.38 -53.42
C ALA F 156 9.07 2.21 -54.19
N ALA F 157 8.91 1.06 -53.53
CA ALA F 157 8.30 -0.08 -54.18
C ALA F 157 6.83 0.18 -54.50
N LYS F 158 6.12 0.86 -53.59
CA LYS F 158 4.72 1.18 -53.85
C LYS F 158 4.58 2.13 -55.02
N SER F 159 5.46 3.13 -55.10
CA SER F 159 5.43 4.06 -56.24
C SER F 159 5.75 3.34 -57.54
N ALA F 160 6.62 2.33 -57.49
CA ALA F 160 6.90 1.55 -58.68
C ALA F 160 5.70 0.72 -59.10
N ARG F 161 4.96 0.19 -58.12
CA ARG F 161 3.76 -0.58 -58.43
C ARG F 161 2.68 0.33 -59.02
N ASP F 162 2.70 1.61 -58.68
CA ASP F 162 1.74 2.57 -59.21
C ASP F 162 2.15 3.03 -60.61
N PHE F 191 19.46 11.70 -52.11
CA PHE F 191 19.72 11.08 -50.82
C PHE F 191 20.24 9.66 -50.99
N LYS F 192 19.48 8.70 -50.45
CA LYS F 192 19.83 7.28 -50.53
C LYS F 192 21.22 7.01 -49.96
N TYR F 193 21.42 7.40 -48.70
CA TYR F 193 22.68 7.22 -48.02
C TYR F 193 22.54 6.15 -46.94
N PRO F 194 23.38 5.11 -46.93
CA PRO F 194 23.30 4.12 -45.85
C PRO F 194 23.83 4.67 -44.55
N ILE F 195 23.00 5.46 -43.86
CA ILE F 195 23.47 6.14 -42.65
C ILE F 195 23.67 5.16 -41.52
N VAL F 196 22.77 4.20 -41.35
CA VAL F 196 22.90 3.25 -40.25
C VAL F 196 24.06 2.29 -40.52
N GLU F 197 24.28 1.94 -41.77
CA GLU F 197 25.43 1.10 -42.11
C GLU F 197 26.73 1.82 -41.81
N GLN F 198 26.80 3.12 -42.13
CA GLN F 198 28.01 3.88 -41.82
C GLN F 198 28.18 4.04 -40.31
N TYR F 199 27.09 4.20 -39.58
CA TYR F 199 27.18 4.31 -38.13
C TYR F 199 27.74 3.02 -37.52
N LEU F 200 27.26 1.88 -38.00
CA LEU F 200 27.77 0.61 -37.50
C LEU F 200 29.22 0.39 -37.91
N LYS F 201 29.57 0.79 -39.13
CA LYS F 201 30.97 0.76 -39.55
C LYS F 201 31.83 1.59 -38.59
N THR F 202 31.31 2.71 -38.12
CA THR F 202 32.05 3.51 -37.15
C THR F 202 32.15 2.79 -35.82
N LYS F 203 31.05 2.20 -35.35
CA LYS F 203 31.08 1.42 -34.11
C LYS F 203 32.11 0.31 -34.17
N LYS F 204 32.37 -0.22 -35.38
CA LYS F 204 33.36 -1.28 -35.56
C LYS F 204 34.75 -0.83 -35.11
N ASN F 205 34.96 0.48 -34.99
CA ASN F 205 36.30 1.01 -34.68
C ASN F 205 36.53 1.11 -33.18
N SER F 206 35.66 1.84 -32.49
CA SER F 206 35.85 2.07 -31.07
C SER F 206 35.49 0.84 -30.26
N ASN F 207 36.17 0.66 -29.12
CA ASN F 207 35.96 -0.49 -28.26
C ASN F 207 35.71 -0.10 -26.81
N ASN F 208 35.23 1.11 -26.55
CA ASN F 208 35.01 1.54 -25.18
C ASN F 208 33.88 0.75 -24.52
N LEU F 209 32.75 0.61 -25.20
CA LEU F 209 31.61 -0.10 -24.62
C LEU F 209 31.95 -1.56 -24.39
N ILE F 210 32.72 -2.16 -25.28
CA ILE F 210 33.00 -3.58 -25.15
C ILE F 210 33.98 -3.84 -24.01
N ILE F 211 34.93 -2.93 -23.78
CA ILE F 211 35.82 -3.13 -22.65
C ILE F 211 35.08 -2.86 -21.35
N LYS F 212 34.15 -1.91 -21.35
CA LYS F 212 33.30 -1.73 -20.18
C LYS F 212 32.50 -3.01 -19.90
N TYR F 213 31.94 -3.62 -20.95
CA TYR F 213 31.13 -4.81 -20.77
C TYR F 213 31.97 -5.99 -20.27
N ILE F 214 33.09 -6.27 -20.91
CA ILE F 214 33.90 -7.40 -20.48
C ILE F 214 34.54 -7.11 -19.13
N SER F 215 34.69 -5.83 -18.77
CA SER F 215 35.22 -5.53 -17.46
C SER F 215 34.20 -5.79 -16.37
N CYS F 216 32.94 -5.38 -16.59
CA CYS F 216 31.92 -5.70 -15.60
C CYS F 216 31.71 -7.20 -15.50
N ARG F 217 31.74 -7.90 -16.63
CA ARG F 217 31.63 -9.35 -16.60
C ARG F 217 32.81 -10.00 -15.89
N LEU F 218 34.02 -9.43 -16.08
CA LEU F 218 35.19 -10.01 -15.46
C LEU F 218 35.18 -9.78 -13.96
N LEU F 219 34.74 -8.61 -13.51
CA LEU F 219 34.57 -8.40 -12.07
C LEU F 219 33.49 -9.31 -11.51
N THR F 220 32.41 -9.52 -12.26
CA THR F 220 31.39 -10.46 -11.80
C THR F 220 31.97 -11.86 -11.64
N LEU F 221 32.79 -12.29 -12.60
CA LEU F 221 33.40 -13.61 -12.53
C LEU F 221 34.38 -13.69 -11.37
N ILE F 222 35.16 -12.64 -11.15
CA ILE F 222 36.14 -12.64 -10.07
C ILE F 222 35.44 -12.71 -8.71
N ILE F 223 34.36 -11.95 -8.56
CA ILE F 223 33.64 -11.96 -7.29
C ILE F 223 32.93 -13.29 -7.11
N ILE F 224 32.43 -13.88 -8.19
CA ILE F 224 31.78 -15.20 -8.08
C ILE F 224 32.80 -16.24 -7.68
N LEU F 225 34.02 -16.16 -8.21
CA LEU F 225 35.04 -17.14 -7.86
C LEU F 225 35.51 -16.94 -6.42
N LEU F 226 35.63 -15.69 -5.98
CA LEU F 226 35.97 -15.45 -4.58
C LEU F 226 34.88 -15.95 -3.65
N ALA F 227 33.62 -15.78 -4.06
CA ALA F 227 32.52 -16.31 -3.25
C ALA F 227 32.54 -17.83 -3.23
N CYS F 228 32.84 -18.46 -4.37
CA CYS F 228 32.98 -19.91 -4.39
C CYS F 228 34.09 -20.36 -3.45
N ILE F 229 35.21 -19.67 -3.47
CA ILE F 229 36.32 -20.03 -2.59
C ILE F 229 35.91 -19.90 -1.14
N TYR F 230 35.29 -18.78 -0.78
CA TYR F 230 34.88 -18.57 0.61
C TYR F 230 33.85 -19.60 1.04
N LEU F 231 32.87 -19.90 0.19
CA LEU F 231 31.81 -20.83 0.56
C LEU F 231 32.35 -22.25 0.64
N GLY F 232 33.28 -22.61 -0.24
CA GLY F 232 33.89 -23.92 -0.14
C GLY F 232 34.74 -24.06 1.10
N TYR F 233 35.42 -22.99 1.49
CA TYR F 233 36.15 -23.03 2.75
C TYR F 233 35.20 -23.15 3.93
N TYR F 234 34.16 -22.31 3.97
CA TYR F 234 33.24 -22.29 5.09
C TYR F 234 32.52 -23.62 5.23
N PHE F 235 32.05 -24.19 4.13
CA PHE F 235 31.44 -25.50 4.17
C PHE F 235 32.43 -26.57 4.60
N SER F 236 33.72 -26.32 4.42
CA SER F 236 34.73 -27.30 4.79
C SER F 236 35.03 -27.27 6.28
N LEU F 237 34.43 -26.36 7.03
CA LEU F 237 34.70 -26.29 8.46
C LEU F 237 34.28 -27.59 9.15
N SER F 238 34.87 -27.83 10.32
CA SER F 238 34.78 -29.14 10.96
C SER F 238 33.36 -29.52 11.36
N SER F 239 32.43 -28.58 11.35
CA SER F 239 31.03 -28.71 11.76
C SER F 239 30.93 -28.83 13.28
N LEU F 240 32.05 -28.96 13.97
CA LEU F 240 32.11 -28.81 15.42
C LEU F 240 32.78 -27.50 15.81
N SER F 241 33.14 -26.67 14.83
CA SER F 241 33.71 -25.36 15.12
C SER F 241 32.65 -24.41 15.65
N ASP F 242 31.38 -24.81 15.58
CA ASP F 242 30.32 -24.00 16.19
C ASP F 242 30.25 -24.19 17.69
N GLU F 243 30.97 -25.15 18.24
CA GLU F 243 31.06 -25.34 19.68
C GLU F 243 32.37 -24.77 20.15
N PHE F 244 32.29 -23.73 20.98
CA PHE F 244 33.48 -23.08 21.49
C PHE F 244 33.34 -22.91 22.99
N VAL F 245 34.47 -23.00 23.68
CA VAL F 245 34.50 -22.83 25.13
C VAL F 245 34.71 -21.35 25.42
N CYS F 246 33.86 -20.80 26.28
CA CYS F 246 33.85 -19.37 26.56
C CYS F 246 33.97 -19.16 28.05
N SER F 247 34.71 -18.13 28.45
CA SER F 247 35.01 -17.87 29.84
C SER F 247 34.69 -16.42 30.17
N ILE F 248 33.67 -16.20 31.00
CA ILE F 248 33.35 -14.85 31.42
C ILE F 248 34.15 -14.53 32.69
N LYS F 249 35.43 -14.20 32.52
CA LYS F 249 36.32 -13.98 33.64
C LYS F 249 37.23 -12.78 33.41
N SER F 250 36.79 -11.79 32.66
CA SER F 250 37.52 -10.54 32.58
C SER F 250 36.89 -9.52 33.52
N GLY F 251 37.68 -8.53 33.92
CA GLY F 251 37.19 -7.53 34.85
C GLY F 251 37.09 -8.09 36.26
N ILE F 252 36.09 -7.59 36.99
CA ILE F 252 35.91 -7.98 38.38
C ILE F 252 35.49 -9.44 38.51
N LEU F 253 35.05 -10.07 37.43
CA LEU F 253 34.67 -11.47 37.49
C LEU F 253 35.89 -12.38 37.47
N ARG F 254 37.07 -11.81 37.26
CA ARG F 254 38.27 -12.63 37.03
C ARG F 254 38.53 -13.55 38.21
N ASN F 255 38.61 -13.01 39.42
CA ASN F 255 38.92 -13.85 40.56
C ASN F 255 37.67 -14.27 41.31
N ASP F 256 36.49 -14.00 40.73
CA ASP F 256 35.24 -14.46 41.33
C ASP F 256 35.22 -15.99 41.36
N SER F 257 34.52 -16.53 42.36
CA SER F 257 34.53 -17.99 42.57
C SER F 257 33.20 -18.65 42.24
N THR F 258 32.07 -17.96 42.37
CA THR F 258 30.79 -18.59 42.10
C THR F 258 30.63 -18.88 40.61
N VAL F 259 31.27 -18.10 39.76
CA VAL F 259 31.20 -18.28 38.32
C VAL F 259 32.19 -19.35 37.89
N PRO F 260 31.78 -20.35 37.12
CA PRO F 260 32.71 -21.40 36.70
C PRO F 260 33.76 -20.88 35.74
N ASP F 261 34.82 -21.67 35.58
CA ASP F 261 35.97 -21.23 34.81
C ASP F 261 35.61 -21.02 33.34
N GLN F 262 34.79 -21.89 32.78
CA GLN F 262 34.50 -21.83 31.36
C GLN F 262 33.13 -22.44 31.08
N PHE F 263 32.50 -21.97 30.01
CA PHE F 263 31.18 -22.40 29.61
C PHE F 263 31.25 -23.06 28.24
N GLN F 264 30.41 -24.07 28.03
CA GLN F 264 30.35 -24.75 26.73
C GLN F 264 29.25 -24.10 25.92
N CYS F 265 29.64 -23.21 25.01
CA CYS F 265 28.69 -22.55 24.14
C CYS F 265 28.66 -23.23 22.78
N LYS F 266 27.51 -23.14 22.12
CA LYS F 266 27.34 -23.67 20.77
C LYS F 266 26.61 -22.64 19.93
N LEU F 267 27.12 -22.41 18.73
CA LEU F 267 26.48 -21.48 17.80
C LEU F 267 25.41 -22.24 17.02
N ILE F 268 24.16 -22.09 17.44
CA ILE F 268 23.06 -22.69 16.71
C ILE F 268 23.02 -22.08 15.31
N ALA F 269 22.36 -22.78 14.39
CA ALA F 269 22.18 -22.36 13.01
C ALA F 269 23.49 -22.29 12.24
N VAL F 270 24.52 -22.98 12.70
CA VAL F 270 25.74 -23.10 11.89
C VAL F 270 25.61 -24.24 10.90
N GLY F 271 24.96 -25.33 11.30
CA GLY F 271 24.66 -26.38 10.36
C GLY F 271 23.80 -25.88 9.21
N ILE F 272 22.83 -25.02 9.52
CA ILE F 272 22.04 -24.40 8.47
C ILE F 272 22.91 -23.52 7.59
N PHE F 273 23.85 -22.80 8.19
CA PHE F 273 24.76 -21.97 7.42
C PHE F 273 25.58 -22.80 6.45
N GLN F 274 26.07 -23.96 6.90
CA GLN F 274 26.89 -24.79 6.03
C GLN F 274 26.05 -25.43 4.94
N LEU F 275 24.86 -25.91 5.28
CA LEU F 275 23.98 -26.49 4.27
C LEU F 275 23.57 -25.46 3.24
N LEU F 276 23.45 -24.19 3.63
CA LEU F 276 23.11 -23.16 2.66
C LEU F 276 24.34 -22.71 1.88
N SER F 277 25.51 -22.76 2.51
CA SER F 277 26.73 -22.36 1.83
C SER F 277 27.08 -23.35 0.73
N VAL F 278 26.79 -24.63 0.95
CA VAL F 278 27.07 -25.60 -0.11
C VAL F 278 26.10 -25.41 -1.28
N ILE F 279 24.86 -25.02 -0.98
CA ILE F 279 23.91 -24.72 -2.05
C ILE F 279 24.38 -23.52 -2.85
N ASN F 280 24.77 -22.46 -2.16
CA ASN F 280 25.29 -21.27 -2.82
C ASN F 280 26.52 -21.60 -3.64
N LEU F 281 27.41 -22.45 -3.13
CA LEU F 281 28.61 -22.83 -3.86
C LEU F 281 28.27 -23.63 -5.10
N VAL F 282 27.32 -24.55 -5.01
CA VAL F 282 26.91 -25.32 -6.17
C VAL F 282 26.34 -24.40 -7.24
N VAL F 283 25.41 -23.53 -6.86
CA VAL F 283 24.81 -22.63 -7.83
C VAL F 283 25.86 -21.70 -8.42
N TYR F 284 26.85 -21.31 -7.62
CA TYR F 284 27.86 -20.37 -8.13
C TYR F 284 28.84 -21.05 -9.07
N VAL F 285 29.17 -22.32 -8.82
CA VAL F 285 30.06 -23.02 -9.74
C VAL F 285 29.30 -23.48 -10.97
N LEU F 286 27.97 -23.48 -10.91
CA LEU F 286 27.20 -23.65 -12.13
C LEU F 286 27.08 -22.33 -12.88
N LEU F 287 27.14 -21.21 -12.16
CA LEU F 287 26.97 -19.90 -12.79
C LEU F 287 28.28 -19.42 -13.42
N ALA F 288 29.41 -19.79 -12.83
CA ALA F 288 30.70 -19.32 -13.34
C ALA F 288 30.95 -19.70 -14.79
N PRO F 289 30.66 -20.92 -15.26
CA PRO F 289 30.82 -21.19 -16.70
C PRO F 289 29.94 -20.30 -17.56
N VAL F 290 28.75 -19.95 -17.07
CA VAL F 290 27.88 -19.06 -17.83
C VAL F 290 28.53 -17.69 -18.00
N VAL F 291 29.13 -17.18 -16.92
CA VAL F 291 29.79 -15.88 -17.01
C VAL F 291 31.01 -15.97 -17.92
N VAL F 292 31.77 -17.06 -17.83
CA VAL F 292 32.93 -17.22 -18.69
C VAL F 292 32.52 -17.26 -20.16
N TYR F 293 31.43 -17.96 -20.46
CA TYR F 293 30.93 -17.97 -21.83
C TYR F 293 30.46 -16.59 -22.26
N THR F 294 29.78 -15.88 -21.37
CA THR F 294 29.37 -14.51 -21.66
C THR F 294 30.56 -13.64 -21.98
N LEU F 295 31.70 -13.93 -21.36
CA LEU F 295 32.89 -13.09 -21.56
C LEU F 295 33.33 -13.07 -23.02
N PHE F 296 33.06 -14.15 -23.76
CA PHE F 296 33.43 -14.22 -25.17
C PHE F 296 32.30 -13.66 -26.02
N VAL F 297 32.27 -12.33 -26.10
CA VAL F 297 31.21 -11.60 -26.77
C VAL F 297 31.19 -11.82 -28.29
N PRO F 298 32.33 -11.97 -29.01
CA PRO F 298 32.22 -12.16 -30.45
C PRO F 298 31.61 -13.51 -30.80
N PHE F 299 32.00 -14.54 -30.04
CA PHE F 299 31.48 -15.88 -30.28
C PHE F 299 29.96 -15.92 -30.17
N ARG F 300 29.40 -15.11 -29.27
CA ARG F 300 27.95 -15.08 -29.09
C ARG F 300 27.24 -14.31 -30.18
N GLN F 301 27.94 -13.41 -30.89
CA GLN F 301 27.32 -12.70 -32.00
C GLN F 301 27.05 -13.67 -33.13
N LYS F 302 25.79 -14.07 -33.28
CA LYS F 302 25.41 -15.07 -34.26
C LYS F 302 24.04 -14.72 -34.81
N THR F 303 23.65 -15.44 -35.86
CA THR F 303 22.37 -15.20 -36.55
C THR F 303 22.27 -13.74 -36.97
N ASP F 304 23.15 -13.35 -37.90
CA ASP F 304 23.31 -11.96 -38.30
C ASP F 304 21.97 -11.28 -38.53
N VAL F 305 21.63 -10.32 -37.68
CA VAL F 305 20.29 -9.78 -37.61
C VAL F 305 20.03 -8.85 -38.79
N LEU F 306 21.05 -8.10 -39.21
CA LEU F 306 20.87 -7.18 -40.31
C LEU F 306 20.84 -7.88 -41.66
N LYS F 307 21.22 -9.16 -41.70
CA LYS F 307 21.19 -9.90 -42.95
C LYS F 307 19.78 -9.94 -43.53
N VAL F 308 18.76 -9.85 -42.67
CA VAL F 308 17.40 -9.86 -43.14
C VAL F 308 17.05 -8.57 -43.86
N TYR F 309 17.76 -7.48 -43.57
CA TYR F 309 17.51 -6.20 -44.21
C TYR F 309 18.18 -6.08 -45.58
N GLU F 310 19.00 -7.05 -45.97
CA GLU F 310 19.77 -6.91 -47.21
C GLU F 310 18.87 -7.03 -48.43
N ILE F 311 17.61 -7.40 -48.24
CA ILE F 311 16.70 -7.62 -49.35
C ILE F 311 15.93 -6.34 -49.66
N LEU F 312 16.36 -5.22 -49.10
CA LEU F 312 15.71 -3.95 -49.35
C LEU F 312 16.53 -3.16 -50.36
N PRO F 313 15.90 -2.53 -51.35
CA PRO F 313 16.67 -1.70 -52.29
C PRO F 313 17.28 -0.48 -51.63
N THR F 314 16.54 0.15 -50.72
CA THR F 314 17.03 1.34 -50.02
C THR F 314 18.10 1.01 -48.98
N PHE F 315 18.52 -0.24 -48.90
CA PHE F 315 19.53 -0.67 -47.95
C PHE F 315 20.66 -1.34 -48.71
N ASP F 316 21.89 -0.90 -48.45
CA ASP F 316 23.05 -1.48 -49.14
C ASP F 316 23.19 -2.95 -48.78
N VAL F 317 23.74 -3.72 -49.72
CA VAL F 317 23.91 -5.15 -49.50
C VAL F 317 25.23 -5.38 -48.78
N LEU F 318 25.21 -5.25 -47.46
CA LEU F 318 26.40 -5.41 -46.62
C LEU F 318 25.99 -5.64 -45.19
N HIS F 319 26.38 -6.79 -44.63
CA HIS F 319 26.22 -7.01 -43.20
C HIS F 319 27.31 -6.29 -42.43
N PHE F 320 28.57 -6.67 -42.65
CA PHE F 320 29.73 -5.98 -42.09
C PHE F 320 29.64 -5.89 -40.56
N LYS F 321 29.34 -7.03 -39.92
CA LYS F 321 29.24 -7.06 -38.48
C LYS F 321 29.68 -8.43 -37.97
N SER F 322 30.96 -8.53 -37.62
CA SER F 322 31.54 -9.76 -37.10
C SER F 322 33.01 -9.58 -36.74
N GLU F 323 33.59 -10.58 -36.06
CA GLU F 323 35.02 -10.76 -35.89
C GLU F 323 35.74 -9.59 -35.24
N GLY F 324 35.47 -9.29 -33.97
CA GLY F 324 36.23 -8.26 -33.30
C GLY F 324 35.88 -8.13 -31.83
N TYR F 325 36.89 -7.74 -31.06
CA TYR F 325 36.72 -7.29 -29.68
C TYR F 325 36.45 -5.80 -29.73
N ASN F 326 35.37 -5.42 -30.42
CA ASN F 326 35.04 -4.02 -30.63
C ASN F 326 33.56 -3.82 -30.35
N ASP F 327 33.18 -2.56 -30.17
CA ASP F 327 31.81 -2.25 -29.74
C ASP F 327 30.78 -2.75 -30.75
N LEU F 328 31.21 -3.05 -31.97
CA LEU F 328 30.26 -3.53 -32.97
C LEU F 328 29.66 -4.87 -32.58
N SER F 329 30.46 -5.75 -31.99
CA SER F 329 29.94 -7.05 -31.57
C SER F 329 28.94 -6.90 -30.43
N LEU F 330 29.25 -6.01 -29.49
CA LEU F 330 28.31 -5.73 -28.40
C LEU F 330 27.01 -5.17 -28.95
N TYR F 331 27.10 -4.24 -29.91
CA TYR F 331 25.89 -3.71 -30.52
C TYR F 331 25.13 -4.78 -31.28
N ASN F 332 25.86 -5.73 -31.87
CA ASN F 332 25.20 -6.85 -32.53
C ASN F 332 24.41 -7.68 -31.55
N LEU F 333 24.98 -7.95 -30.37
CA LEU F 333 24.24 -8.69 -29.35
C LEU F 333 23.00 -7.92 -28.91
N PHE F 334 23.15 -6.63 -28.63
CA PHE F 334 22.01 -5.86 -28.14
C PHE F 334 20.95 -5.70 -29.23
N LEU F 335 21.37 -5.65 -30.49
CA LEU F 335 20.41 -5.62 -31.58
C LEU F 335 19.68 -6.94 -31.71
N GLU F 336 20.42 -8.05 -31.60
CA GLU F 336 19.79 -9.36 -31.63
C GLU F 336 18.78 -9.50 -30.51
N GLU F 337 19.02 -8.85 -29.38
CA GLU F 337 18.06 -8.95 -28.29
C GLU F 337 16.85 -8.05 -28.52
N ASN F 338 17.07 -6.76 -28.76
CA ASN F 338 15.99 -5.78 -28.82
C ASN F 338 15.38 -5.64 -30.20
N ILE F 339 15.76 -6.49 -31.16
CA ILE F 339 15.32 -6.29 -32.53
C ILE F 339 13.90 -6.80 -32.72
N SER F 340 13.43 -7.66 -31.81
CA SER F 340 12.08 -8.19 -31.93
C SER F 340 11.04 -7.08 -31.75
N GLU F 341 11.42 -6.00 -31.06
CA GLU F 341 10.51 -4.87 -30.92
C GLU F 341 10.35 -4.13 -32.24
N VAL F 342 11.31 -4.28 -33.14
CA VAL F 342 11.26 -3.57 -34.42
C VAL F 342 10.29 -4.27 -35.36
N LYS F 343 9.21 -3.57 -35.71
CA LYS F 343 8.19 -4.15 -36.58
C LYS F 343 8.74 -4.46 -37.96
N SER F 344 9.50 -3.53 -38.52
CA SER F 344 10.10 -3.75 -39.84
C SER F 344 10.96 -5.00 -39.84
N TYR F 345 11.73 -5.23 -38.78
CA TYR F 345 12.50 -6.46 -38.69
C TYR F 345 11.60 -7.67 -38.67
N LYS F 346 10.47 -7.60 -37.96
CA LYS F 346 9.56 -8.74 -37.89
C LYS F 346 9.03 -9.09 -39.28
N CYS F 347 8.54 -8.09 -40.01
CA CYS F 347 8.01 -8.35 -41.35
C CYS F 347 9.10 -8.85 -42.29
N LEU F 348 10.30 -8.26 -42.21
CA LEU F 348 11.39 -8.70 -43.06
C LEU F 348 11.78 -10.14 -42.75
N LYS F 349 11.73 -10.53 -41.49
CA LYS F 349 12.05 -11.91 -41.14
C LYS F 349 10.95 -12.86 -41.61
N VAL F 350 9.70 -12.40 -41.58
CA VAL F 350 8.64 -13.18 -42.20
C VAL F 350 8.94 -13.45 -43.67
N LEU F 351 9.28 -12.40 -44.42
CA LEU F 351 9.63 -12.60 -45.82
C LEU F 351 10.85 -13.51 -45.99
N GLU F 352 11.85 -13.36 -45.12
CA GLU F 352 13.06 -14.16 -45.25
C GLU F 352 12.78 -15.63 -45.01
N ASN F 353 11.92 -15.94 -44.03
CA ASN F 353 11.56 -17.32 -43.76
C ASN F 353 10.77 -17.91 -44.91
N ILE F 354 9.86 -17.12 -45.49
CA ILE F 354 9.11 -17.57 -46.66
C ILE F 354 10.06 -17.85 -47.81
N LYS F 355 11.12 -17.04 -47.93
CA LYS F 355 12.10 -17.21 -49.00
C LYS F 355 12.81 -18.55 -48.93
N SER F 356 12.73 -19.23 -47.79
CA SER F 356 13.31 -20.57 -47.69
C SER F 356 12.67 -21.52 -48.67
N SER F 357 11.35 -21.42 -48.84
CA SER F 357 10.67 -22.19 -49.87
C SER F 357 11.00 -21.66 -51.26
N GLY F 358 11.12 -20.34 -51.39
CA GLY F 358 11.44 -19.72 -52.66
C GLY F 358 10.30 -19.68 -53.66
N GLN F 359 9.06 -19.68 -53.19
CA GLN F 359 7.93 -19.71 -54.12
C GLN F 359 7.83 -18.43 -54.92
N GLY F 360 7.65 -17.29 -54.24
CA GLY F 360 7.43 -16.04 -54.96
C GLY F 360 8.69 -15.21 -55.11
N ILE F 361 8.67 -13.97 -54.63
CA ILE F 361 9.79 -13.05 -54.77
C ILE F 361 9.75 -12.05 -53.63
N ASP F 362 10.92 -11.53 -53.25
CA ASP F 362 11.04 -10.64 -52.11
C ASP F 362 10.32 -9.31 -52.33
N PRO F 363 10.56 -8.57 -53.44
CA PRO F 363 9.89 -7.27 -53.57
C PRO F 363 8.39 -7.40 -53.74
N MET F 364 7.91 -8.44 -54.42
CA MET F 364 6.46 -8.63 -54.58
C MET F 364 5.81 -8.87 -53.23
N LEU F 365 6.37 -9.78 -52.43
CA LEU F 365 5.81 -10.05 -51.11
C LEU F 365 5.91 -8.84 -50.20
N LEU F 366 6.97 -8.04 -50.36
CA LEU F 366 7.10 -6.82 -49.57
C LEU F 366 6.00 -5.83 -49.93
N LEU F 367 5.78 -5.61 -51.23
CA LEU F 367 4.69 -4.74 -51.65
C LEU F 367 3.35 -5.26 -51.15
N THR F 368 3.18 -6.58 -51.13
CA THR F 368 1.95 -7.17 -50.60
C THR F 368 1.80 -6.86 -49.11
N ASN F 369 2.93 -6.96 -48.40
CA ASN F 369 3.05 -6.75 -46.92
C ASN F 369 2.16 -5.59 -46.45
N LEU F 370 2.48 -4.38 -46.92
CA LEU F 370 1.78 -3.10 -46.60
C LEU F 370 1.80 -2.85 -45.10
N GLY F 371 3.00 -2.80 -44.51
CA GLY F 371 3.17 -2.53 -43.07
C GLY F 371 4.21 -1.45 -42.83
N MET F 372 3.88 -0.20 -43.14
CA MET F 372 4.82 0.94 -42.97
C MET F 372 5.15 1.11 -41.48
N ILE F 373 4.14 0.98 -40.61
CA ILE F 373 4.34 1.13 -39.14
C ILE F 373 3.11 0.57 -38.42
N ALA G 2 14.81 -8.07 8.62
CA ALA G 2 15.63 -9.08 7.96
C ALA G 2 16.76 -8.44 7.19
N ILE G 3 17.88 -9.16 7.10
CA ILE G 3 19.05 -8.65 6.37
C ILE G 3 18.70 -8.37 4.92
N ALA G 4 18.00 -9.29 4.27
CA ALA G 4 17.73 -9.13 2.85
C ALA G 4 16.79 -7.97 2.58
N GLN G 5 15.89 -7.68 3.52
CA GLN G 5 15.01 -6.52 3.36
C GLN G 5 15.82 -5.23 3.36
N LEU G 6 16.75 -5.11 4.32
CA LEU G 6 17.61 -3.93 4.36
C LEU G 6 18.47 -3.84 3.10
N ALA G 7 18.97 -4.98 2.63
CA ALA G 7 19.74 -5.00 1.40
C ALA G 7 18.94 -4.43 0.25
N THR G 8 17.73 -4.96 0.03
CA THR G 8 16.87 -4.40 -1.01
C THR G 8 16.69 -2.91 -0.82
N GLU G 9 16.22 -2.50 0.37
CA GLU G 9 15.86 -1.11 0.60
C GLU G 9 17.02 -0.17 0.34
N TYR G 10 18.26 -0.57 0.66
CA TYR G 10 19.35 0.40 0.66
C TYR G 10 20.37 0.22 -0.46
N VAL G 11 20.35 -0.88 -1.20
CA VAL G 11 21.19 -0.94 -2.39
C VAL G 11 20.33 -1.27 -3.61
N PHE G 12 19.40 -2.21 -3.47
CA PHE G 12 18.70 -2.69 -4.66
C PHE G 12 17.50 -1.82 -4.99
N SER G 13 16.91 -1.18 -3.98
CA SER G 13 15.90 -0.18 -4.25
C SER G 13 16.54 1.10 -4.76
N ASP G 14 15.72 1.98 -5.32
CA ASP G 14 16.21 3.26 -5.80
C ASP G 14 16.33 4.25 -4.66
N PHE G 15 17.01 3.86 -3.58
CA PHE G 15 17.17 4.74 -2.44
C PHE G 15 18.08 5.91 -2.79
N LEU G 16 17.57 7.12 -2.60
CA LEU G 16 18.23 8.37 -2.97
C LEU G 16 18.58 8.43 -4.45
N LEU G 17 17.93 7.61 -5.28
CA LEU G 17 18.04 7.70 -6.73
C LEU G 17 16.73 8.17 -7.36
N LYS G 18 15.78 8.61 -6.54
CA LYS G 18 14.50 9.07 -7.06
C LYS G 18 14.67 10.36 -7.84
N GLU G 19 14.17 10.37 -9.07
CA GLU G 19 14.12 11.60 -9.84
C GLU G 19 13.16 12.58 -9.17
N PRO G 20 13.41 13.89 -9.34
CA PRO G 20 12.52 14.88 -8.72
C PRO G 20 11.08 14.72 -9.20
N THR G 21 10.20 14.36 -8.29
CA THR G 21 8.80 14.13 -8.63
C THR G 21 8.10 15.47 -8.87
N GLU G 22 8.33 16.03 -10.05
CA GLU G 22 7.76 17.31 -10.43
C GLU G 22 7.93 17.52 -11.92
N PRO G 23 6.97 18.16 -12.59
CA PRO G 23 7.10 18.42 -14.04
C PRO G 23 8.02 19.58 -14.40
N LYS G 24 8.62 20.26 -13.42
CA LYS G 24 9.54 21.35 -13.73
C LYS G 24 10.83 20.81 -14.35
N PHE G 25 11.39 19.76 -13.76
CA PHE G 25 12.56 19.08 -14.29
C PHE G 25 12.14 17.71 -14.79
N LYS G 26 11.98 17.58 -16.10
CA LYS G 26 11.51 16.36 -16.74
C LYS G 26 12.69 15.70 -17.43
N GLY G 27 13.21 14.63 -16.83
CA GLY G 27 14.36 13.94 -17.36
C GLY G 27 15.68 14.65 -17.15
N LEU G 28 15.68 15.86 -16.60
CA LEU G 28 16.90 16.59 -16.29
C LEU G 28 17.48 16.01 -15.00
N ARG G 29 18.78 15.73 -15.02
CA ARG G 29 19.40 15.06 -13.88
C ARG G 29 19.61 16.02 -12.72
N LEU G 30 20.24 17.17 -12.98
CA LEU G 30 20.54 18.22 -12.01
C LEU G 30 21.51 17.77 -10.93
N GLU G 31 21.98 16.53 -10.97
CA GLU G 31 23.01 16.03 -10.07
C GLU G 31 23.91 15.09 -10.87
N LEU G 32 25.18 15.43 -10.97
CA LEU G 32 26.10 14.64 -11.76
C LEU G 32 26.14 13.20 -11.23
N ALA G 33 26.28 12.26 -12.17
CA ALA G 33 26.20 10.84 -11.81
C ALA G 33 27.20 10.49 -10.71
N VAL G 34 28.41 11.04 -10.79
CA VAL G 34 29.39 10.77 -9.75
C VAL G 34 28.95 11.40 -8.43
N ASP G 35 28.33 12.58 -8.49
CA ASP G 35 27.83 13.19 -7.27
C ASP G 35 26.64 12.43 -6.72
N LYS G 36 25.75 11.95 -7.59
CA LYS G 36 24.62 11.16 -7.13
C LYS G 36 25.09 9.88 -6.45
N MET G 37 26.10 9.21 -7.02
CA MET G 37 26.58 7.98 -6.41
C MET G 37 27.37 8.26 -5.14
N VAL G 38 28.11 9.36 -5.07
CA VAL G 38 28.80 9.70 -3.83
C VAL G 38 27.79 9.97 -2.73
N THR G 39 26.72 10.70 -3.04
CA THR G 39 25.69 10.94 -2.05
C THR G 39 25.03 9.64 -1.63
N CYS G 40 24.65 8.80 -2.60
CA CYS G 40 24.00 7.54 -2.29
C CYS G 40 24.86 6.69 -1.36
N ILE G 41 26.14 6.57 -1.67
CA ILE G 41 27.04 5.79 -0.83
C ILE G 41 27.16 6.43 0.55
N ALA G 42 27.61 7.68 0.60
CA ALA G 42 27.94 8.32 1.87
C ALA G 42 26.72 8.43 2.78
N VAL G 43 25.52 8.33 2.22
CA VAL G 43 24.32 8.45 3.06
C VAL G 43 23.76 7.08 3.39
N GLY G 44 23.63 6.21 2.38
CA GLY G 44 22.99 4.93 2.62
C GLY G 44 23.88 3.95 3.35
N LEU G 45 25.19 4.08 3.20
CA LEU G 45 26.09 3.16 3.88
C LEU G 45 26.00 3.26 5.40
N PRO G 46 26.07 4.46 6.00
CA PRO G 46 25.84 4.50 7.46
C PRO G 46 24.46 4.03 7.85
N LEU G 47 23.44 4.30 7.04
CA LEU G 47 22.10 3.82 7.36
C LEU G 47 22.01 2.30 7.25
N LEU G 48 22.60 1.77 6.18
CA LEU G 48 22.61 0.30 5.94
C LEU G 48 23.39 -0.39 7.06
N LEU G 49 24.45 0.26 7.54
CA LEU G 49 25.31 -0.27 8.63
C LEU G 49 24.51 -0.23 9.94
N ILE G 50 23.83 0.88 10.23
CA ILE G 50 22.99 0.95 11.42
C ILE G 50 21.97 -0.17 11.41
N SER G 51 21.28 -0.36 10.28
CA SER G 51 20.25 -1.38 10.21
C SER G 51 20.83 -2.78 10.35
N LEU G 52 22.06 -2.95 9.87
CA LEU G 52 22.74 -4.26 10.00
C LEU G 52 23.09 -4.47 11.46
N ALA G 53 23.64 -3.48 12.16
CA ALA G 53 24.18 -3.64 13.50
C ALA G 53 23.13 -4.17 14.46
N PHE G 54 21.85 -4.10 14.09
CA PHE G 54 20.77 -4.59 14.92
C PHE G 54 19.84 -5.53 14.16
N ALA G 55 20.34 -6.14 13.09
CA ALA G 55 19.59 -7.20 12.44
C ALA G 55 19.23 -8.27 13.46
N GLN G 56 18.01 -8.78 13.36
CA GLN G 56 17.47 -9.63 14.42
C GLN G 56 18.30 -10.89 14.62
N GLU G 57 19.10 -11.26 13.61
CA GLU G 57 19.90 -12.48 13.74
C GLU G 57 21.31 -12.20 14.21
N ILE G 58 21.74 -10.94 14.14
CA ILE G 58 23.06 -10.61 14.68
C ILE G 58 22.93 -10.15 16.13
N SER G 59 21.80 -9.55 16.48
CA SER G 59 21.53 -9.15 17.86
C SER G 59 21.14 -10.39 18.67
N ILE G 60 21.83 -10.61 19.78
CA ILE G 60 21.48 -11.71 20.65
C ILE G 60 20.30 -11.33 21.55
N GLY G 61 20.14 -10.04 21.81
CA GLY G 61 19.12 -9.58 22.73
C GLY G 61 19.34 -8.14 23.14
N THR G 62 19.39 -7.89 24.44
CA THR G 62 19.64 -6.55 24.93
C THR G 62 21.01 -6.06 24.49
N GLN G 63 21.21 -4.74 24.60
CA GLN G 63 22.49 -4.16 24.20
C GLN G 63 23.49 -4.20 25.33
N ILE G 64 23.04 -4.48 26.55
CA ILE G 64 23.91 -4.52 27.72
C ILE G 64 23.49 -5.70 28.59
N SER G 65 24.47 -6.32 29.25
CA SER G 65 24.23 -7.39 30.21
C SER G 65 25.21 -7.21 31.35
N CYS G 66 24.75 -7.40 32.58
CA CYS G 66 25.51 -6.95 33.73
C CYS G 66 25.88 -8.02 34.75
N PHE G 67 25.33 -9.23 34.65
CA PHE G 67 25.68 -10.31 35.56
C PHE G 67 25.49 -9.94 37.02
N SER G 68 24.25 -9.76 37.44
CA SER G 68 23.92 -9.62 38.84
C SER G 68 24.23 -10.92 39.58
N PRO G 69 24.34 -10.89 40.91
CA PRO G 69 24.55 -12.13 41.65
C PRO G 69 23.39 -13.10 41.49
N SER G 70 23.62 -14.33 41.91
CA SER G 70 22.59 -15.36 41.78
C SER G 70 21.43 -15.09 42.73
N SER G 71 21.71 -14.43 43.86
CA SER G 71 20.65 -14.15 44.83
C SER G 71 19.67 -13.12 44.29
N PHE G 72 20.11 -12.27 43.37
CA PHE G 72 19.24 -11.26 42.81
C PHE G 72 18.08 -11.90 42.05
N SER G 73 16.89 -11.29 42.18
CA SER G 73 15.71 -11.80 41.42
C SER G 73 15.85 -11.37 39.96
N ALA G 74 14.99 -11.90 39.08
CA ALA G 74 15.06 -11.54 37.64
C ALA G 74 14.80 -10.04 37.47
N ARG G 75 13.82 -9.50 38.21
CA ARG G 75 13.52 -8.04 38.16
C ARG G 75 14.70 -7.24 38.74
N GLN G 76 15.33 -7.72 39.82
CA GLN G 76 16.51 -7.03 40.39
C GLN G 76 17.63 -7.03 39.35
N ALA G 77 17.81 -8.13 38.63
CA ALA G 77 18.83 -8.19 37.55
C ALA G 77 18.47 -7.18 36.46
N ALA G 78 17.18 -7.09 36.11
CA ALA G 78 16.73 -6.15 35.07
C ALA G 78 17.02 -4.71 35.54
N PHE G 79 16.86 -4.43 36.83
CA PHE G 79 17.18 -3.09 37.33
C PHE G 79 18.66 -2.81 37.17
N VAL G 80 19.51 -3.78 37.49
CA VAL G 80 20.95 -3.55 37.37
C VAL G 80 21.31 -3.28 35.91
N ASP G 81 20.78 -4.08 35.00
CA ASP G 81 21.05 -3.87 33.58
C ASP G 81 20.62 -2.47 33.13
N SER G 82 19.37 -2.11 33.41
CA SER G 82 18.87 -0.81 32.95
C SER G 82 19.59 0.34 33.63
N TYR G 83 19.91 0.19 34.91
CA TYR G 83 20.62 1.23 35.62
C TYR G 83 21.99 1.47 35.01
N CYS G 84 22.72 0.40 34.72
CA CYS G 84 24.05 0.59 34.16
C CYS G 84 23.98 1.13 32.75
N TRP G 85 22.99 0.69 31.98
CA TRP G 85 22.75 1.26 30.66
C TRP G 85 22.56 2.77 30.75
N ALA G 86 21.74 3.22 31.70
CA ALA G 86 21.53 4.65 31.86
C ALA G 86 22.72 5.30 32.54
N ALA G 87 23.58 4.51 33.16
CA ALA G 87 24.69 5.00 33.96
C ALA G 87 25.98 5.10 33.19
N VAL G 88 26.01 4.66 31.93
CA VAL G 88 27.20 4.95 31.12
C VAL G 88 27.40 6.45 30.98
N GLN G 89 26.34 7.24 31.21
CA GLN G 89 26.49 8.69 31.18
C GLN G 89 27.02 9.23 32.49
N GLN G 90 26.38 8.88 33.61
CA GLN G 90 26.80 9.36 34.92
C GLN G 90 28.19 8.81 35.24
N LYS G 91 29.20 9.67 35.18
CA LYS G 91 30.57 9.21 35.25
C LYS G 91 30.93 8.70 36.65
N ASN G 92 30.18 9.13 37.66
CA ASN G 92 30.51 8.74 39.03
C ASN G 92 30.21 7.27 39.27
N SER G 93 29.18 6.73 38.61
CA SER G 93 28.73 5.38 38.92
C SER G 93 29.66 4.33 38.34
N LEU G 94 30.08 4.50 37.09
CA LEU G 94 30.80 3.45 36.37
C LEU G 94 32.30 3.74 36.40
N GLN G 95 33.09 2.69 36.52
CA GLN G 95 34.55 2.77 36.45
C GLN G 95 35.04 1.88 35.32
N SER G 96 35.60 2.49 34.29
CA SER G 96 36.09 1.76 33.12
C SER G 96 37.56 2.08 32.90
N GLU G 97 38.31 1.06 32.49
CA GLU G 97 39.74 1.24 32.26
C GLU G 97 40.01 2.19 31.10
N SER G 98 39.23 2.11 30.03
CA SER G 98 39.47 2.96 28.87
C SER G 98 38.97 4.38 29.12
N GLY G 99 37.89 4.53 29.87
CA GLY G 99 37.31 5.82 30.15
C GLY G 99 35.82 5.85 29.84
N ASN G 100 35.22 7.00 30.16
CA ASN G 100 33.78 7.15 29.95
C ASN G 100 33.46 7.49 28.50
N LEU G 101 34.40 8.11 27.81
CA LEU G 101 34.19 8.44 26.40
C LEU G 101 33.94 7.20 25.54
N PRO G 102 34.71 6.12 25.66
CA PRO G 102 34.35 4.91 24.91
C PRO G 102 32.96 4.41 25.23
N LEU G 103 32.53 4.54 26.48
CA LEU G 103 31.20 4.09 26.85
C LEU G 103 30.14 4.92 26.16
N TRP G 104 30.30 6.24 26.18
CA TRP G 104 29.40 7.12 25.44
C TRP G 104 29.35 6.73 23.97
N LEU G 105 30.52 6.49 23.37
CA LEU G 105 30.56 6.18 21.94
C LEU G 105 29.92 4.83 21.65
N HIS G 106 30.01 3.89 22.59
CA HIS G 106 29.43 2.57 22.38
C HIS G 106 27.91 2.62 22.51
N LYS G 107 27.40 3.40 23.45
CA LYS G 107 25.96 3.49 23.59
C LYS G 107 25.34 4.23 22.41
N PHE G 108 25.96 5.32 21.97
CA PHE G 108 25.37 6.21 20.98
C PHE G 108 25.99 6.05 19.60
N PHE G 109 26.58 4.89 19.31
CA PHE G 109 27.10 4.65 17.98
C PHE G 109 26.04 4.76 16.89
N PRO G 110 24.83 4.19 17.02
CA PRO G 110 23.83 4.39 15.98
C PRO G 110 23.47 5.85 15.78
N TYR G 111 23.38 6.62 16.87
CA TYR G 111 23.07 8.03 16.74
C TYR G 111 24.16 8.77 16.00
N ILE G 112 25.41 8.42 16.25
CA ILE G 112 26.51 9.12 15.59
C ILE G 112 26.53 8.77 14.10
N LEU G 113 26.27 7.51 13.77
CA LEU G 113 26.21 7.15 12.36
C LEU G 113 25.04 7.85 11.66
N LEU G 114 23.89 7.93 12.32
CA LEU G 114 22.77 8.65 11.73
C LEU G 114 23.09 10.13 11.57
N LEU G 115 23.82 10.69 12.54
CA LEU G 115 24.23 12.09 12.43
C LEU G 115 25.13 12.30 11.23
N PHE G 116 26.05 11.37 11.00
CA PHE G 116 26.92 11.47 9.83
C PHE G 116 26.12 11.34 8.55
N ALA G 117 25.15 10.43 8.53
CA ALA G 117 24.30 10.28 7.35
C ALA G 117 23.54 11.56 7.06
N ILE G 118 22.99 12.19 8.10
CA ILE G 118 22.23 13.42 7.91
C ILE G 118 23.14 14.55 7.43
N LEU G 119 24.28 14.74 8.08
CA LEU G 119 25.21 15.78 7.67
C LEU G 119 25.71 15.55 6.25
N LEU G 120 25.85 14.29 5.84
CA LEU G 120 26.29 14.02 4.48
C LEU G 120 25.17 14.22 3.48
N TYR G 121 23.92 14.09 3.93
CA TYR G 121 22.79 14.38 3.06
C TYR G 121 22.51 15.86 2.94
N LEU G 122 22.98 16.67 3.89
CA LEU G 122 22.69 18.09 3.87
C LEU G 122 23.23 18.83 2.65
N PRO G 123 24.49 18.66 2.24
CA PRO G 123 24.99 19.41 1.06
C PRO G 123 24.25 19.04 -0.21
N PRO G 124 23.98 17.76 -0.48
CA PRO G 124 23.15 17.47 -1.66
C PRO G 124 21.77 18.09 -1.59
N LEU G 125 21.20 18.20 -0.40
CA LEU G 125 19.90 18.85 -0.25
C LEU G 125 20.01 20.34 -0.55
N PHE G 126 21.04 20.98 -0.03
CA PHE G 126 21.25 22.40 -0.33
C PHE G 126 21.45 22.61 -1.82
N TRP G 127 22.15 21.69 -2.48
CA TRP G 127 22.30 21.82 -3.93
C TRP G 127 20.97 21.61 -4.64
N ARG G 128 20.18 20.64 -4.18
CA ARG G 128 18.92 20.35 -4.84
C ARG G 128 17.91 21.47 -4.68
N PHE G 129 18.03 22.27 -3.61
CA PHE G 129 17.05 23.31 -3.37
C PHE G 129 17.52 24.70 -3.76
N ALA G 130 18.79 25.02 -3.51
CA ALA G 130 19.26 26.39 -3.75
C ALA G 130 19.77 26.57 -5.17
N ALA G 131 20.51 25.60 -5.69
CA ALA G 131 21.17 25.77 -6.98
C ALA G 131 20.66 24.85 -8.07
N ALA G 132 19.82 23.86 -7.75
CA ALA G 132 19.33 22.96 -8.80
C ALA G 132 18.31 23.62 -9.72
N PRO G 133 17.33 24.39 -9.23
CA PRO G 133 16.40 25.03 -10.17
C PRO G 133 17.06 26.06 -11.07
N HIS G 134 18.01 26.82 -10.53
CA HIS G 134 18.71 27.82 -11.34
C HIS G 134 19.40 27.17 -12.53
N ILE G 135 20.04 26.02 -12.30
CA ILE G 135 20.71 25.34 -13.40
C ILE G 135 19.70 24.60 -14.26
N CYS G 136 18.57 24.19 -13.67
CA CYS G 136 17.58 23.43 -14.42
C CYS G 136 16.91 24.30 -15.48
N SER G 137 16.48 25.49 -15.09
CA SER G 137 15.87 26.39 -16.05
C SER G 137 16.83 26.72 -17.19
N ASP G 138 18.08 27.07 -16.84
CA ASP G 138 19.06 27.42 -17.86
C ASP G 138 19.34 26.24 -18.78
N LEU G 139 19.45 25.04 -18.23
CA LEU G 139 19.78 23.88 -19.05
C LEU G 139 18.61 23.52 -19.97
N LYS G 140 17.39 23.61 -19.45
CA LYS G 140 16.23 23.35 -20.29
C LYS G 140 16.15 24.39 -21.42
N PHE G 141 16.45 25.65 -21.11
CA PHE G 141 16.44 26.66 -22.15
C PHE G 141 17.52 26.39 -23.19
N ILE G 142 18.71 25.98 -22.75
CA ILE G 142 19.80 25.71 -23.69
C ILE G 142 19.44 24.52 -24.58
N MET G 143 18.84 23.49 -24.02
CA MET G 143 18.43 22.34 -24.83
C MET G 143 17.35 22.74 -25.83
N GLU G 144 16.37 23.52 -25.41
CA GLU G 144 15.35 23.99 -26.34
C GLU G 144 15.95 24.83 -27.46
N GLU G 145 16.87 25.73 -27.11
CA GLU G 145 17.51 26.57 -28.13
C GLU G 145 18.34 25.73 -29.09
N LEU G 146 19.00 24.69 -28.59
CA LEU G 146 19.78 23.83 -29.47
C LEU G 146 18.87 23.07 -30.43
N ASP G 147 17.77 22.53 -29.92
CA ASP G 147 16.82 21.86 -30.81
C ASP G 147 16.28 22.84 -31.85
N LYS G 148 16.02 24.08 -31.44
CA LYS G 148 15.48 25.07 -32.37
C LYS G 148 16.49 25.42 -33.45
N VAL G 149 17.76 25.62 -33.06
CA VAL G 149 18.78 25.97 -34.06
C VAL G 149 19.00 24.79 -35.01
N TYR G 150 18.92 23.57 -34.50
CA TYR G 150 19.03 22.39 -35.38
C TYR G 150 17.89 22.35 -36.39
N ASN G 151 16.66 22.56 -35.90
CA ASN G 151 15.51 22.57 -36.80
C ASN G 151 15.65 23.66 -37.86
N ARG G 152 16.09 24.85 -37.45
CA ARG G 152 16.23 25.94 -38.41
C ARG G 152 17.33 25.64 -39.42
N ALA G 153 18.42 25.02 -38.97
CA ALA G 153 19.51 24.69 -39.89
C ALA G 153 19.06 23.68 -40.92
N ILE G 154 18.31 22.66 -40.50
CA ILE G 154 17.88 21.65 -41.46
C ILE G 154 16.77 22.20 -42.35
N LYS G 155 15.98 23.14 -41.84
CA LYS G 155 14.98 23.78 -42.69
C LYS G 155 15.62 24.64 -43.76
N ALA G 156 16.67 25.37 -43.40
CA ALA G 156 17.43 26.13 -44.38
C ALA G 156 18.09 25.19 -45.39
N ALA G 157 18.63 24.07 -44.91
CA ALA G 157 19.24 23.10 -45.82
C ALA G 157 18.19 22.45 -46.70
N LYS G 158 17.01 22.17 -46.13
CA LYS G 158 15.93 21.57 -46.93
C LYS G 158 15.45 22.52 -48.01
N SER G 159 15.33 23.80 -47.67
CA SER G 159 14.93 24.80 -48.67
C SER G 159 15.98 24.93 -49.76
N ALA G 160 17.26 24.79 -49.40
CA ALA G 160 18.31 24.82 -50.40
C ALA G 160 18.23 23.60 -51.32
N ARG G 161 17.90 22.44 -50.77
CA ARG G 161 17.74 21.24 -51.59
C ARG G 161 16.55 21.37 -52.52
N ASP G 162 15.55 22.16 -52.14
CA ASP G 162 14.39 22.38 -52.98
C ASP G 162 14.67 23.42 -54.05
N PHE G 191 17.42 37.75 -38.75
CA PHE G 191 17.70 37.06 -37.49
C PHE G 191 19.11 36.47 -37.50
N LYS G 192 19.18 35.13 -37.37
CA LYS G 192 20.45 34.41 -37.37
C LYS G 192 21.38 34.92 -36.29
N TYR G 193 20.91 34.90 -35.04
CA TYR G 193 21.69 35.36 -33.91
C TYR G 193 22.09 34.17 -33.04
N PRO G 194 23.38 34.00 -32.74
CA PRO G 194 23.77 32.89 -31.84
C PRO G 194 23.37 33.19 -30.40
N ILE G 195 22.10 32.97 -30.08
CA ILE G 195 21.60 33.36 -28.76
C ILE G 195 22.16 32.44 -27.69
N VAL G 196 22.21 31.12 -27.96
CA VAL G 196 22.70 30.19 -26.96
C VAL G 196 24.21 30.37 -26.76
N GLU G 197 24.93 30.68 -27.82
CA GLU G 197 26.36 30.95 -27.70
C GLU G 197 26.61 32.19 -26.85
N GLN G 198 25.80 33.23 -27.05
CA GLN G 198 25.94 34.44 -26.23
C GLN G 198 25.56 34.16 -24.78
N TYR G 199 24.55 33.32 -24.56
CA TYR G 199 24.17 32.97 -23.21
C TYR G 199 25.29 32.24 -22.49
N LEU G 200 25.94 31.30 -23.17
CA LEU G 200 27.05 30.58 -22.56
C LEU G 200 28.24 31.51 -22.35
N LYS G 201 28.49 32.41 -23.29
CA LYS G 201 29.52 33.43 -23.09
C LYS G 201 29.25 34.23 -21.83
N THR G 202 27.98 34.53 -21.56
CA THR G 202 27.63 35.23 -20.33
C THR G 202 27.88 34.36 -19.11
N LYS G 203 27.48 33.09 -19.18
CA LYS G 203 27.73 32.16 -18.08
C LYS G 203 29.22 32.08 -17.75
N LYS G 204 30.07 32.27 -18.77
CA LYS G 204 31.51 32.24 -18.58
C LYS G 204 31.98 33.30 -17.57
N ASN G 205 31.15 34.29 -17.31
CA ASN G 205 31.55 35.42 -16.46
C ASN G 205 31.23 35.14 -14.99
N SER G 206 29.97 34.86 -14.68
CA SER G 206 29.57 34.67 -13.30
C SER G 206 30.02 33.32 -12.78
N ASN G 207 30.29 33.26 -11.47
CA ASN G 207 30.77 32.05 -10.82
C ASN G 207 29.95 31.68 -9.59
N ASN G 208 28.70 32.12 -9.50
CA ASN G 208 27.90 31.82 -8.32
C ASN G 208 27.58 30.33 -8.23
N LEU G 209 27.12 29.74 -9.32
CA LEU G 209 26.75 28.33 -9.29
C LEU G 209 27.97 27.46 -9.02
N ILE G 210 29.13 27.84 -9.54
CA ILE G 210 30.30 26.98 -9.38
C ILE G 210 30.81 27.05 -7.95
N ILE G 211 30.71 28.22 -7.31
CA ILE G 211 31.15 28.28 -5.92
C ILE G 211 30.14 27.57 -5.02
N LYS G 212 28.85 27.63 -5.37
CA LYS G 212 27.89 26.81 -4.65
C LYS G 212 28.21 25.34 -4.78
N TYR G 213 28.55 24.90 -5.99
CA TYR G 213 28.85 23.48 -6.23
C TYR G 213 30.10 23.05 -5.48
N ILE G 214 31.20 23.79 -5.62
CA ILE G 214 32.43 23.38 -4.94
C ILE G 214 32.30 23.55 -3.44
N SER G 215 31.38 24.41 -2.98
CA SER G 215 31.16 24.54 -1.55
C SER G 215 30.41 23.33 -1.00
N CYS G 216 29.36 22.88 -1.71
CA CYS G 216 28.68 21.69 -1.24
C CYS G 216 29.60 20.47 -1.31
N ARG G 217 30.42 20.39 -2.37
CA ARG G 217 31.38 19.29 -2.46
C ARG G 217 32.43 19.38 -1.36
N LEU G 218 32.84 20.59 -0.99
CA LEU G 218 33.86 20.75 0.03
C LEU G 218 33.31 20.41 1.40
N LEU G 219 32.06 20.78 1.68
CA LEU G 219 31.44 20.35 2.93
C LEU G 219 31.25 18.84 2.95
N THR G 220 30.90 18.24 1.81
CA THR G 220 30.80 16.79 1.76
C THR G 220 32.15 16.15 2.08
N LEU G 221 33.23 16.69 1.52
CA LEU G 221 34.54 16.14 1.78
C LEU G 221 34.95 16.33 3.23
N ILE G 222 34.63 17.49 3.81
CA ILE G 222 34.99 17.77 5.20
C ILE G 222 34.24 16.82 6.12
N ILE G 223 32.95 16.60 5.87
CA ILE G 223 32.17 15.72 6.72
C ILE G 223 32.63 14.27 6.53
N ILE G 224 33.00 13.89 5.30
CA ILE G 224 33.51 12.54 5.08
C ILE G 224 34.82 12.34 5.81
N LEU G 225 35.68 13.35 5.83
CA LEU G 225 36.95 13.21 6.53
C LEU G 225 36.75 13.18 8.04
N LEU G 226 35.81 13.97 8.55
CA LEU G 226 35.51 13.91 9.98
C LEU G 226 34.93 12.55 10.35
N ALA G 227 34.10 11.99 9.46
CA ALA G 227 33.56 10.66 9.72
C ALA G 227 34.66 9.61 9.67
N CYS G 228 35.59 9.74 8.73
CA CYS G 228 36.74 8.83 8.70
C CYS G 228 37.53 8.92 9.99
N ILE G 229 37.77 10.14 10.47
CA ILE G 229 38.53 10.31 11.71
C ILE G 229 37.79 9.65 12.87
N TYR G 230 36.49 9.91 12.99
CA TYR G 230 35.72 9.33 14.09
C TYR G 230 35.70 7.81 14.01
N LEU G 231 35.49 7.26 12.82
CA LEU G 231 35.38 5.82 12.67
C LEU G 231 36.73 5.14 12.89
N GLY G 232 37.82 5.78 12.46
CA GLY G 232 39.13 5.24 12.74
C GLY G 232 39.46 5.27 14.21
N TYR G 233 39.02 6.33 14.90
CA TYR G 233 39.21 6.35 16.35
C TYR G 233 38.38 5.27 17.02
N TYR G 234 37.10 5.18 16.67
CA TYR G 234 36.21 4.23 17.31
C TYR G 234 36.67 2.80 17.08
N PHE G 235 37.04 2.48 15.85
CA PHE G 235 37.58 1.15 15.57
C PHE G 235 38.88 0.91 16.31
N SER G 236 39.58 1.97 16.70
CA SER G 236 40.85 1.82 17.41
C SER G 236 40.64 1.54 18.89
N LEU G 237 39.40 1.54 19.37
CA LEU G 237 39.17 1.28 20.78
C LEU G 237 39.65 -0.11 21.16
N SER G 238 39.91 -0.28 22.47
CA SER G 238 40.63 -1.45 22.95
C SER G 238 39.89 -2.77 22.70
N SER G 239 38.61 -2.71 22.35
CA SER G 239 37.70 -3.83 22.14
C SER G 239 37.33 -4.48 23.48
N LEU G 240 37.97 -4.08 24.56
CA LEU G 240 37.53 -4.40 25.90
C LEU G 240 36.93 -3.20 26.61
N SER G 241 36.81 -2.07 25.90
CA SER G 241 36.16 -0.91 26.46
C SER G 241 34.65 -1.10 26.56
N ASP G 242 34.13 -2.16 25.96
CA ASP G 242 32.72 -2.48 26.11
C ASP G 242 32.42 -3.15 27.43
N GLU G 243 33.44 -3.55 28.19
CA GLU G 243 33.27 -4.09 29.51
C GLU G 243 33.58 -3.00 30.53
N PHE G 244 32.57 -2.61 31.29
CA PHE G 244 32.75 -1.56 32.28
C PHE G 244 32.15 -2.03 33.59
N VAL G 245 32.76 -1.60 34.68
CA VAL G 245 32.29 -1.93 36.01
C VAL G 245 31.29 -0.87 36.43
N CYS G 246 30.13 -1.31 36.90
CA CYS G 246 29.02 -0.43 37.22
C CYS G 246 28.56 -0.70 38.64
N SER G 247 28.19 0.36 39.36
CA SER G 247 27.84 0.27 40.76
C SER G 247 26.51 0.97 40.99
N ILE G 248 25.48 0.19 41.34
CA ILE G 248 24.19 0.78 41.66
C ILE G 248 24.16 1.10 43.14
N LYS G 249 24.79 2.20 43.53
CA LYS G 249 24.91 2.55 44.93
C LYS G 249 24.71 4.05 45.17
N SER G 250 23.90 4.71 44.34
CA SER G 250 23.49 6.06 44.64
C SER G 250 22.11 6.05 45.28
N GLY G 251 21.81 7.11 46.02
CA GLY G 251 20.53 7.18 46.71
C GLY G 251 20.50 6.26 47.92
N ILE G 252 19.31 5.73 48.20
CA ILE G 252 19.14 4.88 49.38
C ILE G 252 19.88 3.56 49.25
N LEU G 253 20.32 3.21 48.04
CA LEU G 253 21.06 1.96 47.88
C LEU G 253 22.52 2.13 48.32
N ARG G 254 22.93 3.35 48.64
CA ARG G 254 24.33 3.63 48.89
C ARG G 254 24.88 2.78 50.02
N ASN G 255 24.22 2.80 51.18
CA ASN G 255 24.74 2.04 52.32
C ASN G 255 24.04 0.69 52.45
N ASP G 256 23.23 0.31 51.46
CA ASP G 256 22.61 -1.00 51.46
C ASP G 256 23.68 -2.09 51.40
N SER G 257 23.38 -3.24 52.00
CA SER G 257 24.37 -4.31 52.12
C SER G 257 24.09 -5.51 51.23
N THR G 258 22.81 -5.81 50.93
CA THR G 258 22.51 -6.97 50.11
C THR G 258 22.99 -6.79 48.69
N VAL G 259 23.07 -5.55 48.22
CA VAL G 259 23.53 -5.25 46.86
C VAL G 259 25.05 -5.21 46.84
N PRO G 260 25.69 -5.92 45.91
CA PRO G 260 27.15 -5.91 45.86
C PRO G 260 27.70 -4.55 45.45
N ASP G 261 28.99 -4.37 45.70
CA ASP G 261 29.61 -3.07 45.51
C ASP G 261 29.61 -2.67 44.04
N GLN G 262 29.85 -3.62 43.14
CA GLN G 262 29.99 -3.30 41.73
C GLN G 262 29.61 -4.50 40.89
N PHE G 263 29.13 -4.23 39.67
CA PHE G 263 28.69 -5.25 38.73
C PHE G 263 29.57 -5.21 37.49
N GLN G 264 29.80 -6.37 36.90
CA GLN G 264 30.58 -6.45 35.67
C GLN G 264 29.61 -6.44 34.51
N CYS G 265 29.45 -5.27 33.88
CA CYS G 265 28.59 -5.14 32.72
C CYS G 265 29.41 -5.19 31.45
N LYS G 266 28.78 -5.65 30.37
CA LYS G 266 29.39 -5.69 29.05
C LYS G 266 28.39 -5.17 28.03
N LEU G 267 28.86 -4.28 27.16
CA LEU G 267 28.01 -3.74 26.11
C LEU G 267 28.07 -4.69 24.92
N ILE G 268 27.05 -5.53 24.79
CA ILE G 268 26.95 -6.40 23.64
C ILE G 268 26.85 -5.55 22.38
N ALA G 269 27.16 -6.17 21.24
CA ALA G 269 27.09 -5.53 19.93
C ALA G 269 28.08 -4.39 19.76
N VAL G 270 29.14 -4.35 20.58
CA VAL G 270 30.21 -3.38 20.34
C VAL G 270 31.21 -3.93 19.34
N GLY G 271 31.46 -5.24 19.39
CA GLY G 271 32.27 -5.85 18.35
C GLY G 271 31.65 -5.68 16.97
N ILE G 272 30.32 -5.80 16.89
CA ILE G 272 29.63 -5.54 15.64
C ILE G 272 29.78 -4.07 15.24
N PHE G 273 29.71 -3.18 16.22
CA PHE G 273 29.90 -1.76 15.92
C PHE G 273 31.28 -1.49 15.35
N GLN G 274 32.31 -2.12 15.90
CA GLN G 274 33.66 -1.89 15.41
C GLN G 274 33.87 -2.50 14.03
N LEU G 275 33.35 -3.72 13.83
CA LEU G 275 33.45 -4.36 12.53
C LEU G 275 32.71 -3.56 11.47
N LEU G 276 31.62 -2.89 11.84
CA LEU G 276 30.91 -2.08 10.86
C LEU G 276 31.58 -0.72 10.69
N SER G 277 32.21 -0.21 11.74
CA SER G 277 32.88 1.08 11.64
C SER G 277 34.09 0.97 10.74
N VAL G 278 34.79 -0.17 10.76
CA VAL G 278 35.93 -0.31 9.86
C VAL G 278 35.47 -0.42 8.41
N ILE G 279 34.30 -1.04 8.19
CA ILE G 279 33.74 -1.10 6.84
C ILE G 279 33.39 0.30 6.36
N ASN G 280 32.70 1.06 7.21
CA ASN G 280 32.36 2.43 6.87
C ASN G 280 33.61 3.27 6.62
N LEU G 281 34.65 3.09 7.42
CA LEU G 281 35.88 3.84 7.23
C LEU G 281 36.56 3.48 5.92
N VAL G 282 36.58 2.19 5.56
CA VAL G 282 37.18 1.78 4.30
C VAL G 282 36.42 2.40 3.13
N VAL G 283 35.09 2.28 3.15
CA VAL G 283 34.30 2.84 2.06
C VAL G 283 34.47 4.35 2.00
N TYR G 284 34.62 5.00 3.16
CA TYR G 284 34.72 6.46 3.15
C TYR G 284 36.09 6.92 2.67
N VAL G 285 37.15 6.17 2.97
CA VAL G 285 38.46 6.57 2.47
C VAL G 285 38.62 6.17 1.01
N LEU G 286 37.74 5.29 0.53
CA LEU G 286 37.67 5.08 -0.91
C LEU G 286 36.84 6.17 -1.58
N LEU G 287 35.89 6.74 -0.85
CA LEU G 287 35.00 7.75 -1.42
C LEU G 287 35.66 9.13 -1.43
N ALA G 288 36.51 9.40 -0.45
CA ALA G 288 37.12 10.72 -0.36
C ALA G 288 37.93 11.10 -1.59
N PRO G 289 38.75 10.22 -2.20
CA PRO G 289 39.41 10.62 -3.45
C PRO G 289 38.43 10.94 -4.56
N VAL G 290 37.27 10.27 -4.59
CA VAL G 290 36.26 10.57 -5.60
C VAL G 290 35.74 11.99 -5.41
N VAL G 291 35.48 12.37 -4.16
CA VAL G 291 35.00 13.74 -3.90
C VAL G 291 36.08 14.75 -4.23
N VAL G 292 37.33 14.45 -3.89
CA VAL G 292 38.42 15.37 -4.20
C VAL G 292 38.55 15.57 -5.70
N TYR G 293 38.43 14.48 -6.46
CA TYR G 293 38.47 14.60 -7.92
C TYR G 293 37.29 15.40 -8.44
N THR G 294 36.10 15.16 -7.87
CA THR G 294 34.93 15.93 -8.23
C THR G 294 35.14 17.42 -7.99
N LEU G 295 35.93 17.75 -6.96
CA LEU G 295 36.16 19.15 -6.62
C LEU G 295 36.79 19.93 -7.77
N PHE G 296 37.57 19.25 -8.60
CA PHE G 296 38.23 19.89 -9.73
C PHE G 296 37.31 19.84 -10.94
N VAL G 297 36.35 20.77 -10.96
CA VAL G 297 35.31 20.82 -11.98
C VAL G 297 35.85 21.15 -13.38
N PRO G 298 36.87 22.03 -13.56
CA PRO G 298 37.32 22.29 -14.94
C PRO G 298 37.98 21.08 -15.57
N PHE G 299 38.78 20.37 -14.77
CA PHE G 299 39.47 19.18 -15.27
C PHE G 299 38.49 18.15 -15.79
N ARG G 300 37.31 18.05 -15.17
CA ARG G 300 36.32 17.08 -15.61
C ARG G 300 35.58 17.53 -16.86
N GLN G 301 35.57 18.81 -17.17
CA GLN G 301 34.94 19.28 -18.40
C GLN G 301 35.76 18.80 -19.59
N LYS G 302 35.27 17.77 -20.26
CA LYS G 302 36.00 17.16 -21.36
C LYS G 302 34.99 16.71 -22.40
N THR G 303 35.53 16.30 -23.56
CA THR G 303 34.71 15.87 -24.70
C THR G 303 33.69 16.95 -25.06
N ASP G 304 34.21 18.09 -25.51
CA ASP G 304 33.41 19.30 -25.74
C ASP G 304 32.14 18.97 -26.48
N VAL G 305 31.00 19.15 -25.79
CA VAL G 305 29.72 18.63 -26.27
C VAL G 305 29.19 19.50 -27.40
N LEU G 306 29.42 20.81 -27.32
CA LEU G 306 28.92 21.70 -28.35
C LEU G 306 29.75 21.64 -29.62
N LYS G 307 30.93 21.02 -29.56
CA LYS G 307 31.76 20.89 -30.75
C LYS G 307 31.03 20.14 -31.86
N VAL G 308 30.09 19.27 -31.49
CA VAL G 308 29.34 18.53 -32.50
C VAL G 308 28.36 19.45 -33.22
N TYR G 309 27.96 20.55 -32.62
CA TYR G 309 27.04 21.51 -33.24
C TYR G 309 27.73 22.47 -34.20
N GLU G 310 29.06 22.45 -34.27
CA GLU G 310 29.77 23.44 -35.06
C GLU G 310 29.60 23.19 -36.55
N ILE G 311 28.99 22.06 -36.92
CA ILE G 311 28.85 21.69 -38.32
C ILE G 311 27.52 22.18 -38.86
N LEU G 312 26.84 23.04 -38.11
CA LEU G 312 25.57 23.60 -38.54
C LEU G 312 25.79 25.00 -39.08
N PRO G 313 25.18 25.35 -40.22
CA PRO G 313 25.32 26.72 -40.71
C PRO G 313 24.67 27.75 -39.80
N THR G 314 23.50 27.42 -39.25
CA THR G 314 22.78 28.32 -38.35
C THR G 314 23.44 28.44 -36.99
N PHE G 315 24.59 27.81 -36.80
CA PHE G 315 25.32 27.86 -35.53
C PHE G 315 26.72 28.36 -35.79
N ASP G 316 27.14 29.37 -35.03
CA ASP G 316 28.46 29.94 -35.20
C ASP G 316 29.53 28.91 -34.89
N VAL G 317 30.68 29.04 -35.54
CA VAL G 317 31.77 28.08 -35.35
C VAL G 317 32.60 28.53 -34.15
N LEU G 318 32.15 28.17 -32.95
CA LEU G 318 32.82 28.55 -31.72
C LEU G 318 32.36 27.65 -30.58
N HIS G 319 33.30 26.93 -29.98
CA HIS G 319 32.99 26.20 -28.76
C HIS G 319 32.97 27.14 -27.57
N PHE G 320 34.11 27.77 -27.28
CA PHE G 320 34.23 28.80 -26.24
C PHE G 320 33.72 28.30 -24.89
N LYS G 321 34.18 27.11 -24.50
CA LYS G 321 33.77 26.54 -23.22
C LYS G 321 34.90 25.71 -22.64
N SER G 322 35.72 26.35 -21.80
CA SER G 322 36.85 25.70 -21.14
C SER G 322 37.58 26.66 -20.20
N GLU G 323 38.48 26.11 -19.39
CA GLU G 323 39.51 26.85 -18.65
C GLU G 323 38.95 27.91 -17.70
N GLY G 324 38.24 27.52 -16.65
CA GLY G 324 37.82 28.51 -15.68
C GLY G 324 37.13 27.89 -14.48
N TYR G 325 37.30 28.55 -13.34
CA TYR G 325 36.52 28.29 -12.14
C TYR G 325 35.28 29.16 -12.21
N ASN G 326 34.49 28.97 -13.27
CA ASN G 326 33.31 29.79 -13.53
C ASN G 326 32.15 28.88 -13.88
N ASP G 327 30.94 29.45 -13.82
CA ASP G 327 29.73 28.65 -13.98
C ASP G 327 29.68 27.97 -15.34
N LEU G 328 30.49 28.44 -16.29
CA LEU G 328 30.48 27.84 -17.62
C LEU G 328 30.95 26.39 -17.57
N SER G 329 31.96 26.10 -16.75
CA SER G 329 32.45 24.73 -16.65
C SER G 329 31.41 23.82 -16.01
N LEU G 330 30.72 24.32 -14.99
CA LEU G 330 29.64 23.55 -14.38
C LEU G 330 28.54 23.28 -15.39
N TYR G 331 28.18 24.30 -16.18
CA TYR G 331 27.16 24.10 -17.20
C TYR G 331 27.65 23.12 -18.26
N ASN G 332 28.94 23.12 -18.54
CA ASN G 332 29.49 22.14 -19.47
C ASN G 332 29.32 20.73 -18.95
N LEU G 333 29.59 20.52 -17.65
CA LEU G 333 29.39 19.21 -17.07
C LEU G 333 27.92 18.80 -17.14
N PHE G 334 27.02 19.70 -16.76
CA PHE G 334 25.61 19.34 -16.75
C PHE G 334 25.08 19.12 -18.17
N LEU G 335 25.63 19.84 -19.14
CA LEU G 335 25.28 19.60 -20.54
C LEU G 335 25.79 18.27 -21.01
N GLU G 336 27.04 17.94 -20.66
CA GLU G 336 27.59 16.64 -21.01
C GLU G 336 26.75 15.51 -20.43
N GLU G 337 26.15 15.74 -19.26
CA GLU G 337 25.31 14.71 -18.66
C GLU G 337 23.95 14.63 -19.34
N ASN G 338 23.23 15.74 -19.40
CA ASN G 338 21.83 15.75 -19.85
C ASN G 338 21.69 15.90 -21.36
N ILE G 339 22.79 15.87 -22.11
CA ILE G 339 22.71 16.19 -23.53
C ILE G 339 22.22 14.98 -24.32
N SER G 340 22.30 13.80 -23.73
CA SER G 340 21.83 12.60 -24.43
C SER G 340 20.33 12.63 -24.63
N GLU G 341 19.62 13.39 -23.79
CA GLU G 341 18.18 13.55 -23.98
C GLU G 341 17.87 14.39 -25.22
N VAL G 342 18.84 15.20 -25.66
CA VAL G 342 18.61 16.09 -26.80
C VAL G 342 18.73 15.29 -28.08
N LYS G 343 17.63 15.20 -28.83
CA LYS G 343 17.60 14.41 -30.06
C LYS G 343 18.53 15.02 -31.11
N SER G 344 18.51 16.34 -31.26
CA SER G 344 19.38 16.99 -32.21
C SER G 344 20.84 16.67 -31.92
N TYR G 345 21.23 16.67 -30.64
CA TYR G 345 22.58 16.29 -30.30
C TYR G 345 22.88 14.86 -30.72
N LYS G 346 21.91 13.96 -30.53
CA LYS G 346 22.13 12.56 -30.91
C LYS G 346 22.39 12.43 -32.40
N CYS G 347 21.54 13.05 -33.22
CA CYS G 347 21.74 12.97 -34.67
C CYS G 347 23.04 13.63 -35.10
N LEU G 348 23.36 14.78 -34.50
CA LEU G 348 24.61 15.45 -34.86
C LEU G 348 25.81 14.60 -34.48
N LYS G 349 25.74 13.89 -33.36
CA LYS G 349 26.85 13.02 -32.98
C LYS G 349 26.95 11.82 -33.91
N VAL G 350 25.80 11.32 -34.38
CA VAL G 350 25.83 10.31 -35.42
C VAL G 350 26.59 10.80 -36.64
N LEU G 351 26.25 12.00 -37.13
CA LEU G 351 26.98 12.53 -38.28
C LEU G 351 28.46 12.76 -37.97
N GLU G 352 28.77 13.20 -36.76
CA GLU G 352 30.17 13.48 -36.42
C GLU G 352 30.99 12.20 -36.39
N ASN G 353 30.40 11.11 -35.86
CA ASN G 353 31.10 9.84 -35.83
C ASN G 353 31.30 9.29 -37.23
N ILE G 354 30.29 9.44 -38.10
CA ILE G 354 30.43 9.04 -39.49
C ILE G 354 31.55 9.84 -40.16
N LYS G 355 31.68 11.11 -39.80
CA LYS G 355 32.70 11.98 -40.37
C LYS G 355 34.11 11.49 -40.08
N SER G 356 34.26 10.59 -39.10
CA SER G 356 35.57 10.01 -38.83
C SER G 356 36.09 9.26 -40.05
N SER G 357 35.20 8.53 -40.74
CA SER G 357 35.59 7.90 -42.00
C SER G 357 35.77 8.93 -43.09
N GLY G 358 34.94 9.97 -43.10
CA GLY G 358 35.03 11.03 -44.08
C GLY G 358 34.52 10.65 -45.46
N GLN G 359 33.59 9.70 -45.55
CA GLN G 359 33.12 9.26 -46.87
C GLN G 359 32.33 10.34 -47.57
N GLY G 360 31.23 10.80 -46.98
CA GLY G 360 30.36 11.75 -47.66
C GLY G 360 30.63 13.18 -47.23
N ILE G 361 29.60 13.87 -46.74
CA ILE G 361 29.69 15.27 -46.36
C ILE G 361 28.65 15.57 -45.30
N ASP G 362 28.94 16.55 -44.45
CA ASP G 362 28.08 16.88 -43.31
C ASP G 362 26.71 17.40 -43.75
N PRO G 363 26.63 18.42 -44.61
CA PRO G 363 25.29 18.94 -44.96
C PRO G 363 24.45 17.94 -45.73
N MET G 364 25.06 17.15 -46.61
CA MET G 364 24.32 16.14 -47.34
C MET G 364 23.72 15.10 -46.41
N LEU G 365 24.53 14.56 -45.49
CA LEU G 365 24.03 13.58 -44.54
C LEU G 365 22.99 14.20 -43.61
N LEU G 366 23.14 15.48 -43.29
CA LEU G 366 22.14 16.15 -42.45
C LEU G 366 20.81 16.25 -43.18
N LEU G 367 20.83 16.68 -44.44
CA LEU G 367 19.61 16.72 -45.23
C LEU G 367 19.00 15.34 -45.36
N THR G 368 19.84 14.30 -45.48
CA THR G 368 19.33 12.94 -45.53
C THR G 368 18.64 12.57 -44.22
N ASN G 369 19.25 12.99 -43.12
CA ASN G 369 18.80 12.72 -41.71
C ASN G 369 17.27 12.80 -41.60
N LEU G 370 16.73 14.01 -41.83
CA LEU G 370 15.28 14.33 -41.77
C LEU G 370 14.72 14.01 -40.38
N GLY G 371 15.30 14.64 -39.34
CA GLY G 371 14.85 14.45 -37.95
C GLY G 371 14.69 15.79 -37.25
N MET G 372 13.66 16.54 -37.62
CA MET G 372 13.40 17.88 -37.02
C MET G 372 13.11 17.72 -35.52
N ILE G 373 12.34 16.70 -35.14
CA ILE G 373 11.98 16.45 -33.72
C ILE G 373 11.40 15.03 -33.60
#